data_6GPV
# 
_entry.id   6GPV 
# 
_audit_conform.dict_name       mmcif_pdbx.dic 
_audit_conform.dict_version    5.383 
_audit_conform.dict_location   http://mmcif.pdb.org/dictionaries/ascii/mmcif_pdbx.dic 
# 
loop_
_database_2.database_id 
_database_2.database_code 
_database_2.pdbx_database_accession 
_database_2.pdbx_DOI 
PDB   6GPV         pdb_00006gpv 10.2210/pdb6gpv/pdb 
WWPDB D_1200010385 ?            ?                   
# 
loop_
_pdbx_audit_revision_history.ordinal 
_pdbx_audit_revision_history.data_content_type 
_pdbx_audit_revision_history.major_revision 
_pdbx_audit_revision_history.minor_revision 
_pdbx_audit_revision_history.revision_date 
1 'Structure model' 1 0 2019-02-27 
2 'Structure model' 1 1 2019-03-06 
3 'Structure model' 1 2 2024-01-17 
# 
_pdbx_audit_revision_details.ordinal             1 
_pdbx_audit_revision_details.revision_ordinal    1 
_pdbx_audit_revision_details.data_content_type   'Structure model' 
_pdbx_audit_revision_details.provider            repository 
_pdbx_audit_revision_details.type                'Initial release' 
_pdbx_audit_revision_details.description         ? 
_pdbx_audit_revision_details.details             ? 
# 
loop_
_pdbx_audit_revision_group.ordinal 
_pdbx_audit_revision_group.revision_ordinal 
_pdbx_audit_revision_group.data_content_type 
_pdbx_audit_revision_group.group 
1 2 'Structure model' 'Data collection'        
2 2 'Structure model' 'Database references'    
3 3 'Structure model' 'Data collection'        
4 3 'Structure model' 'Database references'    
5 3 'Structure model' 'Derived calculations'   
6 3 'Structure model' 'Refinement description' 
# 
loop_
_pdbx_audit_revision_category.ordinal 
_pdbx_audit_revision_category.revision_ordinal 
_pdbx_audit_revision_category.data_content_type 
_pdbx_audit_revision_category.category 
1 2 'Structure model' citation                      
2 2 'Structure model' citation_author               
3 2 'Structure model' pdbx_database_proc            
4 3 'Structure model' chem_comp_atom                
5 3 'Structure model' chem_comp_bond                
6 3 'Structure model' database_2                    
7 3 'Structure model' pdbx_initial_refinement_model 
8 3 'Structure model' pdbx_struct_conn_angle        
9 3 'Structure model' struct_conn                   
# 
loop_
_pdbx_audit_revision_item.ordinal 
_pdbx_audit_revision_item.revision_ordinal 
_pdbx_audit_revision_item.data_content_type 
_pdbx_audit_revision_item.item 
1  2 'Structure model' '_citation.journal_volume'                  
2  2 'Structure model' '_citation.page_first'                      
3  2 'Structure model' '_citation.page_last'                       
4  2 'Structure model' '_citation.pdbx_database_id_DOI'            
5  2 'Structure model' '_citation.pdbx_database_id_PubMed'         
6  2 'Structure model' '_citation.title'                           
7  2 'Structure model' '_citation_author.identifier_ORCID'         
8  3 'Structure model' '_database_2.pdbx_DOI'                      
9  3 'Structure model' '_database_2.pdbx_database_accession'       
10 3 'Structure model' '_pdbx_struct_conn_angle.ptnr1_auth_seq_id' 
11 3 'Structure model' '_pdbx_struct_conn_angle.ptnr3_auth_seq_id' 
12 3 'Structure model' '_pdbx_struct_conn_angle.value'             
13 3 'Structure model' '_struct_conn.pdbx_dist_value'              
14 3 'Structure model' '_struct_conn.pdbx_leaving_atom_flag'       
15 3 'Structure model' '_struct_conn.ptnr2_auth_seq_id'            
# 
_pdbx_database_status.status_code                     REL 
_pdbx_database_status.status_code_sf                  REL 
_pdbx_database_status.status_code_mr                  ? 
_pdbx_database_status.entry_id                        6GPV 
_pdbx_database_status.recvd_initial_deposition_date   2018-06-07 
_pdbx_database_status.SG_entry                        N 
_pdbx_database_status.deposit_site                    PDBE 
_pdbx_database_status.process_site                    PDBE 
_pdbx_database_status.status_code_cs                  ? 
_pdbx_database_status.methods_development_category    ? 
_pdbx_database_status.pdb_format_compatible           Y 
_pdbx_database_status.status_code_nmr_data            ? 
# 
loop_
_audit_author.name 
_audit_author.pdbx_ordinal 
_audit_author.identifier_ORCID 
'Lafaye, C.'   1 ?                   
'Signor, L.'   2 ?                   
'Aumonier, S.' 3 ?                   
'Shu, X.'      4 ?                   
'Gotthard, G.' 5 0000-0003-2830-0286 
'Royant, A.'   6 0000-0002-1919-8649 
# 
_citation.abstract                  ? 
_citation.abstract_id_CAS           ? 
_citation.book_id_ISBN              ? 
_citation.book_publisher            ? 
_citation.book_publisher_city       ? 
_citation.book_title                ? 
_citation.coordinate_linkage        ? 
_citation.country                   UK 
_citation.database_id_Medline       ? 
_citation.details                   ? 
_citation.id                        primary 
_citation.journal_abbrev            'Sci Rep' 
_citation.journal_id_ASTM           ? 
_citation.journal_id_CSD            ? 
_citation.journal_id_ISSN           2045-2322 
_citation.journal_full              ? 
_citation.journal_issue             ? 
_citation.journal_volume            9 
_citation.language                  ? 
_citation.page_first                2428 
_citation.page_last                 2428 
_citation.title                     
'Tailing miniSOG: structural bases of the complex photophysics of a flavin-binding singlet oxygen photosensitizing protein.' 
_citation.year                      2019 
_citation.database_id_CSD           ? 
_citation.pdbx_database_id_DOI      10.1038/s41598-019-38955-3 
_citation.pdbx_database_id_PubMed   30787421 
_citation.unpublished_flag          ? 
# 
loop_
_citation_author.citation_id 
_citation_author.name 
_citation_author.ordinal 
_citation_author.identifier_ORCID 
primary 'Torra, J.'    1 0000-0002-7562-6986 
primary 'Lafaye, C.'   2 0000-0001-9898-2265 
primary 'Signor, L.'   3 0000-0003-3880-2466 
primary 'Aumonier, S.' 4 0000-0002-1568-2150 
primary 'Flors, C.'    5 0000-0001-5688-9150 
primary 'Shu, X.'      6 0000-0001-9248-7095 
primary 'Nonell, S.'   7 0000-0002-8900-5291 
primary 'Gotthard, G.' 8 0000-0003-2830-0286 
primary 'Royant, A.'   9 0000-0002-1919-8649 
# 
loop_
_entity.id 
_entity.type 
_entity.src_method 
_entity.pdbx_description 
_entity.formula_weight 
_entity.pdbx_number_of_molecules 
_entity.pdbx_ec 
_entity.pdbx_mutation 
_entity.pdbx_fragment 
_entity.details 
1 polymer     man Phototropin-2           13385.093 1   2.7.11.1 ? ? EFIPNPLLG 
2 non-polymer syn 'FLAVIN MONONUCLEOTIDE' 456.344   1   ?        ? ? ?         
3 non-polymer syn 'MAGNESIUM ION'         24.305    1   ?        ? ? ?         
4 non-polymer syn 'CHLORIDE ION'          35.453    1   ?        ? ? ?         
5 non-polymer syn LUMICHROME              242.233   1   ?        ? ? ?         
6 water       nat water                   18.015    126 ?        ? ? ?         
# 
_entity_name_com.entity_id   1 
_entity_name_com.name        
'Defective in chloroplast avoidance protein 1,Non-phototropic hypocotyl 1-like protein 1,NPH1-like protein 1' 
# 
_entity_poly.entity_id                      1 
_entity_poly.type                           'polypeptide(L)' 
_entity_poly.nstd_linkage                   no 
_entity_poly.nstd_monomer                   yes 
_entity_poly.pdbx_seq_one_letter_code       
;MEKSFVITDPRLPDNPIIFASDGFLELTEYSREEILGRNGRFLQGPETDQATVQKIRDAIRDQREITVQLINYTKSGKKF
(NFK)NLL(HOO)LQPMRDQKGELQYFIGVQLDGEFIPNPLLG
;
_entity_poly.pdbx_seq_one_letter_code_can   
;MEKSFVITDPRLPDNPIIFASDGFLELTEYSREEILGRNGRFLQGPETDQATVQKIRDAIRDQREITVQLINYTKSGKKF
XNLLHLQPMRDQKGELQYFIGVQLDGEFIPNPLLG
;
_entity_poly.pdbx_strand_id                 A 
_entity_poly.pdbx_target_identifier         ? 
# 
loop_
_pdbx_entity_nonpoly.entity_id 
_pdbx_entity_nonpoly.name 
_pdbx_entity_nonpoly.comp_id 
2 'FLAVIN MONONUCLEOTIDE' FMN 
3 'MAGNESIUM ION'         MG  
4 'CHLORIDE ION'          CL  
5 LUMICHROME              LUM 
6 water                   HOH 
# 
loop_
_entity_poly_seq.entity_id 
_entity_poly_seq.num 
_entity_poly_seq.mon_id 
_entity_poly_seq.hetero 
1 1   MET n 
1 2   GLU n 
1 3   LYS n 
1 4   SER n 
1 5   PHE n 
1 6   VAL n 
1 7   ILE n 
1 8   THR n 
1 9   ASP n 
1 10  PRO n 
1 11  ARG n 
1 12  LEU n 
1 13  PRO n 
1 14  ASP n 
1 15  ASN n 
1 16  PRO n 
1 17  ILE n 
1 18  ILE n 
1 19  PHE n 
1 20  ALA n 
1 21  SER n 
1 22  ASP n 
1 23  GLY n 
1 24  PHE n 
1 25  LEU n 
1 26  GLU n 
1 27  LEU n 
1 28  THR n 
1 29  GLU n 
1 30  TYR n 
1 31  SER n 
1 32  ARG n 
1 33  GLU n 
1 34  GLU n 
1 35  ILE n 
1 36  LEU n 
1 37  GLY n 
1 38  ARG n 
1 39  ASN n 
1 40  GLY n 
1 41  ARG n 
1 42  PHE n 
1 43  LEU n 
1 44  GLN n 
1 45  GLY n 
1 46  PRO n 
1 47  GLU n 
1 48  THR n 
1 49  ASP n 
1 50  GLN n 
1 51  ALA n 
1 52  THR n 
1 53  VAL n 
1 54  GLN n 
1 55  LYS n 
1 56  ILE n 
1 57  ARG n 
1 58  ASP n 
1 59  ALA n 
1 60  ILE n 
1 61  ARG n 
1 62  ASP n 
1 63  GLN n 
1 64  ARG n 
1 65  GLU n 
1 66  ILE n 
1 67  THR n 
1 68  VAL n 
1 69  GLN n 
1 70  LEU n 
1 71  ILE n 
1 72  ASN n 
1 73  TYR y 
1 73  F7Q y 
1 74  THR n 
1 75  LYS n 
1 76  SER n 
1 77  GLY n 
1 78  LYS n 
1 79  LYS n 
1 80  PHE n 
1 81  NFK n 
1 82  ASN n 
1 83  LEU n 
1 84  LEU n 
1 85  HOO y 
1 85  OHI y 
1 86  LEU n 
1 87  GLN n 
1 88  PRO n 
1 89  MET n 
1 90  ARG n 
1 91  ASP n 
1 92  GLN n 
1 93  LYS n 
1 94  GLY n 
1 95  GLU n 
1 96  LEU n 
1 97  GLN n 
1 98  TYR n 
1 99  PHE n 
1 100 ILE n 
1 101 GLY n 
1 102 VAL n 
1 103 GLN n 
1 104 LEU n 
1 105 ASP n 
1 106 GLY n 
1 107 GLU n 
1 108 PHE n 
1 109 ILE n 
1 110 PRO n 
1 111 ASN n 
1 112 PRO n 
1 113 LEU n 
1 114 LEU n 
1 115 GLY n 
# 
_entity_src_gen.entity_id                          1 
_entity_src_gen.pdbx_src_id                        1 
_entity_src_gen.pdbx_alt_source_flag               sample 
_entity_src_gen.pdbx_seq_type                      'Biological sequence' 
_entity_src_gen.pdbx_beg_seq_num                   1 
_entity_src_gen.pdbx_end_seq_num                   115 
_entity_src_gen.gene_src_common_name               'Thale cress' 
_entity_src_gen.gene_src_genus                     ? 
_entity_src_gen.pdbx_gene_src_gene                 'PHOT2, CAV1, KIN7, NPL1, At5g58140, K21L19.6' 
_entity_src_gen.gene_src_species                   ? 
_entity_src_gen.gene_src_strain                    ? 
_entity_src_gen.gene_src_tissue                    ? 
_entity_src_gen.gene_src_tissue_fraction           ? 
_entity_src_gen.gene_src_details                   ? 
_entity_src_gen.pdbx_gene_src_fragment             ? 
_entity_src_gen.pdbx_gene_src_scientific_name      'Arabidopsis thaliana' 
_entity_src_gen.pdbx_gene_src_ncbi_taxonomy_id     3702 
_entity_src_gen.pdbx_gene_src_variant              ? 
_entity_src_gen.pdbx_gene_src_cell_line            ? 
_entity_src_gen.pdbx_gene_src_atcc                 ? 
_entity_src_gen.pdbx_gene_src_organ                ? 
_entity_src_gen.pdbx_gene_src_organelle            ? 
_entity_src_gen.pdbx_gene_src_cell                 ? 
_entity_src_gen.pdbx_gene_src_cellular_location    ? 
_entity_src_gen.host_org_common_name               ? 
_entity_src_gen.pdbx_host_org_scientific_name      'Escherichia coli BL21' 
_entity_src_gen.pdbx_host_org_ncbi_taxonomy_id     511693 
_entity_src_gen.host_org_genus                     ? 
_entity_src_gen.pdbx_host_org_gene                 ? 
_entity_src_gen.pdbx_host_org_organ                ? 
_entity_src_gen.host_org_species                   ? 
_entity_src_gen.pdbx_host_org_tissue               ? 
_entity_src_gen.pdbx_host_org_tissue_fraction      ? 
_entity_src_gen.pdbx_host_org_strain               ? 
_entity_src_gen.pdbx_host_org_variant              ? 
_entity_src_gen.pdbx_host_org_cell_line            ? 
_entity_src_gen.pdbx_host_org_atcc                 ? 
_entity_src_gen.pdbx_host_org_culture_collection   ? 
_entity_src_gen.pdbx_host_org_cell                 ? 
_entity_src_gen.pdbx_host_org_organelle            ? 
_entity_src_gen.pdbx_host_org_cellular_location    ? 
_entity_src_gen.pdbx_host_org_vector_type          ? 
_entity_src_gen.pdbx_host_org_vector               ? 
_entity_src_gen.host_org_details                   ? 
_entity_src_gen.expression_system_id               ? 
_entity_src_gen.plasmid_name                       ? 
_entity_src_gen.plasmid_details                    ? 
_entity_src_gen.pdbx_description                   ? 
# 
loop_
_chem_comp.id 
_chem_comp.type 
_chem_comp.mon_nstd_flag 
_chem_comp.name 
_chem_comp.pdbx_synonyms 
_chem_comp.formula 
_chem_comp.formula_weight 
ALA 'L-peptide linking' y ALANINE                                                                                     ? 
'C3 H7 N O2'      89.093  
ARG 'L-peptide linking' y ARGININE                                                                                    ? 
'C6 H15 N4 O2 1'  175.209 
ASN 'L-peptide linking' y ASPARAGINE                                                                                  ? 
'C4 H8 N2 O3'     132.118 
ASP 'L-peptide linking' y 'ASPARTIC ACID'                                                                             ? 
'C4 H7 N O4'      133.103 
CL  non-polymer         . 'CHLORIDE ION'                                                                              ? 'Cl -1' 
35.453  
CYS 'L-peptide linking' y CYSTEINE                                                                                    ? 
'C3 H7 N O2 S'    121.158 
F7Q 'L-peptide linking' n '(2~{S})-2-azanyl-3-[1-(dioxidanyl)-4-oxidanylidene-cyclohexa-2,5-dien-1-yl]propanoic acid' ? 
'C9 H11 N O5'     213.187 
FMN non-polymer         . 'FLAVIN MONONUCLEOTIDE'                                                                     
'RIBOFLAVIN MONOPHOSPHATE'                                  'C17 H21 N4 O9 P' 456.344 
GLN 'L-peptide linking' y GLUTAMINE                                                                                   ? 
'C5 H10 N2 O3'    146.144 
GLU 'L-peptide linking' y 'GLUTAMIC ACID'                                                                             ? 
'C5 H9 N O4'      147.129 
GLY 'peptide linking'   y GLYCINE                                                                                     ? 
'C2 H5 N O2'      75.067  
HIS 'L-peptide linking' y HISTIDINE                                                                                   ? 
'C6 H10 N3 O2 1'  156.162 
HOH non-polymer         . WATER                                                                                       ? 'H2 O' 
18.015  
HOO 'L-peptide linking' n '(2~{S})-2-azanyl-3-[2,5-bis(oxidanylidene)imidazol-4-yl]propanoic acid'                    ? 
'C6 H7 N3 O4'     185.137 
ILE 'L-peptide linking' y ISOLEUCINE                                                                                  ? 
'C6 H13 N O2'     131.173 
LEU 'L-peptide linking' y LEUCINE                                                                                     ? 
'C6 H13 N O2'     131.173 
LUM non-polymer         . LUMICHROME                                                                                  
'7,8-DIMETHYLALLOXAZINE; 6,7-DIMETHYLALLOXAZINE'            'C12 H10 N4 O2'   242.233 
LYS 'L-peptide linking' y LYSINE                                                                                      ? 
'C6 H15 N2 O2 1'  147.195 
MET 'L-peptide linking' y METHIONINE                                                                                  ? 
'C5 H11 N O2 S'   149.211 
MG  non-polymer         . 'MAGNESIUM ION'                                                                             ? 'Mg 2' 
24.305  
NFK non-polymer         . "N'-Formylkynurenine"                                                                       
'(2S)-2-amino-4-[2-(formylamino)phenyl]-4-oxobutanoic acid' 'C11 H12 N2 O4'   236.224 
OHI 'L-peptide linking' n '3-(2-OXO-2H-IMIDAZOL-4-YL)-L-ALANINE'                                                      ? 
'C6 H7 N3 O3'     169.138 
PHE 'L-peptide linking' y PHENYLALANINE                                                                               ? 
'C9 H11 N O2'     165.189 
PRO 'L-peptide linking' y PROLINE                                                                                     ? 
'C5 H9 N O2'      115.130 
SER 'L-peptide linking' y SERINE                                                                                      ? 
'C3 H7 N O3'      105.093 
THR 'L-peptide linking' y THREONINE                                                                                   ? 
'C4 H9 N O3'      119.119 
TYR 'L-peptide linking' y TYROSINE                                                                                    ? 
'C9 H11 N O3'     181.189 
VAL 'L-peptide linking' y VALINE                                                                                      ? 
'C5 H11 N O2'     117.146 
# 
loop_
_pdbx_poly_seq_scheme.asym_id 
_pdbx_poly_seq_scheme.entity_id 
_pdbx_poly_seq_scheme.seq_id 
_pdbx_poly_seq_scheme.mon_id 
_pdbx_poly_seq_scheme.ndb_seq_num 
_pdbx_poly_seq_scheme.pdb_seq_num 
_pdbx_poly_seq_scheme.auth_seq_num 
_pdbx_poly_seq_scheme.pdb_mon_id 
_pdbx_poly_seq_scheme.auth_mon_id 
_pdbx_poly_seq_scheme.pdb_strand_id 
_pdbx_poly_seq_scheme.pdb_ins_code 
_pdbx_poly_seq_scheme.hetero 
A 1 1   MET 1   1   1   MET MET A . n 
A 1 2   GLU 2   2   2   GLU GLU A . n 
A 1 3   LYS 3   3   3   LYS LYS A . n 
A 1 4   SER 4   4   4   SER SER A . n 
A 1 5   PHE 5   5   5   PHE PHE A . n 
A 1 6   VAL 6   6   6   VAL VAL A . n 
A 1 7   ILE 7   7   7   ILE ILE A . n 
A 1 8   THR 8   8   8   THR THR A . n 
A 1 9   ASP 9   9   9   ASP ASP A . n 
A 1 10  PRO 10  10  10  PRO PRO A . n 
A 1 11  ARG 11  11  11  ARG ARG A . n 
A 1 12  LEU 12  12  12  LEU LEU A . n 
A 1 13  PRO 13  13  13  PRO PRO A . n 
A 1 14  ASP 14  14  14  ASP ASP A . n 
A 1 15  ASN 15  15  15  ASN ASN A . n 
A 1 16  PRO 16  16  16  PRO PRO A . n 
A 1 17  ILE 17  17  17  ILE ILE A . n 
A 1 18  ILE 18  18  18  ILE ILE A . n 
A 1 19  PHE 19  19  19  PHE PHE A . n 
A 1 20  ALA 20  20  20  ALA ALA A . n 
A 1 21  SER 21  21  21  SER SER A . n 
A 1 22  ASP 22  22  22  ASP ASP A . n 
A 1 23  GLY 23  23  23  GLY GLY A . n 
A 1 24  PHE 24  24  24  PHE PHE A . n 
A 1 25  LEU 25  25  25  LEU LEU A . n 
A 1 26  GLU 26  26  26  GLU GLU A . n 
A 1 27  LEU 27  27  27  LEU LEU A . n 
A 1 28  THR 28  28  28  THR THR A . n 
A 1 29  GLU 29  29  29  GLU GLU A . n 
A 1 30  TYR 30  30  30  TYR TYR A . n 
A 1 31  SER 31  31  31  SER SER A . n 
A 1 32  ARG 32  32  32  ARG ARG A . n 
A 1 33  GLU 33  33  33  GLU GLU A . n 
A 1 34  GLU 34  34  34  GLU GLU A . n 
A 1 35  ILE 35  35  35  ILE ILE A . n 
A 1 36  LEU 36  36  36  LEU LEU A . n 
A 1 37  GLY 37  37  37  GLY GLY A . n 
A 1 38  ARG 38  38  38  ARG ARG A . n 
A 1 39  ASN 39  39  39  ASN ASN A . n 
A 1 40  GLY 40  40  40  GLY GLY A . n 
A 1 41  ARG 41  41  41  ARG ARG A . n 
A 1 42  PHE 42  42  42  PHE PHE A . n 
A 1 43  LEU 43  43  43  LEU LEU A . n 
A 1 44  GLN 44  44  44  GLN GLN A . n 
A 1 45  GLY 45  45  45  GLY GLY A . n 
A 1 46  PRO 46  46  46  PRO PRO A . n 
A 1 47  GLU 47  47  47  GLU GLU A . n 
A 1 48  THR 48  48  48  THR THR A . n 
A 1 49  ASP 49  49  49  ASP ASP A . n 
A 1 50  GLN 50  50  50  GLN GLN A . n 
A 1 51  ALA 51  51  51  ALA ALA A . n 
A 1 52  THR 52  52  52  THR THR A . n 
A 1 53  VAL 53  53  53  VAL VAL A . n 
A 1 54  GLN 54  54  54  GLN GLN A . n 
A 1 55  LYS 55  55  55  LYS LYS A . n 
A 1 56  ILE 56  56  56  ILE ILE A . n 
A 1 57  ARG 57  57  57  ARG ARG A . n 
A 1 58  ASP 58  58  58  ASP ASP A . n 
A 1 59  ALA 59  59  59  ALA ALA A . n 
A 1 60  ILE 60  60  60  ILE ILE A . n 
A 1 61  ARG 61  61  61  ARG ARG A . n 
A 1 62  ASP 62  62  62  ASP ASP A . n 
A 1 63  GLN 63  63  63  GLN GLN A . n 
A 1 64  ARG 64  64  64  ARG ARG A . n 
A 1 65  GLU 65  65  65  GLU GLU A . n 
A 1 66  ILE 66  66  66  ILE ILE A . n 
A 1 67  THR 67  67  67  THR THR A . n 
A 1 68  VAL 68  68  68  VAL VAL A . n 
A 1 69  GLN 69  69  69  GLN GLN A . n 
A 1 70  LEU 70  70  70  LEU LEU A . n 
A 1 71  ILE 71  71  71  ILE ILE A . n 
A 1 72  ASN 72  72  72  ASN ASN A . n 
A 1 73  TYR 73  73  73  TYR TYR A . y 
A 1 73  F7Q 73  73  73  F7Q F7Q A . y 
A 1 74  THR 74  74  74  THR THR A . n 
A 1 75  LYS 75  75  75  LYS LYS A . n 
A 1 76  SER 76  76  76  SER SER A . n 
A 1 77  GLY 77  77  77  GLY GLY A . n 
A 1 78  LYS 78  78  78  LYS LYS A . n 
A 1 79  LYS 79  79  79  LYS LYS A . n 
A 1 80  PHE 80  80  80  PHE PHE A . n 
A 1 81  NFK 81  81  81  NFK NFK A . n 
A 1 82  ASN 82  82  82  ASN ASN A . n 
A 1 83  LEU 83  83  83  LEU LEU A . n 
A 1 84  LEU 84  84  84  LEU LEU A . n 
A 1 85  HOO 85  85  85  HOO HOO A . y 
A 1 85  OHI 85  85  85  OHI OHI A . y 
A 1 86  LEU 86  86  86  LEU LEU A . n 
A 1 87  GLN 87  87  87  GLN GLN A . n 
A 1 88  PRO 88  88  88  PRO PRO A . n 
A 1 89  MET 89  89  89  MET MET A . n 
A 1 90  ARG 90  90  90  ARG ARG A . n 
A 1 91  ASP 91  91  91  ASP ASP A . n 
A 1 92  GLN 92  92  92  GLN GLN A . n 
A 1 93  LYS 93  93  93  LYS LYS A . n 
A 1 94  GLY 94  94  94  GLY GLY A . n 
A 1 95  GLU 95  95  95  GLU GLU A . n 
A 1 96  LEU 96  96  96  LEU LEU A . n 
A 1 97  GLN 97  97  97  GLN GLN A . n 
A 1 98  TYR 98  98  98  TYR TYR A . n 
A 1 99  PHE 99  99  99  PHE PHE A . n 
A 1 100 ILE 100 100 100 ILE ILE A . n 
A 1 101 GLY 101 101 101 GLY GLY A . n 
A 1 102 VAL 102 102 102 VAL VAL A . n 
A 1 103 GLN 103 103 103 GLN GLN A . n 
A 1 104 LEU 104 104 104 LEU LEU A . n 
A 1 105 ASP 105 105 105 ASP ASP A . n 
A 1 106 GLY 106 106 106 GLY GLY A . n 
A 1 107 GLU 107 107 107 GLU GLU A . n 
A 1 108 PHE 108 108 108 PHE PHE A . n 
A 1 109 ILE 109 109 109 ILE ILE A . n 
A 1 110 PRO 110 110 ?   ?   ?   A . n 
A 1 111 ASN 111 111 ?   ?   ?   A . n 
A 1 112 PRO 112 112 ?   ?   ?   A . n 
A 1 113 LEU 113 113 ?   ?   ?   A . n 
A 1 114 LEU 114 114 ?   ?   ?   A . n 
A 1 115 GLY 115 115 ?   ?   ?   A . n 
# 
loop_
_pdbx_nonpoly_scheme.asym_id 
_pdbx_nonpoly_scheme.entity_id 
_pdbx_nonpoly_scheme.mon_id 
_pdbx_nonpoly_scheme.ndb_seq_num 
_pdbx_nonpoly_scheme.pdb_seq_num 
_pdbx_nonpoly_scheme.auth_seq_num 
_pdbx_nonpoly_scheme.pdb_mon_id 
_pdbx_nonpoly_scheme.auth_mon_id 
_pdbx_nonpoly_scheme.pdb_strand_id 
_pdbx_nonpoly_scheme.pdb_ins_code 
B 2 FMN 1   1001 1001 FMN FMN A . 
C 3 MG  1   1002 1    MG  MG  A . 
D 4 CL  1   1003 1002 CL  CL  A . 
E 5 LUM 1   1004 1    LUM LUM A . 
F 6 HOH 1   1101 123  HOH HOH A . 
F 6 HOH 2   1102 55   HOH HOH A . 
F 6 HOH 3   1103 120  HOH HOH A . 
F 6 HOH 4   1104 25   HOH HOH A . 
F 6 HOH 5   1105 38   HOH HOH A . 
F 6 HOH 6   1106 40   HOH HOH A . 
F 6 HOH 7   1107 78   HOH HOH A . 
F 6 HOH 8   1108 61   HOH HOH A . 
F 6 HOH 9   1109 107  HOH HOH A . 
F 6 HOH 10  1110 98   HOH HOH A . 
F 6 HOH 11  1111 114  HOH HOH A . 
F 6 HOH 12  1112 125  HOH HOH A . 
F 6 HOH 13  1113 124  HOH HOH A . 
F 6 HOH 14  1114 17   HOH HOH A . 
F 6 HOH 15  1115 70   HOH HOH A . 
F 6 HOH 16  1116 6    HOH HOH A . 
F 6 HOH 17  1117 100  HOH HOH A . 
F 6 HOH 18  1118 69   HOH HOH A . 
F 6 HOH 19  1119 33   HOH HOH A . 
F 6 HOH 20  1120 44   HOH HOH A . 
F 6 HOH 21  1121 109  HOH HOH A . 
F 6 HOH 22  1122 116  HOH HOH A . 
F 6 HOH 23  1123 64   HOH HOH A . 
F 6 HOH 24  1124 46   HOH HOH A . 
F 6 HOH 25  1125 14   HOH HOH A . 
F 6 HOH 26  1126 26   HOH HOH A . 
F 6 HOH 27  1127 22   HOH HOH A . 
F 6 HOH 28  1128 126  HOH HOH A . 
F 6 HOH 29  1129 21   HOH HOH A . 
F 6 HOH 30  1130 54   HOH HOH A . 
F 6 HOH 31  1131 73   HOH HOH A . 
F 6 HOH 32  1132 92   HOH HOH A . 
F 6 HOH 33  1133 8    HOH HOH A . 
F 6 HOH 34  1134 5    HOH HOH A . 
F 6 HOH 35  1135 18   HOH HOH A . 
F 6 HOH 36  1136 30   HOH HOH A . 
F 6 HOH 37  1137 67   HOH HOH A . 
F 6 HOH 38  1138 96   HOH HOH A . 
F 6 HOH 39  1139 19   HOH HOH A . 
F 6 HOH 40  1140 20   HOH HOH A . 
F 6 HOH 41  1141 117  HOH HOH A . 
F 6 HOH 42  1142 52   HOH HOH A . 
F 6 HOH 43  1143 122  HOH HOH A . 
F 6 HOH 44  1144 62   HOH HOH A . 
F 6 HOH 45  1145 4    HOH HOH A . 
F 6 HOH 46  1146 71   HOH HOH A . 
F 6 HOH 47  1147 59   HOH HOH A . 
F 6 HOH 48  1148 95   HOH HOH A . 
F 6 HOH 49  1149 84   HOH HOH A . 
F 6 HOH 50  1150 9    HOH HOH A . 
F 6 HOH 51  1151 29   HOH HOH A . 
F 6 HOH 52  1152 90   HOH HOH A . 
F 6 HOH 53  1153 103  HOH HOH A . 
F 6 HOH 54  1154 10   HOH HOH A . 
F 6 HOH 55  1155 51   HOH HOH A . 
F 6 HOH 56  1156 93   HOH HOH A . 
F 6 HOH 57  1157 45   HOH HOH A . 
F 6 HOH 58  1158 68   HOH HOH A . 
F 6 HOH 59  1159 1    HOH HOH A . 
F 6 HOH 60  1160 108  HOH HOH A . 
F 6 HOH 61  1161 57   HOH HOH A . 
F 6 HOH 62  1162 104  HOH HOH A . 
F 6 HOH 63  1163 43   HOH HOH A . 
F 6 HOH 64  1164 24   HOH HOH A . 
F 6 HOH 65  1165 36   HOH HOH A . 
F 6 HOH 66  1166 41   HOH HOH A . 
F 6 HOH 67  1167 15   HOH HOH A . 
F 6 HOH 68  1168 49   HOH HOH A . 
F 6 HOH 69  1169 3    HOH HOH A . 
F 6 HOH 70  1170 106  HOH HOH A . 
F 6 HOH 71  1171 7    HOH HOH A . 
F 6 HOH 72  1172 53   HOH HOH A . 
F 6 HOH 73  1173 11   HOH HOH A . 
F 6 HOH 74  1174 85   HOH HOH A . 
F 6 HOH 75  1175 115  HOH HOH A . 
F 6 HOH 76  1176 60   HOH HOH A . 
F 6 HOH 77  1177 12   HOH HOH A . 
F 6 HOH 78  1178 37   HOH HOH A . 
F 6 HOH 79  1179 112  HOH HOH A . 
F 6 HOH 80  1180 47   HOH HOH A . 
F 6 HOH 81  1181 119  HOH HOH A . 
F 6 HOH 82  1182 58   HOH HOH A . 
F 6 HOH 83  1183 74   HOH HOH A . 
F 6 HOH 84  1184 48   HOH HOH A . 
F 6 HOH 85  1185 65   HOH HOH A . 
F 6 HOH 86  1186 31   HOH HOH A . 
F 6 HOH 87  1187 2    HOH HOH A . 
F 6 HOH 88  1188 13   HOH HOH A . 
F 6 HOH 89  1189 102  HOH HOH A . 
F 6 HOH 90  1190 34   HOH HOH A . 
F 6 HOH 91  1191 99   HOH HOH A . 
F 6 HOH 92  1192 28   HOH HOH A . 
F 6 HOH 93  1193 77   HOH HOH A . 
F 6 HOH 94  1194 42   HOH HOH A . 
F 6 HOH 95  1195 66   HOH HOH A . 
F 6 HOH 96  1196 39   HOH HOH A . 
F 6 HOH 97  1197 88   HOH HOH A . 
F 6 HOH 98  1198 97   HOH HOH A . 
F 6 HOH 99  1199 105  HOH HOH A . 
F 6 HOH 100 1200 23   HOH HOH A . 
F 6 HOH 101 1201 16   HOH HOH A . 
F 6 HOH 102 1202 89   HOH HOH A . 
F 6 HOH 103 1203 82   HOH HOH A . 
F 6 HOH 104 1204 63   HOH HOH A . 
F 6 HOH 105 1205 111  HOH HOH A . 
F 6 HOH 106 1206 72   HOH HOH A . 
F 6 HOH 107 1207 50   HOH HOH A . 
F 6 HOH 108 1208 35   HOH HOH A . 
F 6 HOH 109 1209 87   HOH HOH A . 
F 6 HOH 110 1210 80   HOH HOH A . 
F 6 HOH 111 1211 56   HOH HOH A . 
F 6 HOH 112 1212 27   HOH HOH A . 
F 6 HOH 113 1213 81   HOH HOH A . 
F 6 HOH 114 1214 110  HOH HOH A . 
F 6 HOH 115 1215 118  HOH HOH A . 
F 6 HOH 116 1216 32   HOH HOH A . 
F 6 HOH 117 1217 86   HOH HOH A . 
F 6 HOH 118 1218 79   HOH HOH A . 
F 6 HOH 119 1219 113  HOH HOH A . 
F 6 HOH 120 1220 101  HOH HOH A . 
F 6 HOH 121 1221 83   HOH HOH A . 
F 6 HOH 122 1222 121  HOH HOH A . 
F 6 HOH 123 1223 75   HOH HOH A . 
F 6 HOH 124 1224 76   HOH HOH A . 
F 6 HOH 125 1225 91   HOH HOH A . 
F 6 HOH 126 1226 94   HOH HOH A . 
# 
loop_
_pdbx_unobs_or_zero_occ_atoms.id 
_pdbx_unobs_or_zero_occ_atoms.PDB_model_num 
_pdbx_unobs_or_zero_occ_atoms.polymer_flag 
_pdbx_unobs_or_zero_occ_atoms.occupancy_flag 
_pdbx_unobs_or_zero_occ_atoms.auth_asym_id 
_pdbx_unobs_or_zero_occ_atoms.auth_comp_id 
_pdbx_unobs_or_zero_occ_atoms.auth_seq_id 
_pdbx_unobs_or_zero_occ_atoms.PDB_ins_code 
_pdbx_unobs_or_zero_occ_atoms.auth_atom_id 
_pdbx_unobs_or_zero_occ_atoms.label_alt_id 
_pdbx_unobs_or_zero_occ_atoms.label_asym_id 
_pdbx_unobs_or_zero_occ_atoms.label_comp_id 
_pdbx_unobs_or_zero_occ_atoms.label_seq_id 
_pdbx_unobs_or_zero_occ_atoms.label_atom_id 
1  1 Y 1 A LYS 3  ? CD  ? A LYS 3  CD  
2  1 Y 1 A LYS 3  ? CE  ? A LYS 3  CE  
3  1 Y 1 A LYS 3  ? NZ  ? A LYS 3  NZ  
4  1 Y 1 A GLU 33 ? CD  ? A GLU 33 CD  
5  1 Y 1 A GLU 33 ? OE1 ? A GLU 33 OE1 
6  1 Y 1 A GLU 33 ? OE2 ? A GLU 33 OE2 
7  1 Y 1 A GLU 65 ? CD  ? A GLU 65 CD  
8  1 Y 1 A GLU 65 ? OE1 ? A GLU 65 OE1 
9  1 Y 1 A GLU 65 ? OE2 ? A GLU 65 OE2 
10 1 Y 1 A GLN 92 ? CG  ? A GLN 92 CG  
11 1 Y 1 A GLN 92 ? CD  ? A GLN 92 CD  
12 1 Y 1 A GLN 92 ? OE1 ? A GLN 92 OE1 
13 1 Y 1 A GLN 92 ? NE2 ? A GLN 92 NE2 
# 
loop_
_software.citation_id 
_software.classification 
_software.compiler_name 
_software.compiler_version 
_software.contact_author 
_software.contact_author_email 
_software.date 
_software.description 
_software.dependencies 
_software.hardware 
_software.language 
_software.location 
_software.mods 
_software.name 
_software.os 
_software.os_version 
_software.type 
_software.version 
_software.pdbx_ordinal 
? 'data reduction' ? ? ? ? ? ? ? ? ? ? ? XDS    ? ? ? .        1 
? phasing          ? ? ? ? ? ? ? ? ? ? ? PHASER ? ? ? .        2 
? refinement       ? ? ? ? ? ? ? ? ? ? ? REFMAC ? ? ? 5.8.0218 3 
? 'model building' ? ? ? ? ? ? ? ? ? ? ? Coot   ? ? ? .        4 
# 
_cell.angle_alpha                  90.00 
_cell.angle_alpha_esd              ? 
_cell.angle_beta                   90.00 
_cell.angle_beta_esd               ? 
_cell.angle_gamma                  90.00 
_cell.angle_gamma_esd              ? 
_cell.entry_id                     6GPV 
_cell.details                      ? 
_cell.formula_units_Z              ? 
_cell.length_a                     40.500 
_cell.length_a_esd                 ? 
_cell.length_b                     40.500 
_cell.length_b_esd                 ? 
_cell.length_c                     133.760 
_cell.length_c_esd                 ? 
_cell.volume                       ? 
_cell.volume_esd                   ? 
_cell.Z_PDB                        8 
_cell.reciprocal_angle_alpha       ? 
_cell.reciprocal_angle_beta        ? 
_cell.reciprocal_angle_gamma       ? 
_cell.reciprocal_angle_alpha_esd   ? 
_cell.reciprocal_angle_beta_esd    ? 
_cell.reciprocal_angle_gamma_esd   ? 
_cell.reciprocal_length_a          ? 
_cell.reciprocal_length_b          ? 
_cell.reciprocal_length_c          ? 
_cell.reciprocal_length_a_esd      ? 
_cell.reciprocal_length_b_esd      ? 
_cell.reciprocal_length_c_esd      ? 
_cell.pdbx_unique_axis             ? 
# 
_symmetry.entry_id                         6GPV 
_symmetry.cell_setting                     ? 
_symmetry.Int_Tables_number                96 
_symmetry.space_group_name_Hall            ? 
_symmetry.space_group_name_H-M             'P 43 21 2' 
_symmetry.pdbx_full_space_group_name_H-M   ? 
# 
_exptl.absorpt_coefficient_mu     ? 
_exptl.absorpt_correction_T_max   ? 
_exptl.absorpt_correction_T_min   ? 
_exptl.absorpt_correction_type    ? 
_exptl.absorpt_process_details    ? 
_exptl.entry_id                   6GPV 
_exptl.crystals_number            1 
_exptl.details                    ? 
_exptl.method                     'X-RAY DIFFRACTION' 
_exptl.method_details             ? 
# 
_exptl_crystal.colour                      ? 
_exptl_crystal.density_diffrn              ? 
_exptl_crystal.density_Matthews            2.05 
_exptl_crystal.density_method              ? 
_exptl_crystal.density_percent_sol         39.97 
_exptl_crystal.description                 ? 
_exptl_crystal.F_000                       ? 
_exptl_crystal.id                          1 
_exptl_crystal.preparation                 ? 
_exptl_crystal.size_max                    ? 
_exptl_crystal.size_mid                    ? 
_exptl_crystal.size_min                    ? 
_exptl_crystal.size_rad                    ? 
_exptl_crystal.colour_lustre               ? 
_exptl_crystal.colour_modifier             ? 
_exptl_crystal.colour_primary              ? 
_exptl_crystal.density_meas                ? 
_exptl_crystal.density_meas_esd            ? 
_exptl_crystal.density_meas_gt             ? 
_exptl_crystal.density_meas_lt             ? 
_exptl_crystal.density_meas_temp           ? 
_exptl_crystal.density_meas_temp_esd       ? 
_exptl_crystal.density_meas_temp_gt        ? 
_exptl_crystal.density_meas_temp_lt        ? 
_exptl_crystal.pdbx_crystal_image_url      ? 
_exptl_crystal.pdbx_crystal_image_format   ? 
_exptl_crystal.pdbx_mosaicity              ? 
_exptl_crystal.pdbx_mosaicity_esd          ? 
# 
_exptl_crystal_grow.apparatus       ? 
_exptl_crystal_grow.atmosphere      ? 
_exptl_crystal_grow.crystal_id      1 
_exptl_crystal_grow.details         ? 
_exptl_crystal_grow.method          'VAPOR DIFFUSION, HANGING DROP' 
_exptl_crystal_grow.method_ref      ? 
_exptl_crystal_grow.pH              8.0 
_exptl_crystal_grow.pressure        ? 
_exptl_crystal_grow.pressure_esd    ? 
_exptl_crystal_grow.seeding         ? 
_exptl_crystal_grow.seeding_ref     ? 
_exptl_crystal_grow.temp            293 
_exptl_crystal_grow.temp_details    ? 
_exptl_crystal_grow.temp_esd        ? 
_exptl_crystal_grow.time            ? 
_exptl_crystal_grow.pdbx_details    '100 mM Tris-Hcl pH 8.0, 20 mM MgCl2, 28% PEG 4000, 0 or 15 mM CoCl2' 
_exptl_crystal_grow.pdbx_pH_range   ? 
# 
_diffrn.ambient_environment    ? 
_diffrn.ambient_temp           100 
_diffrn.ambient_temp_details   ? 
_diffrn.ambient_temp_esd       ? 
_diffrn.crystal_id             1 
_diffrn.crystal_support        ? 
_diffrn.crystal_treatment      ? 
_diffrn.details                ? 
_diffrn.id                     1 
_diffrn.ambient_pressure       ? 
_diffrn.ambient_pressure_esd   ? 
_diffrn.ambient_pressure_gt    ? 
_diffrn.ambient_pressure_lt    ? 
_diffrn.ambient_temp_gt        ? 
_diffrn.ambient_temp_lt        ? 
# 
_diffrn_detector.details                      ? 
_diffrn_detector.detector                     PIXEL 
_diffrn_detector.diffrn_id                    1 
_diffrn_detector.type                         'DECTRIS PILATUS 6M-F' 
_diffrn_detector.area_resol_mean              ? 
_diffrn_detector.dtime                        ? 
_diffrn_detector.pdbx_frames_total            ? 
_diffrn_detector.pdbx_collection_time_total   ? 
_diffrn_detector.pdbx_collection_date         2014-04-23 
# 
_diffrn_radiation.collimation                      ? 
_diffrn_radiation.diffrn_id                        1 
_diffrn_radiation.filter_edge                      ? 
_diffrn_radiation.inhomogeneity                    ? 
_diffrn_radiation.monochromator                    'Si(311)' 
_diffrn_radiation.polarisn_norm                    ? 
_diffrn_radiation.polarisn_ratio                   ? 
_diffrn_radiation.probe                            ? 
_diffrn_radiation.type                             ? 
_diffrn_radiation.xray_symbol                      ? 
_diffrn_radiation.wavelength_id                    1 
_diffrn_radiation.pdbx_monochromatic_or_laue_m_l   M 
_diffrn_radiation.pdbx_wavelength_list             ? 
_diffrn_radiation.pdbx_wavelength                  ? 
_diffrn_radiation.pdbx_diffrn_protocol             'SINGLE WAVELENGTH' 
_diffrn_radiation.pdbx_analyzer                    ? 
_diffrn_radiation.pdbx_scattering_type             x-ray 
# 
_diffrn_radiation_wavelength.id           1 
_diffrn_radiation_wavelength.wavelength   0.9763 
_diffrn_radiation_wavelength.wt           1.0 
# 
_diffrn_source.current                     ? 
_diffrn_source.details                     ? 
_diffrn_source.diffrn_id                   1 
_diffrn_source.power                       ? 
_diffrn_source.size                        ? 
_diffrn_source.source                      SYNCHROTRON 
_diffrn_source.target                      ? 
_diffrn_source.type                        'ESRF BEAMLINE ID29' 
_diffrn_source.voltage                     ? 
_diffrn_source.take-off_angle              ? 
_diffrn_source.pdbx_wavelength_list        0.9763 
_diffrn_source.pdbx_wavelength             ? 
_diffrn_source.pdbx_synchrotron_beamline   ID29 
_diffrn_source.pdbx_synchrotron_site       ESRF 
# 
_reflns.B_iso_Wilson_estimate            ? 
_reflns.entry_id                         6GPV 
_reflns.data_reduction_details           ? 
_reflns.data_reduction_method            ? 
_reflns.d_resolution_high                2.0 
_reflns.d_resolution_low                 80.0 
_reflns.details                          ? 
_reflns.limit_h_max                      ? 
_reflns.limit_h_min                      ? 
_reflns.limit_k_max                      ? 
_reflns.limit_k_min                      ? 
_reflns.limit_l_max                      ? 
_reflns.limit_l_min                      ? 
_reflns.number_all                       ? 
_reflns.number_obs                       8116 
_reflns.observed_criterion               ? 
_reflns.observed_criterion_F_max         ? 
_reflns.observed_criterion_F_min         ? 
_reflns.observed_criterion_I_max         ? 
_reflns.observed_criterion_I_min         ? 
_reflns.observed_criterion_sigma_F       ? 
_reflns.observed_criterion_sigma_I       ? 
_reflns.percent_possible_obs             99.8 
_reflns.R_free_details                   ? 
_reflns.Rmerge_F_all                     ? 
_reflns.Rmerge_F_obs                     ? 
_reflns.Friedel_coverage                 ? 
_reflns.number_gt                        ? 
_reflns.threshold_expression             ? 
_reflns.pdbx_redundancy                  8.2 
_reflns.pdbx_Rmerge_I_obs                ? 
_reflns.pdbx_Rmerge_I_all                ? 
_reflns.pdbx_Rsym_value                  ? 
_reflns.pdbx_netI_over_av_sigmaI         ? 
_reflns.pdbx_netI_over_sigmaI            12.7 
_reflns.pdbx_res_netI_over_av_sigmaI_2   ? 
_reflns.pdbx_res_netI_over_sigmaI_2      ? 
_reflns.pdbx_chi_squared                 ? 
_reflns.pdbx_scaling_rejects             ? 
_reflns.pdbx_d_res_high_opt              ? 
_reflns.pdbx_d_res_low_opt               ? 
_reflns.pdbx_d_res_opt_method            ? 
_reflns.phase_calculation_details        ? 
_reflns.pdbx_Rrim_I_all                  0.176 
_reflns.pdbx_Rpim_I_all                  ? 
_reflns.pdbx_d_opt                       ? 
_reflns.pdbx_number_measured_all         ? 
_reflns.pdbx_diffrn_id                   1 
_reflns.pdbx_ordinal                     1 
_reflns.pdbx_CC_half                     0.997 
_reflns.pdbx_R_split                     ? 
# 
_reflns_shell.d_res_high                  2.0 
_reflns_shell.d_res_low                   2.1 
_reflns_shell.meanI_over_sigI_all         ? 
_reflns_shell.meanI_over_sigI_obs         2.5 
_reflns_shell.number_measured_all         ? 
_reflns_shell.number_measured_obs         ? 
_reflns_shell.number_possible             ? 
_reflns_shell.number_unique_all           ? 
_reflns_shell.number_unique_obs           1064 
_reflns_shell.percent_possible_all        100.0 
_reflns_shell.percent_possible_obs        ? 
_reflns_shell.Rmerge_F_all                ? 
_reflns_shell.Rmerge_F_obs                ? 
_reflns_shell.Rmerge_I_all                ? 
_reflns_shell.Rmerge_I_obs                ? 
_reflns_shell.meanI_over_sigI_gt          ? 
_reflns_shell.meanI_over_uI_all           ? 
_reflns_shell.meanI_over_uI_gt            ? 
_reflns_shell.number_measured_gt          ? 
_reflns_shell.number_unique_gt            ? 
_reflns_shell.percent_possible_gt         ? 
_reflns_shell.Rmerge_F_gt                 ? 
_reflns_shell.Rmerge_I_gt                 ? 
_reflns_shell.pdbx_redundancy             8.7 
_reflns_shell.pdbx_Rsym_value             ? 
_reflns_shell.pdbx_chi_squared            ? 
_reflns_shell.pdbx_netI_over_sigmaI_all   ? 
_reflns_shell.pdbx_netI_over_sigmaI_obs   ? 
_reflns_shell.pdbx_Rrim_I_all             1.06 
_reflns_shell.pdbx_Rpim_I_all             ? 
_reflns_shell.pdbx_rejects                ? 
_reflns_shell.pdbx_ordinal                1 
_reflns_shell.pdbx_diffrn_id              1 
_reflns_shell.pdbx_CC_half                0.735 
_reflns_shell.pdbx_R_split                ? 
# 
_refine.aniso_B[1][1]                            -0.02 
_refine.aniso_B[1][2]                            0.00 
_refine.aniso_B[1][3]                            0.00 
_refine.aniso_B[2][2]                            -0.02 
_refine.aniso_B[2][3]                            0.00 
_refine.aniso_B[3][3]                            0.04 
_refine.B_iso_max                                ? 
_refine.B_iso_mean                               34.467 
_refine.B_iso_min                                ? 
_refine.correlation_coeff_Fo_to_Fc               0.959 
_refine.correlation_coeff_Fo_to_Fc_free          0.920 
_refine.details                                  'HYDROGENS HAVE BEEN ADDED IN THE RIDING POSITIONS' 
_refine.diff_density_max                         ? 
_refine.diff_density_max_esd                     ? 
_refine.diff_density_min                         ? 
_refine.diff_density_min_esd                     ? 
_refine.diff_density_rms                         ? 
_refine.diff_density_rms_esd                     ? 
_refine.entry_id                                 6GPV 
_refine.pdbx_refine_id                           'X-RAY DIFFRACTION' 
_refine.ls_abs_structure_details                 ? 
_refine.ls_abs_structure_Flack                   ? 
_refine.ls_abs_structure_Flack_esd               ? 
_refine.ls_abs_structure_Rogers                  ? 
_refine.ls_abs_structure_Rogers_esd              ? 
_refine.ls_d_res_high                            2.00 
_refine.ls_d_res_low                             38.76 
_refine.ls_extinction_coef                       ? 
_refine.ls_extinction_coef_esd                   ? 
_refine.ls_extinction_expression                 ? 
_refine.ls_extinction_method                     ? 
_refine.ls_goodness_of_fit_all                   ? 
_refine.ls_goodness_of_fit_all_esd               ? 
_refine.ls_goodness_of_fit_obs                   ? 
_refine.ls_goodness_of_fit_obs_esd               ? 
_refine.ls_hydrogen_treatment                    ? 
_refine.ls_matrix_type                           ? 
_refine.ls_number_constraints                    ? 
_refine.ls_number_parameters                     ? 
_refine.ls_number_reflns_all                     ? 
_refine.ls_number_reflns_obs                     7734 
_refine.ls_number_reflns_R_free                  384 
_refine.ls_number_reflns_R_work                  ? 
_refine.ls_number_restraints                     ? 
_refine.ls_percent_reflns_obs                    99.67 
_refine.ls_percent_reflns_R_free                 4.7 
_refine.ls_R_factor_all                          ? 
_refine.ls_R_factor_obs                          0.18250 
_refine.ls_R_factor_R_free                       0.24020 
_refine.ls_R_factor_R_free_error                 ? 
_refine.ls_R_factor_R_free_error_details         ? 
_refine.ls_R_factor_R_work                       0.17973 
_refine.ls_R_Fsqd_factor_obs                     ? 
_refine.ls_R_I_factor_obs                        ? 
_refine.ls_redundancy_reflns_all                 ? 
_refine.ls_redundancy_reflns_obs                 ? 
_refine.ls_restrained_S_all                      ? 
_refine.ls_restrained_S_obs                      ? 
_refine.ls_shift_over_esd_max                    ? 
_refine.ls_shift_over_esd_mean                   ? 
_refine.ls_structure_factor_coef                 ? 
_refine.ls_weighting_details                     ? 
_refine.ls_weighting_scheme                      ? 
_refine.ls_wR_factor_all                         ? 
_refine.ls_wR_factor_obs                         ? 
_refine.ls_wR_factor_R_free                      ? 
_refine.ls_wR_factor_R_work                      ? 
_refine.occupancy_max                            ? 
_refine.occupancy_min                            ? 
_refine.solvent_model_details                    ? 
_refine.solvent_model_param_bsol                 ? 
_refine.solvent_model_param_ksol                 ? 
_refine.ls_R_factor_gt                           ? 
_refine.ls_goodness_of_fit_gt                    ? 
_refine.ls_goodness_of_fit_ref                   ? 
_refine.ls_shift_over_su_max                     ? 
_refine.ls_shift_over_su_max_lt                  ? 
_refine.ls_shift_over_su_mean                    ? 
_refine.ls_shift_over_su_mean_lt                 ? 
_refine.pdbx_ls_sigma_I                          ? 
_refine.pdbx_ls_sigma_F                          ? 
_refine.pdbx_ls_sigma_Fsqd                       ? 
_refine.pdbx_data_cutoff_high_absF               ? 
_refine.pdbx_data_cutoff_high_rms_absF           ? 
_refine.pdbx_data_cutoff_low_absF                ? 
_refine.pdbx_isotropic_thermal_model             ? 
_refine.pdbx_ls_cross_valid_method               THROUGHOUT 
_refine.pdbx_method_to_determine_struct          'MOLECULAR REPLACEMENT' 
_refine.pdbx_starting_model                      4eep 
_refine.pdbx_stereochemistry_target_values       ? 
_refine.pdbx_R_Free_selection_details            RANDOM 
_refine.pdbx_stereochem_target_val_spec_case     ? 
_refine.pdbx_overall_ESU_R                       0.227 
_refine.pdbx_overall_ESU_R_Free                  0.190 
_refine.pdbx_solvent_vdw_probe_radii             1.20 
_refine.pdbx_solvent_ion_probe_radii             0.80 
_refine.pdbx_solvent_shrinkage_radii             0.80 
_refine.pdbx_real_space_R                        ? 
_refine.pdbx_density_correlation                 ? 
_refine.pdbx_pd_number_of_powder_patterns        ? 
_refine.pdbx_pd_number_of_points                 ? 
_refine.pdbx_pd_meas_number_of_points            ? 
_refine.pdbx_pd_proc_ls_prof_R_factor            ? 
_refine.pdbx_pd_proc_ls_prof_wR_factor           ? 
_refine.pdbx_pd_Marquardt_correlation_coeff      ? 
_refine.pdbx_pd_Fsqrd_R_factor                   ? 
_refine.pdbx_pd_ls_matrix_band_width             ? 
_refine.pdbx_overall_phase_error                 ? 
_refine.pdbx_overall_SU_R_free_Cruickshank_DPI   ? 
_refine.pdbx_overall_SU_R_free_Blow_DPI          ? 
_refine.pdbx_overall_SU_R_Blow_DPI               ? 
_refine.pdbx_TLS_residual_ADP_flag               ? 
_refine.pdbx_diffrn_id                           1 
_refine.overall_SU_B                             5.396 
_refine.overall_SU_ML                            0.144 
_refine.overall_SU_R_Cruickshank_DPI             ? 
_refine.overall_SU_R_free                        ? 
_refine.overall_FOM_free_R_set                   ? 
_refine.overall_FOM_work_R_set                   ? 
_refine.pdbx_average_fsc_overall                 ? 
_refine.pdbx_average_fsc_work                    ? 
_refine.pdbx_average_fsc_free                    ? 
# 
_refine_hist.pdbx_refine_id                   'X-RAY DIFFRACTION' 
_refine_hist.cycle_id                         1 
_refine_hist.pdbx_number_atoms_protein        913 
_refine_hist.pdbx_number_atoms_nucleic_acid   0 
_refine_hist.pdbx_number_atoms_ligand         51 
_refine_hist.number_atoms_solvent             126 
_refine_hist.number_atoms_total               1090 
_refine_hist.d_res_high                       2.00 
_refine_hist.d_res_low                        38.76 
# 
loop_
_refine_ls_restr.pdbx_refine_id 
_refine_ls_restr.criterion 
_refine_ls_restr.dev_ideal 
_refine_ls_restr.dev_ideal_target 
_refine_ls_restr.number 
_refine_ls_restr.rejects 
_refine_ls_restr.type 
_refine_ls_restr.weight 
_refine_ls_restr.pdbx_restraint_function 
'X-RAY DIFFRACTION' ? 0.010  0.020  1083 ? r_bond_refined_d             ? ? 
'X-RAY DIFFRACTION' ? 0.003  0.020  1011 ? r_bond_other_d               ? ? 
'X-RAY DIFFRACTION' ? 1.554  2.085  1477 ? r_angle_refined_deg          ? ? 
'X-RAY DIFFRACTION' ? 0.898  3.008  2355 ? r_angle_other_deg            ? ? 
'X-RAY DIFFRACTION' ? 23.658 5.474  137  ? r_dihedral_angle_1_deg       ? ? 
'X-RAY DIFFRACTION' ? 29.269 23.600 50   ? r_dihedral_angle_2_deg       ? ? 
'X-RAY DIFFRACTION' ? 15.467 15.000 191  ? r_dihedral_angle_3_deg       ? ? 
'X-RAY DIFFRACTION' ? 19.938 15.000 11   ? r_dihedral_angle_4_deg       ? ? 
'X-RAY DIFFRACTION' ? 0.073  0.200  159  ? r_chiral_restr               ? ? 
'X-RAY DIFFRACTION' ? 0.006  0.022  1245 ? r_gen_planes_refined         ? ? 
'X-RAY DIFFRACTION' ? 0.001  0.020  224  ? r_gen_planes_other           ? ? 
'X-RAY DIFFRACTION' ? ?      ?      ?    ? r_nbd_refined                ? ? 
'X-RAY DIFFRACTION' ? ?      ?      ?    ? r_nbd_other                  ? ? 
'X-RAY DIFFRACTION' ? ?      ?      ?    ? r_nbtor_refined              ? ? 
'X-RAY DIFFRACTION' ? ?      ?      ?    ? r_nbtor_other                ? ? 
'X-RAY DIFFRACTION' ? ?      ?      ?    ? r_xyhbond_nbd_refined        ? ? 
'X-RAY DIFFRACTION' ? ?      ?      ?    ? r_xyhbond_nbd_other          ? ? 
'X-RAY DIFFRACTION' ? ?      ?      ?    ? r_metal_ion_refined          ? ? 
'X-RAY DIFFRACTION' ? ?      ?      ?    ? r_metal_ion_other            ? ? 
'X-RAY DIFFRACTION' ? ?      ?      ?    ? r_symmetry_vdw_refined       ? ? 
'X-RAY DIFFRACTION' ? ?      ?      ?    ? r_symmetry_vdw_other         ? ? 
'X-RAY DIFFRACTION' ? ?      ?      ?    ? r_symmetry_hbond_refined     ? ? 
'X-RAY DIFFRACTION' ? ?      ?      ?    ? r_symmetry_hbond_other       ? ? 
'X-RAY DIFFRACTION' ? ?      ?      ?    ? r_symmetry_metal_ion_refined ? ? 
'X-RAY DIFFRACTION' ? ?      ?      ?    ? r_symmetry_metal_ion_other   ? ? 
'X-RAY DIFFRACTION' ? 2.298  3.279  472  ? r_mcbond_it                  ? ? 
'X-RAY DIFFRACTION' ? 2.298  3.279  472  ? r_mcbond_other               ? ? 
'X-RAY DIFFRACTION' ? 3.588  4.907  578  ? r_mcangle_it                 ? ? 
'X-RAY DIFFRACTION' ? 3.585  4.906  579  ? r_mcangle_other              ? ? 
'X-RAY DIFFRACTION' ? 2.418  3.562  611  ? r_scbond_it                  ? ? 
'X-RAY DIFFRACTION' ? 2.416  3.561  612  ? r_scbond_other               ? ? 
'X-RAY DIFFRACTION' ? ?      ?      ?    ? r_scangle_it                 ? ? 
'X-RAY DIFFRACTION' ? 4.005  5.195  882  ? r_scangle_other              ? ? 
'X-RAY DIFFRACTION' ? 7.621  37.940 1466 ? r_long_range_B_refined       ? ? 
'X-RAY DIFFRACTION' ? 7.562  37.615 1450 ? r_long_range_B_other         ? ? 
'X-RAY DIFFRACTION' ? ?      ?      ?    ? r_rigid_bond_restr           ? ? 
'X-RAY DIFFRACTION' ? ?      ?      ?    ? r_sphericity_free            ? ? 
'X-RAY DIFFRACTION' ? ?      ?      ?    ? r_sphericity_bonded          ? ? 
# 
_refine_ls_shell.pdbx_refine_id                   'X-RAY DIFFRACTION' 
_refine_ls_shell.d_res_high                       2.000 
_refine_ls_shell.d_res_low                        2.052 
_refine_ls_shell.number_reflns_all                ? 
_refine_ls_shell.number_reflns_obs                ? 
_refine_ls_shell.number_reflns_R_free             31 
_refine_ls_shell.number_reflns_R_work             551 
_refine_ls_shell.percent_reflns_obs               100.00 
_refine_ls_shell.percent_reflns_R_free            ? 
_refine_ls_shell.R_factor_all                     ? 
_refine_ls_shell.R_factor_obs                     ? 
_refine_ls_shell.R_factor_R_free                  0.278 
_refine_ls_shell.R_factor_R_free_error            ? 
_refine_ls_shell.R_factor_R_work                  0.254 
_refine_ls_shell.redundancy_reflns_all            ? 
_refine_ls_shell.redundancy_reflns_obs            ? 
_refine_ls_shell.wR_factor_all                    ? 
_refine_ls_shell.wR_factor_obs                    ? 
_refine_ls_shell.wR_factor_R_free                 ? 
_refine_ls_shell.wR_factor_R_work                 ? 
_refine_ls_shell.pdbx_total_number_of_bins_used   20 
_refine_ls_shell.pdbx_phase_error                 ? 
_refine_ls_shell.pdbx_fsc_work                    ? 
_refine_ls_shell.pdbx_fsc_free                    ? 
# 
_struct.entry_id                     6GPV 
_struct.title                        'Crystal structure of blue-light irradiated miniSOG' 
_struct.pdbx_model_details           ? 
_struct.pdbx_formula_weight          ? 
_struct.pdbx_formula_weight_method   ? 
_struct.pdbx_model_type_details      ? 
_struct.pdbx_CASP_flag               N 
# 
_struct_keywords.entry_id        6GPV 
_struct_keywords.text            
;Singlet oxygen, fluorescent protein, FMN, protein oxidation, gamma-peroxotyrosine, oxidized histidine, n-formylkynurenin, FLAVOPROTEIN
;
_struct_keywords.pdbx_keywords   FLAVOPROTEIN 
# 
loop_
_struct_asym.id 
_struct_asym.pdbx_blank_PDB_chainid_flag 
_struct_asym.pdbx_modified 
_struct_asym.entity_id 
_struct_asym.details 
A N N 1 ? 
B N N 2 ? 
C N N 3 ? 
D N N 4 ? 
E N N 5 ? 
F N N 6 ? 
# 
_struct_ref.id                         1 
_struct_ref.db_name                    UNP 
_struct_ref.db_code                    PHOT2_ARATH 
_struct_ref.pdbx_db_accession          P93025 
_struct_ref.pdbx_db_isoform            ? 
_struct_ref.entity_id                  1 
_struct_ref.pdbx_seq_one_letter_code   
;IEKNFVISDPRLPDNPIIFASDSFLELTEYSREEILGRNCRFLQGPETDQATVQKIRDAIRDQREITVQLINYTKSGKKF
WNLFHLQPMRDQKGELQYFIGVQLDG
;
_struct_ref.pdbx_align_begin           387 
# 
_struct_ref_seq.align_id                      1 
_struct_ref_seq.ref_id                        1 
_struct_ref_seq.pdbx_PDB_id_code              6GPV 
_struct_ref_seq.pdbx_strand_id                A 
_struct_ref_seq.seq_align_beg                 1 
_struct_ref_seq.pdbx_seq_align_beg_ins_code   ? 
_struct_ref_seq.seq_align_end                 106 
_struct_ref_seq.pdbx_seq_align_end_ins_code   ? 
_struct_ref_seq.pdbx_db_accession             P93025 
_struct_ref_seq.db_align_beg                  387 
_struct_ref_seq.pdbx_db_align_beg_ins_code    ? 
_struct_ref_seq.db_align_end                  492 
_struct_ref_seq.pdbx_db_align_end_ins_code    ? 
_struct_ref_seq.pdbx_auth_seq_align_beg       1 
_struct_ref_seq.pdbx_auth_seq_align_end       106 
# 
loop_
_struct_ref_seq_dif.align_id 
_struct_ref_seq_dif.pdbx_pdb_id_code 
_struct_ref_seq_dif.mon_id 
_struct_ref_seq_dif.pdbx_pdb_strand_id 
_struct_ref_seq_dif.seq_num 
_struct_ref_seq_dif.pdbx_pdb_ins_code 
_struct_ref_seq_dif.pdbx_seq_db_name 
_struct_ref_seq_dif.pdbx_seq_db_accession_code 
_struct_ref_seq_dif.db_mon_id 
_struct_ref_seq_dif.pdbx_seq_db_seq_num 
_struct_ref_seq_dif.details 
_struct_ref_seq_dif.pdbx_auth_seq_num 
_struct_ref_seq_dif.pdbx_ordinal 
1 6GPV MET A 1   ? UNP P93025 ILE 387 conflict           1   1  
1 6GPV SER A 4   ? UNP P93025 ASN 390 conflict           4   2  
1 6GPV THR A 8   ? UNP P93025 SER 394 conflict           8   3  
1 6GPV GLY A 23  ? UNP P93025 SER 409 conflict           23  4  
1 6GPV GLY A 40  ? UNP P93025 CYS 426 conflict           40  5  
1 6GPV LEU A 84  ? UNP P93025 PHE 470 conflict           84  6  
1 6GPV HOO A 85  ? UNP P93025 HIS 471 microheterogeneity 85  7  
1 6GPV GLU A 107 ? UNP P93025 ?   ?   'expression tag'   107 8  
1 6GPV PHE A 108 ? UNP P93025 ?   ?   'expression tag'   108 9  
1 6GPV ILE A 109 ? UNP P93025 ?   ?   'expression tag'   109 10 
1 6GPV PRO A 110 ? UNP P93025 ?   ?   'expression tag'   110 11 
1 6GPV ASN A 111 ? UNP P93025 ?   ?   'expression tag'   111 12 
1 6GPV PRO A 112 ? UNP P93025 ?   ?   'expression tag'   112 13 
1 6GPV LEU A 113 ? UNP P93025 ?   ?   'expression tag'   113 14 
1 6GPV LEU A 114 ? UNP P93025 ?   ?   'expression tag'   114 15 
1 6GPV GLY A 115 ? UNP P93025 ?   ?   'expression tag'   115 16 
# 
_pdbx_struct_assembly.id                   1 
_pdbx_struct_assembly.details              author_and_software_defined_assembly 
_pdbx_struct_assembly.method_details       PISA 
_pdbx_struct_assembly.oligomeric_details   monomeric 
_pdbx_struct_assembly.oligomeric_count     1 
# 
loop_
_pdbx_struct_assembly_prop.biol_id 
_pdbx_struct_assembly_prop.type 
_pdbx_struct_assembly_prop.value 
_pdbx_struct_assembly_prop.details 
1 'ABSA (A^2)' 1610 ? 
1 MORE         -22  ? 
1 'SSA (A^2)'  6200 ? 
# 
_pdbx_struct_assembly_gen.assembly_id       1 
_pdbx_struct_assembly_gen.oper_expression   1 
_pdbx_struct_assembly_gen.asym_id_list      A,B,C,D,E,F 
# 
_pdbx_struct_assembly_auth_evidence.id                     1 
_pdbx_struct_assembly_auth_evidence.assembly_id            1 
_pdbx_struct_assembly_auth_evidence.experimental_support   none 
_pdbx_struct_assembly_auth_evidence.details                ? 
# 
_pdbx_struct_oper_list.id                   1 
_pdbx_struct_oper_list.type                 'identity operation' 
_pdbx_struct_oper_list.name                 1_555 
_pdbx_struct_oper_list.symmetry_operation   x,y,z 
_pdbx_struct_oper_list.matrix[1][1]         1.0000000000 
_pdbx_struct_oper_list.matrix[1][2]         0.0000000000 
_pdbx_struct_oper_list.matrix[1][3]         0.0000000000 
_pdbx_struct_oper_list.vector[1]            0.0000000000 
_pdbx_struct_oper_list.matrix[2][1]         0.0000000000 
_pdbx_struct_oper_list.matrix[2][2]         1.0000000000 
_pdbx_struct_oper_list.matrix[2][3]         0.0000000000 
_pdbx_struct_oper_list.vector[2]            0.0000000000 
_pdbx_struct_oper_list.matrix[3][1]         0.0000000000 
_pdbx_struct_oper_list.matrix[3][2]         0.0000000000 
_pdbx_struct_oper_list.matrix[3][3]         1.0000000000 
_pdbx_struct_oper_list.vector[3]            0.0000000000 
# 
loop_
_struct_conf.conf_type_id 
_struct_conf.id 
_struct_conf.pdbx_PDB_helix_id 
_struct_conf.beg_label_comp_id 
_struct_conf.beg_label_asym_id 
_struct_conf.beg_label_seq_id 
_struct_conf.pdbx_beg_PDB_ins_code 
_struct_conf.end_label_comp_id 
_struct_conf.end_label_asym_id 
_struct_conf.end_label_seq_id 
_struct_conf.pdbx_end_PDB_ins_code 
_struct_conf.beg_auth_comp_id 
_struct_conf.beg_auth_asym_id 
_struct_conf.beg_auth_seq_id 
_struct_conf.end_auth_comp_id 
_struct_conf.end_auth_asym_id 
_struct_conf.end_auth_seq_id 
_struct_conf.pdbx_PDB_helix_class 
_struct_conf.details 
_struct_conf.pdbx_PDB_helix_length 
HELX_P HELX_P1 AA1 SER A 21 ? GLU A 29 ? SER A 21 GLU A 29 1 ? 9  
HELX_P HELX_P2 AA2 SER A 31 ? ILE A 35 ? SER A 31 ILE A 35 5 ? 5  
HELX_P HELX_P3 AA3 ASN A 39 ? GLN A 44 ? ASN A 39 GLN A 44 5 ? 6  
HELX_P HELX_P4 AA4 ASP A 49 ? ASP A 62 ? ASP A 49 ASP A 62 1 ? 14 
# 
_struct_conf_type.id          HELX_P 
_struct_conf_type.criteria    ? 
_struct_conf_type.reference   ? 
# 
loop_
_struct_conn.id 
_struct_conn.conn_type_id 
_struct_conn.pdbx_leaving_atom_flag 
_struct_conn.pdbx_PDB_id 
_struct_conn.ptnr1_label_asym_id 
_struct_conn.ptnr1_label_comp_id 
_struct_conn.ptnr1_label_seq_id 
_struct_conn.ptnr1_label_atom_id 
_struct_conn.pdbx_ptnr1_label_alt_id 
_struct_conn.pdbx_ptnr1_PDB_ins_code 
_struct_conn.pdbx_ptnr1_standard_comp_id 
_struct_conn.ptnr1_symmetry 
_struct_conn.ptnr2_label_asym_id 
_struct_conn.ptnr2_label_comp_id 
_struct_conn.ptnr2_label_seq_id 
_struct_conn.ptnr2_label_atom_id 
_struct_conn.pdbx_ptnr2_label_alt_id 
_struct_conn.pdbx_ptnr2_PDB_ins_code 
_struct_conn.ptnr1_auth_asym_id 
_struct_conn.ptnr1_auth_comp_id 
_struct_conn.ptnr1_auth_seq_id 
_struct_conn.ptnr2_auth_asym_id 
_struct_conn.ptnr2_auth_comp_id 
_struct_conn.ptnr2_auth_seq_id 
_struct_conn.ptnr2_symmetry 
_struct_conn.pdbx_ptnr3_label_atom_id 
_struct_conn.pdbx_ptnr3_label_seq_id 
_struct_conn.pdbx_ptnr3_label_comp_id 
_struct_conn.pdbx_ptnr3_label_asym_id 
_struct_conn.pdbx_ptnr3_label_alt_id 
_struct_conn.pdbx_ptnr3_PDB_ins_code 
_struct_conn.details 
_struct_conn.pdbx_dist_value 
_struct_conn.pdbx_value_order 
_struct_conn.pdbx_role 
covale1 covale one  ? A ASN 72 C  ? ? ? 1_555 A F7Q 73 N B ? A ASN 72   A F7Q 73   1_555 ? ? ? ? ? ? ? 1.328 ? ? 
covale2 covale both ? A F7Q 73 C  B ? ? 1_555 A THR 74 N ? ? A F7Q 73   A THR 74   1_555 ? ? ? ? ? ? ? 1.319 ? ? 
covale3 covale both ? A PHE 80 C  ? ? ? 1_555 A NFK 81 N ? ? A PHE 80   A NFK 81   1_555 ? ? ? ? ? ? ? 1.316 ? ? 
covale4 covale both ? A NFK 81 C  ? ? ? 1_555 A ASN 82 N ? ? A NFK 81   A ASN 82   1_555 ? ? ? ? ? ? ? 1.325 ? ? 
covale5 covale both ? A LEU 84 C  ? ? ? 1_555 A HOO 85 N A ? A LEU 84   A HOO 85   1_555 ? ? ? ? ? ? ? 1.341 ? ? 
covale6 covale both ? A LEU 84 C  ? ? ? 1_555 A OHI 85 N B ? A LEU 84   A OHI 85   1_555 ? ? ? ? ? ? ? 1.341 ? ? 
covale7 covale both ? A HOO 85 C  A ? ? 1_555 A LEU 86 N ? ? A HOO 85   A LEU 86   1_555 ? ? ? ? ? ? ? 1.349 ? ? 
covale8 covale both ? A OHI 85 C  B ? ? 1_555 A LEU 86 N ? ? A OHI 85   A LEU 86   1_555 ? ? ? ? ? ? ? 1.349 ? ? 
metalc1 metalc ?    ? C MG  .  MG A ? ? 1_555 F HOH .  O A ? A MG  1002 A HOH 1104 1_555 ? ? ? ? ? ? ? 2.070 ? ? 
metalc2 metalc ?    ? C MG  .  MG A ? ? 1_555 F HOH .  O A ? A MG  1002 A HOH 1114 1_555 ? ? ? ? ? ? ? 2.366 ? ? 
metalc3 metalc ?    ? C MG  .  MG A ? ? 1_555 F HOH .  O A ? A MG  1002 A HOH 1116 1_555 ? ? ? ? ? ? ? 2.074 ? ? 
metalc4 metalc ?    ? C MG  .  MG A ? ? 1_555 F HOH .  O A ? A MG  1002 A HOH 1212 1_555 ? ? ? ? ? ? ? 2.007 ? ? 
metalc5 metalc ?    ? C MG  .  MG A ? ? 1_555 F HOH .  O A ? A MG  1002 A HOH 1216 1_555 ? ? ? ? ? ? ? 2.048 ? ? 
# 
loop_
_struct_conn_type.id 
_struct_conn_type.criteria 
_struct_conn_type.reference 
covale ? ? 
metalc ? ? 
# 
loop_
_pdbx_struct_conn_angle.id 
_pdbx_struct_conn_angle.ptnr1_label_atom_id 
_pdbx_struct_conn_angle.ptnr1_label_alt_id 
_pdbx_struct_conn_angle.ptnr1_label_asym_id 
_pdbx_struct_conn_angle.ptnr1_label_comp_id 
_pdbx_struct_conn_angle.ptnr1_label_seq_id 
_pdbx_struct_conn_angle.ptnr1_auth_atom_id 
_pdbx_struct_conn_angle.ptnr1_auth_asym_id 
_pdbx_struct_conn_angle.ptnr1_auth_comp_id 
_pdbx_struct_conn_angle.ptnr1_auth_seq_id 
_pdbx_struct_conn_angle.ptnr1_PDB_ins_code 
_pdbx_struct_conn_angle.ptnr1_symmetry 
_pdbx_struct_conn_angle.ptnr2_label_atom_id 
_pdbx_struct_conn_angle.ptnr2_label_alt_id 
_pdbx_struct_conn_angle.ptnr2_label_asym_id 
_pdbx_struct_conn_angle.ptnr2_label_comp_id 
_pdbx_struct_conn_angle.ptnr2_label_seq_id 
_pdbx_struct_conn_angle.ptnr2_auth_atom_id 
_pdbx_struct_conn_angle.ptnr2_auth_asym_id 
_pdbx_struct_conn_angle.ptnr2_auth_comp_id 
_pdbx_struct_conn_angle.ptnr2_auth_seq_id 
_pdbx_struct_conn_angle.ptnr2_PDB_ins_code 
_pdbx_struct_conn_angle.ptnr2_symmetry 
_pdbx_struct_conn_angle.ptnr3_label_atom_id 
_pdbx_struct_conn_angle.ptnr3_label_alt_id 
_pdbx_struct_conn_angle.ptnr3_label_asym_id 
_pdbx_struct_conn_angle.ptnr3_label_comp_id 
_pdbx_struct_conn_angle.ptnr3_label_seq_id 
_pdbx_struct_conn_angle.ptnr3_auth_atom_id 
_pdbx_struct_conn_angle.ptnr3_auth_asym_id 
_pdbx_struct_conn_angle.ptnr3_auth_comp_id 
_pdbx_struct_conn_angle.ptnr3_auth_seq_id 
_pdbx_struct_conn_angle.ptnr3_PDB_ins_code 
_pdbx_struct_conn_angle.ptnr3_symmetry 
_pdbx_struct_conn_angle.value 
_pdbx_struct_conn_angle.value_esd 
1  O A F HOH . ? A HOH 1104 ? 1_555 MG A C MG . ? A MG 1002 ? 1_555 O A F HOH . ? A HOH 1114 ? 1_555 87.8  ? 
2  O A F HOH . ? A HOH 1104 ? 1_555 MG A C MG . ? A MG 1002 ? 1_555 O A F HOH . ? A HOH 1116 ? 1_555 90.4  ? 
3  O A F HOH . ? A HOH 1114 ? 1_555 MG A C MG . ? A MG 1002 ? 1_555 O A F HOH . ? A HOH 1116 ? 1_555 85.0  ? 
4  O A F HOH . ? A HOH 1104 ? 1_555 MG A C MG . ? A MG 1002 ? 1_555 O A F HOH . ? A HOH 1212 ? 1_555 165.6 ? 
5  O A F HOH . ? A HOH 1114 ? 1_555 MG A C MG . ? A MG 1002 ? 1_555 O A F HOH . ? A HOH 1212 ? 1_555 85.1  ? 
6  O A F HOH . ? A HOH 1116 ? 1_555 MG A C MG . ? A MG 1002 ? 1_555 O A F HOH . ? A HOH 1212 ? 1_555 101.4 ? 
7  O A F HOH . ? A HOH 1104 ? 1_555 MG A C MG . ? A MG 1002 ? 1_555 O A F HOH . ? A HOH 1216 ? 1_555 106.8 ? 
8  O A F HOH . ? A HOH 1114 ? 1_555 MG A C MG . ? A MG 1002 ? 1_555 O A F HOH . ? A HOH 1216 ? 1_555 162.8 ? 
9  O A F HOH . ? A HOH 1116 ? 1_555 MG A C MG . ? A MG 1002 ? 1_555 O A F HOH . ? A HOH 1216 ? 1_555 85.9  ? 
10 O A F HOH . ? A HOH 1212 ? 1_555 MG A C MG . ? A MG 1002 ? 1_555 O A F HOH . ? A HOH 1216 ? 1_555 82.3  ? 
# 
_struct_sheet.id               AA1 
_struct_sheet.type             ? 
_struct_sheet.number_strands   5 
_struct_sheet.details          ? 
# 
loop_
_struct_sheet_order.sheet_id 
_struct_sheet_order.range_id_1 
_struct_sheet_order.range_id_2 
_struct_sheet_order.offset 
_struct_sheet_order.sense 
AA1 1 2 ? anti-parallel 
AA1 2 3 ? anti-parallel 
AA1 3 4 ? anti-parallel 
AA1 4 5 ? anti-parallel 
# 
loop_
_struct_sheet_range.sheet_id 
_struct_sheet_range.id 
_struct_sheet_range.beg_label_comp_id 
_struct_sheet_range.beg_label_asym_id 
_struct_sheet_range.beg_label_seq_id 
_struct_sheet_range.pdbx_beg_PDB_ins_code 
_struct_sheet_range.end_label_comp_id 
_struct_sheet_range.end_label_asym_id 
_struct_sheet_range.end_label_seq_id 
_struct_sheet_range.pdbx_end_PDB_ins_code 
_struct_sheet_range.beg_auth_comp_id 
_struct_sheet_range.beg_auth_asym_id 
_struct_sheet_range.beg_auth_seq_id 
_struct_sheet_range.end_auth_comp_id 
_struct_sheet_range.end_auth_asym_id 
_struct_sheet_range.end_auth_seq_id 
AA1 1 ILE A 17 ? ALA A 20  ? ILE A 17 ALA A 20  
AA1 2 SER A 4  ? THR A 8   ? SER A 4  THR A 8   
AA1 3 LEU A 96 ? ASP A 105 ? LEU A 96 ASP A 105 
AA1 4 LYS A 79 ? ARG A 90  ? LYS A 79 ARG A 90  
AA1 5 ILE A 66 ? TYR A 73  ? ILE A 66 TYR A 73  
# 
loop_
_pdbx_struct_sheet_hbond.sheet_id 
_pdbx_struct_sheet_hbond.range_id_1 
_pdbx_struct_sheet_hbond.range_id_2 
_pdbx_struct_sheet_hbond.range_1_label_atom_id 
_pdbx_struct_sheet_hbond.range_1_label_comp_id 
_pdbx_struct_sheet_hbond.range_1_label_asym_id 
_pdbx_struct_sheet_hbond.range_1_label_seq_id 
_pdbx_struct_sheet_hbond.range_1_PDB_ins_code 
_pdbx_struct_sheet_hbond.range_1_auth_atom_id 
_pdbx_struct_sheet_hbond.range_1_auth_comp_id 
_pdbx_struct_sheet_hbond.range_1_auth_asym_id 
_pdbx_struct_sheet_hbond.range_1_auth_seq_id 
_pdbx_struct_sheet_hbond.range_2_label_atom_id 
_pdbx_struct_sheet_hbond.range_2_label_comp_id 
_pdbx_struct_sheet_hbond.range_2_label_asym_id 
_pdbx_struct_sheet_hbond.range_2_label_seq_id 
_pdbx_struct_sheet_hbond.range_2_PDB_ins_code 
_pdbx_struct_sheet_hbond.range_2_auth_atom_id 
_pdbx_struct_sheet_hbond.range_2_auth_comp_id 
_pdbx_struct_sheet_hbond.range_2_auth_asym_id 
_pdbx_struct_sheet_hbond.range_2_auth_seq_id 
AA1 1 2 O ILE A 18  ? O ILE A 18  N ILE A 7   ? N ILE A 7   
AA1 2 3 N VAL A 6   ? N VAL A 6   O GLY A 101 ? O GLY A 101 
AA1 3 4 O LEU A 104 ? O LEU A 104 N LEU A 83  ? N LEU A 83  
AA1 4 5 O LEU A 86  ? O LEU A 86  N ILE A 66  ? N ILE A 66  
# 
loop_
_struct_site.id 
_struct_site.pdbx_evidence_code 
_struct_site.pdbx_auth_asym_id 
_struct_site.pdbx_auth_comp_id 
_struct_site.pdbx_auth_seq_id 
_struct_site.pdbx_auth_ins_code 
_struct_site.pdbx_num_residues 
_struct_site.details 
AC1 Software A FMN 1001 ? 28 'binding site for residue FMN A 1001'                                          
AC2 Software A MG  1002 ? 5  'binding site for residue MG A 1002'                                           
AC3 Software A CL  1003 ? 4  'binding site for residue CL A 1003'                                           
AC4 Software A LUM 1004 ? 15 'binding site for residue LUM A 1004'                                          
AC5 Software A TYR 73   ? 17 'binding site for Ligand residues F7Q A 73 through THR A 74 bound to ASN A 72' 
# 
loop_
_struct_site_gen.id 
_struct_site_gen.site_id 
_struct_site_gen.pdbx_num_res 
_struct_site_gen.label_comp_id 
_struct_site_gen.label_asym_id 
_struct_site_gen.label_seq_id 
_struct_site_gen.pdbx_auth_ins_code 
_struct_site_gen.auth_comp_id 
_struct_site_gen.auth_asym_id 
_struct_site_gen.auth_seq_id 
_struct_site_gen.label_atom_id 
_struct_site_gen.label_alt_id 
_struct_site_gen.symmetry 
_struct_site_gen.details 
1  AC1 28 VAL A 6   ? VAL A 6    . ? 1_555 ? 
2  AC1 28 THR A 8   ? THR A 8    . ? 1_555 ? 
3  AC1 28 ASN A 39  ? ASN A 39   . ? 1_555 ? 
4  AC1 28 GLY A 40  ? GLY A 40   . ? 1_555 ? 
5  AC1 28 ARG A 41  ? ARG A 41   . ? 1_555 ? 
6  AC1 28 LEU A 43  ? LEU A 43   . ? 1_555 ? 
7  AC1 28 GLN A 44  ? GLN A 44   . ? 1_555 ? 
8  AC1 28 VAL A 53  ? VAL A 53   . ? 1_555 ? 
9  AC1 28 ILE A 56  ? ILE A 56   . ? 1_555 ? 
10 AC1 28 ARG A 57  ? ARG A 57   . ? 1_555 ? 
11 AC1 28 ILE A 60  ? ILE A 60   . ? 1_555 ? 
12 AC1 28 LEU A 70  ? LEU A 70   . ? 1_555 ? 
13 AC1 28 ASN A 72  ? ASN A 72   . ? 1_555 ? 
14 AC1 28 ASN A 82  ? ASN A 82   . ? 1_555 ? 
15 AC1 28 LEU A 84  ? LEU A 84   . ? 1_555 ? 
16 AC1 28 LEU A 86  ? LEU A 86   . ? 1_555 ? 
17 AC1 28 PHE A 99  ? PHE A 99   . ? 1_555 ? 
18 AC1 28 ILE A 100 ? ILE A 100  . ? 1_555 ? 
19 AC1 28 GLY A 101 ? GLY A 101  . ? 1_555 ? 
20 AC1 28 GLN A 103 ? GLN A 103  . ? 1_555 ? 
21 AC1 28 CL  D .   ? CL  A 1003 . ? 1_555 ? 
22 AC1 28 LUM E .   ? LUM A 1004 . ? 1_555 ? 
23 AC1 28 HOH F .   ? HOH A 1110 . ? 1_555 ? 
24 AC1 28 HOH F .   ? HOH A 1114 . ? 1_555 ? 
25 AC1 28 HOH F .   ? HOH A 1116 . ? 1_555 ? 
26 AC1 28 HOH F .   ? HOH A 1157 . ? 1_555 ? 
27 AC1 28 HOH F .   ? HOH A 1167 . ? 1_555 ? 
28 AC1 28 HOH F .   ? HOH A 1193 . ? 1_555 ? 
29 AC2 5  HOH F .   ? HOH A 1104 . ? 1_555 ? 
30 AC2 5  HOH F .   ? HOH A 1114 . ? 1_555 ? 
31 AC2 5  HOH F .   ? HOH A 1116 . ? 1_555 ? 
32 AC2 5  HOH F .   ? HOH A 1212 . ? 1_555 ? 
33 AC2 5  HOH F .   ? HOH A 1216 . ? 1_555 ? 
34 AC3 4  ASN A 15  ? ASN A 15   . ? 1_555 ? 
35 AC3 4  ASN A 39  ? ASN A 39   . ? 1_555 ? 
36 AC3 4  ILE A 60  ? ILE A 60   . ? 1_555 ? 
37 AC3 4  FMN B .   ? FMN A 1001 . ? 1_555 ? 
38 AC4 15 VAL A 6   ? VAL A 6    . ? 1_555 ? 
39 AC4 15 THR A 8   ? THR A 8    . ? 1_555 ? 
40 AC4 15 ASN A 15  ? ASN A 15   . ? 1_555 ? 
41 AC4 15 GLY A 40  ? GLY A 40   . ? 1_555 ? 
42 AC4 15 LEU A 43  ? LEU A 43   . ? 1_555 ? 
43 AC4 15 GLN A 44  ? GLN A 44   . ? 1_555 ? 
44 AC4 15 ASN A 72  ? ASN A 72   . ? 1_555 ? 
45 AC4 15 ASN A 82  ? ASN A 82   . ? 1_555 ? 
46 AC4 15 LEU A 84  ? LEU A 84   . ? 1_555 ? 
47 AC4 15 LEU A 86  ? LEU A 86   . ? 1_555 ? 
48 AC4 15 PHE A 99  ? PHE A 99   . ? 1_555 ? 
49 AC4 15 ILE A 100 ? ILE A 100  . ? 1_555 ? 
50 AC4 15 GLY A 101 ? GLY A 101  . ? 1_555 ? 
51 AC4 15 GLN A 103 ? GLN A 103  . ? 1_555 ? 
52 AC4 15 FMN B .   ? FMN A 1001 . ? 1_555 ? 
53 AC5 17 LEU A 27  ? LEU A 27   . ? 1_555 ? 
54 AC5 17 THR A 28  ? THR A 28   . ? 1_555 ? 
55 AC5 17 GLU A 29  ? GLU A 29   . ? 1_555 ? 
56 AC5 17 LEU A 43  ? LEU A 43   . ? 1_555 ? 
57 AC5 17 GLY A 45  ? GLY A 45   . ? 1_555 ? 
58 AC5 17 PRO A 46  ? PRO A 46   . ? 1_555 ? 
59 AC5 17 GLU A 47  ? GLU A 47   . ? 1_555 ? 
60 AC5 17 ILE A 71  ? ILE A 71   . ? 1_555 ? 
61 AC5 17 ASN A 72  ? ASN A 72   . ? 1_555 ? 
62 AC5 17 LYS A 75  ? LYS A 75   . ? 1_555 ? 
63 AC5 17 SER A 76  ? SER A 76   . ? 1_555 ? 
64 AC5 17 GLY A 77  ? GLY A 77   . ? 1_555 ? 
65 AC5 17 LYS A 78  ? LYS A 78   . ? 1_555 ? 
66 AC5 17 LYS A 79  ? LYS A 79   . ? 1_555 ? 
67 AC5 17 PHE A 80  ? PHE A 80   . ? 1_555 ? 
68 AC5 17 HOH F .   ? HOH A 1126 . ? 1_555 ? 
69 AC5 17 HOH F .   ? HOH A 1133 . ? 1_555 ? 
# 
loop_
_pdbx_validate_close_contact.id 
_pdbx_validate_close_contact.PDB_model_num 
_pdbx_validate_close_contact.auth_atom_id_1 
_pdbx_validate_close_contact.auth_asym_id_1 
_pdbx_validate_close_contact.auth_comp_id_1 
_pdbx_validate_close_contact.auth_seq_id_1 
_pdbx_validate_close_contact.PDB_ins_code_1 
_pdbx_validate_close_contact.label_alt_id_1 
_pdbx_validate_close_contact.auth_atom_id_2 
_pdbx_validate_close_contact.auth_asym_id_2 
_pdbx_validate_close_contact.auth_comp_id_2 
_pdbx_validate_close_contact.auth_seq_id_2 
_pdbx_validate_close_contact.PDB_ins_code_2 
_pdbx_validate_close_contact.label_alt_id_2 
_pdbx_validate_close_contact.dist 
1 1 O   A HOH 1171 ? ? O   A HOH 1220 ? ? 2.18 
2 1 OE1 A GLN 54   ? ? NH1 A ARG 57   ? B 2.19 
# 
_pdbx_validate_rmsd_angle.id                         1 
_pdbx_validate_rmsd_angle.PDB_model_num              1 
_pdbx_validate_rmsd_angle.auth_atom_id_1             C 
_pdbx_validate_rmsd_angle.auth_asym_id_1             A 
_pdbx_validate_rmsd_angle.auth_comp_id_1             ASN 
_pdbx_validate_rmsd_angle.auth_seq_id_1              72 
_pdbx_validate_rmsd_angle.PDB_ins_code_1             ? 
_pdbx_validate_rmsd_angle.label_alt_id_1             ? 
_pdbx_validate_rmsd_angle.auth_atom_id_2             N 
_pdbx_validate_rmsd_angle.auth_asym_id_2             A 
_pdbx_validate_rmsd_angle.auth_comp_id_2             F7Q 
_pdbx_validate_rmsd_angle.auth_seq_id_2              73 
_pdbx_validate_rmsd_angle.PDB_ins_code_2             ? 
_pdbx_validate_rmsd_angle.label_alt_id_2             B 
_pdbx_validate_rmsd_angle.auth_atom_id_3             CA 
_pdbx_validate_rmsd_angle.auth_asym_id_3             A 
_pdbx_validate_rmsd_angle.auth_comp_id_3             F7Q 
_pdbx_validate_rmsd_angle.auth_seq_id_3              73 
_pdbx_validate_rmsd_angle.PDB_ins_code_3             ? 
_pdbx_validate_rmsd_angle.label_alt_id_3             B 
_pdbx_validate_rmsd_angle.angle_value                136.97 
_pdbx_validate_rmsd_angle.angle_target_value         121.70 
_pdbx_validate_rmsd_angle.angle_deviation            15.27 
_pdbx_validate_rmsd_angle.angle_standard_deviation   2.50 
_pdbx_validate_rmsd_angle.linker_flag                Y 
# 
loop_
_pdbx_validate_main_chain_plane.id 
_pdbx_validate_main_chain_plane.PDB_model_num 
_pdbx_validate_main_chain_plane.auth_comp_id 
_pdbx_validate_main_chain_plane.auth_asym_id 
_pdbx_validate_main_chain_plane.auth_seq_id 
_pdbx_validate_main_chain_plane.PDB_ins_code 
_pdbx_validate_main_chain_plane.label_alt_id 
_pdbx_validate_main_chain_plane.improper_torsion_angle 
1 1 F7Q A 73 ? B -12.85 
2 1 PHE A 80 ? ? 12.19  
# 
loop_
_pdbx_struct_mod_residue.id 
_pdbx_struct_mod_residue.label_asym_id 
_pdbx_struct_mod_residue.label_comp_id 
_pdbx_struct_mod_residue.label_seq_id 
_pdbx_struct_mod_residue.auth_asym_id 
_pdbx_struct_mod_residue.auth_comp_id 
_pdbx_struct_mod_residue.auth_seq_id 
_pdbx_struct_mod_residue.PDB_ins_code 
_pdbx_struct_mod_residue.parent_comp_id 
_pdbx_struct_mod_residue.details 
1 A NFK 81 A NFK 81 ? TRP 'modified residue' 
2 A HOO 85 A HOO 85 ? HIS 'modified residue' 
# 
loop_
_pdbx_distant_solvent_atoms.id 
_pdbx_distant_solvent_atoms.PDB_model_num 
_pdbx_distant_solvent_atoms.auth_atom_id 
_pdbx_distant_solvent_atoms.label_alt_id 
_pdbx_distant_solvent_atoms.auth_asym_id 
_pdbx_distant_solvent_atoms.auth_comp_id 
_pdbx_distant_solvent_atoms.auth_seq_id 
_pdbx_distant_solvent_atoms.PDB_ins_code 
_pdbx_distant_solvent_atoms.neighbor_macromolecule_distance 
_pdbx_distant_solvent_atoms.neighbor_ligand_distance 
1 1 O ? A HOH 1225 ? 6.86 . 
2 1 O ? A HOH 1226 ? 7.50 . 
# 
loop_
_pdbx_unobs_or_zero_occ_residues.id 
_pdbx_unobs_or_zero_occ_residues.PDB_model_num 
_pdbx_unobs_or_zero_occ_residues.polymer_flag 
_pdbx_unobs_or_zero_occ_residues.occupancy_flag 
_pdbx_unobs_or_zero_occ_residues.auth_asym_id 
_pdbx_unobs_or_zero_occ_residues.auth_comp_id 
_pdbx_unobs_or_zero_occ_residues.auth_seq_id 
_pdbx_unobs_or_zero_occ_residues.PDB_ins_code 
_pdbx_unobs_or_zero_occ_residues.label_asym_id 
_pdbx_unobs_or_zero_occ_residues.label_comp_id 
_pdbx_unobs_or_zero_occ_residues.label_seq_id 
1 1 Y 1 A PRO 110 ? A PRO 110 
2 1 Y 1 A ASN 111 ? A ASN 111 
3 1 Y 1 A PRO 112 ? A PRO 112 
4 1 Y 1 A LEU 113 ? A LEU 113 
5 1 Y 1 A LEU 114 ? A LEU 114 
6 1 Y 1 A GLY 115 ? A GLY 115 
# 
loop_
_chem_comp_atom.comp_id 
_chem_comp_atom.atom_id 
_chem_comp_atom.type_symbol 
_chem_comp_atom.pdbx_aromatic_flag 
_chem_comp_atom.pdbx_stereo_config 
_chem_comp_atom.pdbx_ordinal 
ALA N      N  N N 1   
ALA CA     C  N S 2   
ALA C      C  N N 3   
ALA O      O  N N 4   
ALA CB     C  N N 5   
ALA OXT    O  N N 6   
ALA H      H  N N 7   
ALA H2     H  N N 8   
ALA HA     H  N N 9   
ALA HB1    H  N N 10  
ALA HB2    H  N N 11  
ALA HB3    H  N N 12  
ALA HXT    H  N N 13  
ARG N      N  N N 14  
ARG CA     C  N S 15  
ARG C      C  N N 16  
ARG O      O  N N 17  
ARG CB     C  N N 18  
ARG CG     C  N N 19  
ARG CD     C  N N 20  
ARG NE     N  N N 21  
ARG CZ     C  N N 22  
ARG NH1    N  N N 23  
ARG NH2    N  N N 24  
ARG OXT    O  N N 25  
ARG H      H  N N 26  
ARG H2     H  N N 27  
ARG HA     H  N N 28  
ARG HB2    H  N N 29  
ARG HB3    H  N N 30  
ARG HG2    H  N N 31  
ARG HG3    H  N N 32  
ARG HD2    H  N N 33  
ARG HD3    H  N N 34  
ARG HE     H  N N 35  
ARG HH11   H  N N 36  
ARG HH12   H  N N 37  
ARG HH21   H  N N 38  
ARG HH22   H  N N 39  
ARG HXT    H  N N 40  
ASN N      N  N N 41  
ASN CA     C  N S 42  
ASN C      C  N N 43  
ASN O      O  N N 44  
ASN CB     C  N N 45  
ASN CG     C  N N 46  
ASN OD1    O  N N 47  
ASN ND2    N  N N 48  
ASN OXT    O  N N 49  
ASN H      H  N N 50  
ASN H2     H  N N 51  
ASN HA     H  N N 52  
ASN HB2    H  N N 53  
ASN HB3    H  N N 54  
ASN HD21   H  N N 55  
ASN HD22   H  N N 56  
ASN HXT    H  N N 57  
ASP N      N  N N 58  
ASP CA     C  N S 59  
ASP C      C  N N 60  
ASP O      O  N N 61  
ASP CB     C  N N 62  
ASP CG     C  N N 63  
ASP OD1    O  N N 64  
ASP OD2    O  N N 65  
ASP OXT    O  N N 66  
ASP H      H  N N 67  
ASP H2     H  N N 68  
ASP HA     H  N N 69  
ASP HB2    H  N N 70  
ASP HB3    H  N N 71  
ASP HD2    H  N N 72  
ASP HXT    H  N N 73  
CL  CL     CL N N 74  
CYS N      N  N N 75  
CYS CA     C  N R 76  
CYS C      C  N N 77  
CYS O      O  N N 78  
CYS CB     C  N N 79  
CYS SG     S  N N 80  
CYS OXT    O  N N 81  
CYS H      H  N N 82  
CYS H2     H  N N 83  
CYS HA     H  N N 84  
CYS HB2    H  N N 85  
CYS HB3    H  N N 86  
CYS HG     H  N N 87  
CYS HXT    H  N N 88  
F7Q C      C  N N 89  
F7Q O      O  N N 90  
F7Q CA     C  N S 91  
F7Q N      N  N N 92  
F7Q CB     C  N N 93  
F7Q CAG    C  N N 94  
F7Q OAA    O  N N 95  
F7Q OAB    O  N N 96  
F7Q CAJ    C  N N 97  
F7Q CAM    C  N N 98  
F7Q CAO    C  N N 99  
F7Q OAE    O  N N 100 
F7Q CAL    C  N N 101 
F7Q CAK    C  N N 102 
F7Q H2     H  N N 103 
F7Q H3     H  N N 104 
F7Q H4     H  N N 105 
F7Q H6     H  N N 106 
F7Q H7     H  N N 107 
F7Q H8     H  N N 108 
F7Q H9     H  N N 109 
F7Q H10    H  N N 110 
F7Q H11    H  N N 111 
F7Q H12    H  N N 112 
F7Q OXT    O  N N 113 
F7Q HXT    H  N N 114 
FMN N1     N  N N 115 
FMN C2     C  N N 116 
FMN O2     O  N N 117 
FMN N3     N  N N 118 
FMN C4     C  N N 119 
FMN O4     O  N N 120 
FMN C4A    C  N N 121 
FMN N5     N  N N 122 
FMN C5A    C  Y N 123 
FMN C6     C  Y N 124 
FMN C7     C  Y N 125 
FMN C7M    C  N N 126 
FMN C8     C  Y N 127 
FMN C8M    C  N N 128 
FMN C9     C  Y N 129 
FMN C9A    C  Y N 130 
FMN N10    N  N N 131 
FMN C10    C  N N 132 
FMN "C1'"  C  N N 133 
FMN "C2'"  C  N S 134 
FMN "O2'"  O  N N 135 
FMN "C3'"  C  N S 136 
FMN "O3'"  O  N N 137 
FMN "C4'"  C  N R 138 
FMN "O4'"  O  N N 139 
FMN "C5'"  C  N N 140 
FMN "O5'"  O  N N 141 
FMN P      P  N N 142 
FMN O1P    O  N N 143 
FMN O2P    O  N N 144 
FMN O3P    O  N N 145 
FMN HN3    H  N N 146 
FMN H6     H  N N 147 
FMN HM71   H  N N 148 
FMN HM72   H  N N 149 
FMN HM73   H  N N 150 
FMN HM81   H  N N 151 
FMN HM82   H  N N 152 
FMN HM83   H  N N 153 
FMN H9     H  N N 154 
FMN "H1'1" H  N N 155 
FMN "H1'2" H  N N 156 
FMN "H2'"  H  N N 157 
FMN "HO2'" H  N N 158 
FMN "H3'"  H  N N 159 
FMN "HO3'" H  N N 160 
FMN "H4'"  H  N N 161 
FMN "HO4'" H  N N 162 
FMN "H5'1" H  N N 163 
FMN "H5'2" H  N N 164 
FMN HOP2   H  N N 165 
FMN HOP3   H  N N 166 
GLN N      N  N N 167 
GLN CA     C  N S 168 
GLN C      C  N N 169 
GLN O      O  N N 170 
GLN CB     C  N N 171 
GLN CG     C  N N 172 
GLN CD     C  N N 173 
GLN OE1    O  N N 174 
GLN NE2    N  N N 175 
GLN OXT    O  N N 176 
GLN H      H  N N 177 
GLN H2     H  N N 178 
GLN HA     H  N N 179 
GLN HB2    H  N N 180 
GLN HB3    H  N N 181 
GLN HG2    H  N N 182 
GLN HG3    H  N N 183 
GLN HE21   H  N N 184 
GLN HE22   H  N N 185 
GLN HXT    H  N N 186 
GLU N      N  N N 187 
GLU CA     C  N S 188 
GLU C      C  N N 189 
GLU O      O  N N 190 
GLU CB     C  N N 191 
GLU CG     C  N N 192 
GLU CD     C  N N 193 
GLU OE1    O  N N 194 
GLU OE2    O  N N 195 
GLU OXT    O  N N 196 
GLU H      H  N N 197 
GLU H2     H  N N 198 
GLU HA     H  N N 199 
GLU HB2    H  N N 200 
GLU HB3    H  N N 201 
GLU HG2    H  N N 202 
GLU HG3    H  N N 203 
GLU HE2    H  N N 204 
GLU HXT    H  N N 205 
GLY N      N  N N 206 
GLY CA     C  N N 207 
GLY C      C  N N 208 
GLY O      O  N N 209 
GLY OXT    O  N N 210 
GLY H      H  N N 211 
GLY H2     H  N N 212 
GLY HA2    H  N N 213 
GLY HA3    H  N N 214 
GLY HXT    H  N N 215 
HIS N      N  N N 216 
HIS CA     C  N S 217 
HIS C      C  N N 218 
HIS O      O  N N 219 
HIS CB     C  N N 220 
HIS CG     C  Y N 221 
HIS ND1    N  Y N 222 
HIS CD2    C  Y N 223 
HIS CE1    C  Y N 224 
HIS NE2    N  Y N 225 
HIS OXT    O  N N 226 
HIS H      H  N N 227 
HIS H2     H  N N 228 
HIS HA     H  N N 229 
HIS HB2    H  N N 230 
HIS HB3    H  N N 231 
HIS HD1    H  N N 232 
HIS HD2    H  N N 233 
HIS HE1    H  N N 234 
HIS HE2    H  N N 235 
HIS HXT    H  N N 236 
HOH O      O  N N 237 
HOH H1     H  N N 238 
HOH H2     H  N N 239 
HOO C      C  N N 240 
HOO O      O  N N 241 
HOO N      N  N N 242 
HOO CA     C  N S 243 
HOO CB     C  N N 244 
HOO CG     C  N N 245 
HOO ND1    N  N N 246 
HOO CE1    C  N N 247 
HOO OAG    O  N N 248 
HOO NE2    N  N N 249 
HOO CD2    C  N N 250 
HOO OAM    O  N N 251 
HOO H      H  N N 252 
HOO H2     H  N N 253 
HOO HA     H  N N 254 
HOO H8     H  N N 255 
HOO H9     H  N N 256 
HOO H10    H  N N 257 
HOO OXT    O  N N 258 
HOO HXT    H  N N 259 
ILE N      N  N N 260 
ILE CA     C  N S 261 
ILE C      C  N N 262 
ILE O      O  N N 263 
ILE CB     C  N S 264 
ILE CG1    C  N N 265 
ILE CG2    C  N N 266 
ILE CD1    C  N N 267 
ILE OXT    O  N N 268 
ILE H      H  N N 269 
ILE H2     H  N N 270 
ILE HA     H  N N 271 
ILE HB     H  N N 272 
ILE HG12   H  N N 273 
ILE HG13   H  N N 274 
ILE HG21   H  N N 275 
ILE HG22   H  N N 276 
ILE HG23   H  N N 277 
ILE HD11   H  N N 278 
ILE HD12   H  N N 279 
ILE HD13   H  N N 280 
ILE HXT    H  N N 281 
LEU N      N  N N 282 
LEU CA     C  N S 283 
LEU C      C  N N 284 
LEU O      O  N N 285 
LEU CB     C  N N 286 
LEU CG     C  N N 287 
LEU CD1    C  N N 288 
LEU CD2    C  N N 289 
LEU OXT    O  N N 290 
LEU H      H  N N 291 
LEU H2     H  N N 292 
LEU HA     H  N N 293 
LEU HB2    H  N N 294 
LEU HB3    H  N N 295 
LEU HG     H  N N 296 
LEU HD11   H  N N 297 
LEU HD12   H  N N 298 
LEU HD13   H  N N 299 
LEU HD21   H  N N 300 
LEU HD22   H  N N 301 
LEU HD23   H  N N 302 
LEU HXT    H  N N 303 
LUM N1     N  Y N 304 
LUM C2     C  Y N 305 
LUM C10    C  Y N 306 
LUM O2     O  N N 307 
LUM N3     N  Y N 308 
LUM C4     C  Y N 309 
LUM O4     O  N N 310 
LUM C4A    C  Y N 311 
LUM N5     N  Y N 312 
LUM C5A    C  Y N 313 
LUM C6     C  Y N 314 
LUM C9A    C  Y N 315 
LUM C7     C  Y N 316 
LUM C7M    C  N N 317 
LUM C8     C  Y N 318 
LUM C8M    C  N N 319 
LUM C9     C  Y N 320 
LUM N10    N  Y N 321 
LUM HN1    H  N N 322 
LUM HN3    H  N N 323 
LUM HC6    H  N N 324 
LUM H7M1   H  N N 325 
LUM H7M2   H  N N 326 
LUM H7M3   H  N N 327 
LUM H8M1   H  N N 328 
LUM H8M2   H  N N 329 
LUM H8M3   H  N N 330 
LUM HC9    H  N N 331 
LYS N      N  N N 332 
LYS CA     C  N S 333 
LYS C      C  N N 334 
LYS O      O  N N 335 
LYS CB     C  N N 336 
LYS CG     C  N N 337 
LYS CD     C  N N 338 
LYS CE     C  N N 339 
LYS NZ     N  N N 340 
LYS OXT    O  N N 341 
LYS H      H  N N 342 
LYS H2     H  N N 343 
LYS HA     H  N N 344 
LYS HB2    H  N N 345 
LYS HB3    H  N N 346 
LYS HG2    H  N N 347 
LYS HG3    H  N N 348 
LYS HD2    H  N N 349 
LYS HD3    H  N N 350 
LYS HE2    H  N N 351 
LYS HE3    H  N N 352 
LYS HZ1    H  N N 353 
LYS HZ2    H  N N 354 
LYS HZ3    H  N N 355 
LYS HXT    H  N N 356 
MET N      N  N N 357 
MET CA     C  N S 358 
MET C      C  N N 359 
MET O      O  N N 360 
MET CB     C  N N 361 
MET CG     C  N N 362 
MET SD     S  N N 363 
MET CE     C  N N 364 
MET OXT    O  N N 365 
MET H      H  N N 366 
MET H2     H  N N 367 
MET HA     H  N N 368 
MET HB2    H  N N 369 
MET HB3    H  N N 370 
MET HG2    H  N N 371 
MET HG3    H  N N 372 
MET HE1    H  N N 373 
MET HE2    H  N N 374 
MET HE3    H  N N 375 
MET HXT    H  N N 376 
MG  MG     MG N N 377 
NFK O      O  N N 378 
NFK C      C  N N 379 
NFK OXT    O  N N 380 
NFK CA     C  N S 381 
NFK N      N  N N 382 
NFK CB     C  N N 383 
NFK CG     C  N N 384 
NFK OD1    O  N N 385 
NFK CD2    C  Y N 386 
NFK CAJ    C  Y N 387 
NFK CAH    C  Y N 388 
NFK CAG    C  Y N 389 
NFK CAI    C  Y N 390 
NFK CAO    C  Y N 391 
NFK NAL    N  N N 392 
NFK CAF    C  N N 393 
NFK OAB    O  N N 394 
NFK HXT    H  N N 395 
NFK HA     H  N N 396 
NFK H      H  N N 397 
NFK H2     H  N N 398 
NFK H6     H  N N 399 
NFK H7     H  N N 400 
NFK H8     H  N N 401 
NFK H9     H  N N 402 
NFK H10    H  N N 403 
NFK H11    H  N N 404 
NFK H12    H  N N 405 
NFK H13    H  N N 406 
OHI CE1    C  N N 407 
OHI ND1    N  N N 408 
OHI NE2    N  N N 409 
OHI CD2    C  N N 410 
OHI CG     C  N N 411 
OHI CB     C  N N 412 
OHI CA     C  N S 413 
OHI N      N  N N 414 
OHI C      C  N N 415 
OHI O      O  N N 416 
OHI OXT    O  N N 417 
OHI O12    O  N N 418 
OHI HD2    H  N N 419 
OHI HB1    H  N N 420 
OHI HB2    H  N N 421 
OHI HA     H  N N 422 
OHI H      H  N N 423 
OHI H2     H  N N 424 
OHI HXT    H  N N 425 
PHE N      N  N N 426 
PHE CA     C  N S 427 
PHE C      C  N N 428 
PHE O      O  N N 429 
PHE CB     C  N N 430 
PHE CG     C  Y N 431 
PHE CD1    C  Y N 432 
PHE CD2    C  Y N 433 
PHE CE1    C  Y N 434 
PHE CE2    C  Y N 435 
PHE CZ     C  Y N 436 
PHE OXT    O  N N 437 
PHE H      H  N N 438 
PHE H2     H  N N 439 
PHE HA     H  N N 440 
PHE HB2    H  N N 441 
PHE HB3    H  N N 442 
PHE HD1    H  N N 443 
PHE HD2    H  N N 444 
PHE HE1    H  N N 445 
PHE HE2    H  N N 446 
PHE HZ     H  N N 447 
PHE HXT    H  N N 448 
PRO N      N  N N 449 
PRO CA     C  N S 450 
PRO C      C  N N 451 
PRO O      O  N N 452 
PRO CB     C  N N 453 
PRO CG     C  N N 454 
PRO CD     C  N N 455 
PRO OXT    O  N N 456 
PRO H      H  N N 457 
PRO HA     H  N N 458 
PRO HB2    H  N N 459 
PRO HB3    H  N N 460 
PRO HG2    H  N N 461 
PRO HG3    H  N N 462 
PRO HD2    H  N N 463 
PRO HD3    H  N N 464 
PRO HXT    H  N N 465 
SER N      N  N N 466 
SER CA     C  N S 467 
SER C      C  N N 468 
SER O      O  N N 469 
SER CB     C  N N 470 
SER OG     O  N N 471 
SER OXT    O  N N 472 
SER H      H  N N 473 
SER H2     H  N N 474 
SER HA     H  N N 475 
SER HB2    H  N N 476 
SER HB3    H  N N 477 
SER HG     H  N N 478 
SER HXT    H  N N 479 
THR N      N  N N 480 
THR CA     C  N S 481 
THR C      C  N N 482 
THR O      O  N N 483 
THR CB     C  N R 484 
THR OG1    O  N N 485 
THR CG2    C  N N 486 
THR OXT    O  N N 487 
THR H      H  N N 488 
THR H2     H  N N 489 
THR HA     H  N N 490 
THR HB     H  N N 491 
THR HG1    H  N N 492 
THR HG21   H  N N 493 
THR HG22   H  N N 494 
THR HG23   H  N N 495 
THR HXT    H  N N 496 
TYR N      N  N N 497 
TYR CA     C  N S 498 
TYR C      C  N N 499 
TYR O      O  N N 500 
TYR CB     C  N N 501 
TYR CG     C  Y N 502 
TYR CD1    C  Y N 503 
TYR CD2    C  Y N 504 
TYR CE1    C  Y N 505 
TYR CE2    C  Y N 506 
TYR CZ     C  Y N 507 
TYR OH     O  N N 508 
TYR OXT    O  N N 509 
TYR H      H  N N 510 
TYR H2     H  N N 511 
TYR HA     H  N N 512 
TYR HB2    H  N N 513 
TYR HB3    H  N N 514 
TYR HD1    H  N N 515 
TYR HD2    H  N N 516 
TYR HE1    H  N N 517 
TYR HE2    H  N N 518 
TYR HH     H  N N 519 
TYR HXT    H  N N 520 
VAL N      N  N N 521 
VAL CA     C  N S 522 
VAL C      C  N N 523 
VAL O      O  N N 524 
VAL CB     C  N N 525 
VAL CG1    C  N N 526 
VAL CG2    C  N N 527 
VAL OXT    O  N N 528 
VAL H      H  N N 529 
VAL H2     H  N N 530 
VAL HA     H  N N 531 
VAL HB     H  N N 532 
VAL HG11   H  N N 533 
VAL HG12   H  N N 534 
VAL HG13   H  N N 535 
VAL HG21   H  N N 536 
VAL HG22   H  N N 537 
VAL HG23   H  N N 538 
VAL HXT    H  N N 539 
# 
loop_
_chem_comp_bond.comp_id 
_chem_comp_bond.atom_id_1 
_chem_comp_bond.atom_id_2 
_chem_comp_bond.value_order 
_chem_comp_bond.pdbx_aromatic_flag 
_chem_comp_bond.pdbx_stereo_config 
_chem_comp_bond.pdbx_ordinal 
ALA N     CA     sing N N 1   
ALA N     H      sing N N 2   
ALA N     H2     sing N N 3   
ALA CA    C      sing N N 4   
ALA CA    CB     sing N N 5   
ALA CA    HA     sing N N 6   
ALA C     O      doub N N 7   
ALA C     OXT    sing N N 8   
ALA CB    HB1    sing N N 9   
ALA CB    HB2    sing N N 10  
ALA CB    HB3    sing N N 11  
ALA OXT   HXT    sing N N 12  
ARG N     CA     sing N N 13  
ARG N     H      sing N N 14  
ARG N     H2     sing N N 15  
ARG CA    C      sing N N 16  
ARG CA    CB     sing N N 17  
ARG CA    HA     sing N N 18  
ARG C     O      doub N N 19  
ARG C     OXT    sing N N 20  
ARG CB    CG     sing N N 21  
ARG CB    HB2    sing N N 22  
ARG CB    HB3    sing N N 23  
ARG CG    CD     sing N N 24  
ARG CG    HG2    sing N N 25  
ARG CG    HG3    sing N N 26  
ARG CD    NE     sing N N 27  
ARG CD    HD2    sing N N 28  
ARG CD    HD3    sing N N 29  
ARG NE    CZ     sing N N 30  
ARG NE    HE     sing N N 31  
ARG CZ    NH1    sing N N 32  
ARG CZ    NH2    doub N N 33  
ARG NH1   HH11   sing N N 34  
ARG NH1   HH12   sing N N 35  
ARG NH2   HH21   sing N N 36  
ARG NH2   HH22   sing N N 37  
ARG OXT   HXT    sing N N 38  
ASN N     CA     sing N N 39  
ASN N     H      sing N N 40  
ASN N     H2     sing N N 41  
ASN CA    C      sing N N 42  
ASN CA    CB     sing N N 43  
ASN CA    HA     sing N N 44  
ASN C     O      doub N N 45  
ASN C     OXT    sing N N 46  
ASN CB    CG     sing N N 47  
ASN CB    HB2    sing N N 48  
ASN CB    HB3    sing N N 49  
ASN CG    OD1    doub N N 50  
ASN CG    ND2    sing N N 51  
ASN ND2   HD21   sing N N 52  
ASN ND2   HD22   sing N N 53  
ASN OXT   HXT    sing N N 54  
ASP N     CA     sing N N 55  
ASP N     H      sing N N 56  
ASP N     H2     sing N N 57  
ASP CA    C      sing N N 58  
ASP CA    CB     sing N N 59  
ASP CA    HA     sing N N 60  
ASP C     O      doub N N 61  
ASP C     OXT    sing N N 62  
ASP CB    CG     sing N N 63  
ASP CB    HB2    sing N N 64  
ASP CB    HB3    sing N N 65  
ASP CG    OD1    doub N N 66  
ASP CG    OD2    sing N N 67  
ASP OD2   HD2    sing N N 68  
ASP OXT   HXT    sing N N 69  
CYS N     CA     sing N N 70  
CYS N     H      sing N N 71  
CYS N     H2     sing N N 72  
CYS CA    C      sing N N 73  
CYS CA    CB     sing N N 74  
CYS CA    HA     sing N N 75  
CYS C     O      doub N N 76  
CYS C     OXT    sing N N 77  
CYS CB    SG     sing N N 78  
CYS CB    HB2    sing N N 79  
CYS CB    HB3    sing N N 80  
CYS SG    HG     sing N N 81  
CYS OXT   HXT    sing N N 82  
F7Q C     O      doub N N 83  
F7Q C     CA     sing N N 84  
F7Q CAK   CAL    doub N N 85  
F7Q CAK   CAG    sing N N 86  
F7Q CAL   CAO    sing N N 87  
F7Q CA    CB     sing N N 88  
F7Q CA    N      sing N N 89  
F7Q CB    CAG    sing N N 90  
F7Q CAG   OAA    sing N N 91  
F7Q CAG   CAJ    sing N N 92  
F7Q OAA   OAB    sing N N 93  
F7Q CAO   OAE    doub N N 94  
F7Q CAO   CAM    sing N N 95  
F7Q CAJ   CAM    doub N N 96  
F7Q CA    H2     sing N N 97  
F7Q N     H3     sing N N 98  
F7Q N     H4     sing N N 99  
F7Q CB    H6     sing N N 100 
F7Q CB    H7     sing N N 101 
F7Q OAB   H8     sing N N 102 
F7Q CAJ   H9     sing N N 103 
F7Q CAM   H10    sing N N 104 
F7Q CAL   H11    sing N N 105 
F7Q CAK   H12    sing N N 106 
F7Q C     OXT    sing N N 107 
F7Q OXT   HXT    sing N N 108 
FMN N1    C2     sing N N 109 
FMN N1    C10    doub N N 110 
FMN C2    O2     doub N N 111 
FMN C2    N3     sing N N 112 
FMN N3    C4     sing N N 113 
FMN N3    HN3    sing N N 114 
FMN C4    O4     doub N N 115 
FMN C4    C4A    sing N N 116 
FMN C4A   N5     doub N N 117 
FMN C4A   C10    sing N N 118 
FMN N5    C5A    sing N N 119 
FMN C5A   C6     doub Y N 120 
FMN C5A   C9A    sing Y N 121 
FMN C6    C7     sing Y N 122 
FMN C6    H6     sing N N 123 
FMN C7    C7M    sing N N 124 
FMN C7    C8     doub Y N 125 
FMN C7M   HM71   sing N N 126 
FMN C7M   HM72   sing N N 127 
FMN C7M   HM73   sing N N 128 
FMN C8    C8M    sing N N 129 
FMN C8    C9     sing Y N 130 
FMN C8M   HM81   sing N N 131 
FMN C8M   HM82   sing N N 132 
FMN C8M   HM83   sing N N 133 
FMN C9    C9A    doub Y N 134 
FMN C9    H9     sing N N 135 
FMN C9A   N10    sing N N 136 
FMN N10   C10    sing N N 137 
FMN N10   "C1'"  sing N N 138 
FMN "C1'" "C2'"  sing N N 139 
FMN "C1'" "H1'1" sing N N 140 
FMN "C1'" "H1'2" sing N N 141 
FMN "C2'" "O2'"  sing N N 142 
FMN "C2'" "C3'"  sing N N 143 
FMN "C2'" "H2'"  sing N N 144 
FMN "O2'" "HO2'" sing N N 145 
FMN "C3'" "O3'"  sing N N 146 
FMN "C3'" "C4'"  sing N N 147 
FMN "C3'" "H3'"  sing N N 148 
FMN "O3'" "HO3'" sing N N 149 
FMN "C4'" "O4'"  sing N N 150 
FMN "C4'" "C5'"  sing N N 151 
FMN "C4'" "H4'"  sing N N 152 
FMN "O4'" "HO4'" sing N N 153 
FMN "C5'" "O5'"  sing N N 154 
FMN "C5'" "H5'1" sing N N 155 
FMN "C5'" "H5'2" sing N N 156 
FMN "O5'" P      sing N N 157 
FMN P     O1P    doub N N 158 
FMN P     O2P    sing N N 159 
FMN P     O3P    sing N N 160 
FMN O2P   HOP2   sing N N 161 
FMN O3P   HOP3   sing N N 162 
GLN N     CA     sing N N 163 
GLN N     H      sing N N 164 
GLN N     H2     sing N N 165 
GLN CA    C      sing N N 166 
GLN CA    CB     sing N N 167 
GLN CA    HA     sing N N 168 
GLN C     O      doub N N 169 
GLN C     OXT    sing N N 170 
GLN CB    CG     sing N N 171 
GLN CB    HB2    sing N N 172 
GLN CB    HB3    sing N N 173 
GLN CG    CD     sing N N 174 
GLN CG    HG2    sing N N 175 
GLN CG    HG3    sing N N 176 
GLN CD    OE1    doub N N 177 
GLN CD    NE2    sing N N 178 
GLN NE2   HE21   sing N N 179 
GLN NE2   HE22   sing N N 180 
GLN OXT   HXT    sing N N 181 
GLU N     CA     sing N N 182 
GLU N     H      sing N N 183 
GLU N     H2     sing N N 184 
GLU CA    C      sing N N 185 
GLU CA    CB     sing N N 186 
GLU CA    HA     sing N N 187 
GLU C     O      doub N N 188 
GLU C     OXT    sing N N 189 
GLU CB    CG     sing N N 190 
GLU CB    HB2    sing N N 191 
GLU CB    HB3    sing N N 192 
GLU CG    CD     sing N N 193 
GLU CG    HG2    sing N N 194 
GLU CG    HG3    sing N N 195 
GLU CD    OE1    doub N N 196 
GLU CD    OE2    sing N N 197 
GLU OE2   HE2    sing N N 198 
GLU OXT   HXT    sing N N 199 
GLY N     CA     sing N N 200 
GLY N     H      sing N N 201 
GLY N     H2     sing N N 202 
GLY CA    C      sing N N 203 
GLY CA    HA2    sing N N 204 
GLY CA    HA3    sing N N 205 
GLY C     O      doub N N 206 
GLY C     OXT    sing N N 207 
GLY OXT   HXT    sing N N 208 
HIS N     CA     sing N N 209 
HIS N     H      sing N N 210 
HIS N     H2     sing N N 211 
HIS CA    C      sing N N 212 
HIS CA    CB     sing N N 213 
HIS CA    HA     sing N N 214 
HIS C     O      doub N N 215 
HIS C     OXT    sing N N 216 
HIS CB    CG     sing N N 217 
HIS CB    HB2    sing N N 218 
HIS CB    HB3    sing N N 219 
HIS CG    ND1    sing Y N 220 
HIS CG    CD2    doub Y N 221 
HIS ND1   CE1    doub Y N 222 
HIS ND1   HD1    sing N N 223 
HIS CD2   NE2    sing Y N 224 
HIS CD2   HD2    sing N N 225 
HIS CE1   NE2    sing Y N 226 
HIS CE1   HE1    sing N N 227 
HIS NE2   HE2    sing N N 228 
HIS OXT   HXT    sing N N 229 
HOH O     H1     sing N N 230 
HOH O     H2     sing N N 231 
HOO OAM   CD2    doub N N 232 
HOO N     CA     sing N N 233 
HOO CB    CG     sing N N 234 
HOO CB    CA     sing N N 235 
HOO CD2   CG     sing N N 236 
HOO CD2   NE2    sing N N 237 
HOO CG    ND1    doub N N 238 
HOO NE2   CE1    sing N N 239 
HOO CA    C      sing N N 240 
HOO O     C      doub N N 241 
HOO ND1   CE1    sing N N 242 
HOO CE1   OAG    doub N N 243 
HOO N     H      sing N N 244 
HOO N     H2     sing N N 245 
HOO CA    HA     sing N N 246 
HOO CB    H8     sing N N 247 
HOO CB    H9     sing N N 248 
HOO NE2   H10    sing N N 249 
HOO C     OXT    sing N N 250 
HOO OXT   HXT    sing N N 251 
ILE N     CA     sing N N 252 
ILE N     H      sing N N 253 
ILE N     H2     sing N N 254 
ILE CA    C      sing N N 255 
ILE CA    CB     sing N N 256 
ILE CA    HA     sing N N 257 
ILE C     O      doub N N 258 
ILE C     OXT    sing N N 259 
ILE CB    CG1    sing N N 260 
ILE CB    CG2    sing N N 261 
ILE CB    HB     sing N N 262 
ILE CG1   CD1    sing N N 263 
ILE CG1   HG12   sing N N 264 
ILE CG1   HG13   sing N N 265 
ILE CG2   HG21   sing N N 266 
ILE CG2   HG22   sing N N 267 
ILE CG2   HG23   sing N N 268 
ILE CD1   HD11   sing N N 269 
ILE CD1   HD12   sing N N 270 
ILE CD1   HD13   sing N N 271 
ILE OXT   HXT    sing N N 272 
LEU N     CA     sing N N 273 
LEU N     H      sing N N 274 
LEU N     H2     sing N N 275 
LEU CA    C      sing N N 276 
LEU CA    CB     sing N N 277 
LEU CA    HA     sing N N 278 
LEU C     O      doub N N 279 
LEU C     OXT    sing N N 280 
LEU CB    CG     sing N N 281 
LEU CB    HB2    sing N N 282 
LEU CB    HB3    sing N N 283 
LEU CG    CD1    sing N N 284 
LEU CG    CD2    sing N N 285 
LEU CG    HG     sing N N 286 
LEU CD1   HD11   sing N N 287 
LEU CD1   HD12   sing N N 288 
LEU CD1   HD13   sing N N 289 
LEU CD2   HD21   sing N N 290 
LEU CD2   HD22   sing N N 291 
LEU CD2   HD23   sing N N 292 
LEU OXT   HXT    sing N N 293 
LUM N1    C2     sing Y N 294 
LUM N1    C10    sing Y N 295 
LUM N1    HN1    sing N N 296 
LUM C2    O2     doub N N 297 
LUM C2    N3     sing Y N 298 
LUM C10   C4A    doub Y N 299 
LUM C10   N10    sing Y N 300 
LUM N3    C4     sing Y N 301 
LUM N3    HN3    sing N N 302 
LUM C4    O4     doub N N 303 
LUM C4    C4A    sing Y N 304 
LUM C4A   N5     sing Y N 305 
LUM N5    C5A    doub Y N 306 
LUM C5A   C6     sing Y N 307 
LUM C5A   C9A    sing Y N 308 
LUM C6    C7     doub Y N 309 
LUM C6    HC6    sing N N 310 
LUM C9A   C9     sing Y N 311 
LUM C9A   N10    doub Y N 312 
LUM C7    C7M    sing N N 313 
LUM C7    C8     sing Y N 314 
LUM C7M   H7M1   sing N N 315 
LUM C7M   H7M2   sing N N 316 
LUM C7M   H7M3   sing N N 317 
LUM C8    C8M    sing N N 318 
LUM C8    C9     doub Y N 319 
LUM C8M   H8M1   sing N N 320 
LUM C8M   H8M2   sing N N 321 
LUM C8M   H8M3   sing N N 322 
LUM C9    HC9    sing N N 323 
LYS N     CA     sing N N 324 
LYS N     H      sing N N 325 
LYS N     H2     sing N N 326 
LYS CA    C      sing N N 327 
LYS CA    CB     sing N N 328 
LYS CA    HA     sing N N 329 
LYS C     O      doub N N 330 
LYS C     OXT    sing N N 331 
LYS CB    CG     sing N N 332 
LYS CB    HB2    sing N N 333 
LYS CB    HB3    sing N N 334 
LYS CG    CD     sing N N 335 
LYS CG    HG2    sing N N 336 
LYS CG    HG3    sing N N 337 
LYS CD    CE     sing N N 338 
LYS CD    HD2    sing N N 339 
LYS CD    HD3    sing N N 340 
LYS CE    NZ     sing N N 341 
LYS CE    HE2    sing N N 342 
LYS CE    HE3    sing N N 343 
LYS NZ    HZ1    sing N N 344 
LYS NZ    HZ2    sing N N 345 
LYS NZ    HZ3    sing N N 346 
LYS OXT   HXT    sing N N 347 
MET N     CA     sing N N 348 
MET N     H      sing N N 349 
MET N     H2     sing N N 350 
MET CA    C      sing N N 351 
MET CA    CB     sing N N 352 
MET CA    HA     sing N N 353 
MET C     O      doub N N 354 
MET C     OXT    sing N N 355 
MET CB    CG     sing N N 356 
MET CB    HB2    sing N N 357 
MET CB    HB3    sing N N 358 
MET CG    SD     sing N N 359 
MET CG    HG2    sing N N 360 
MET CG    HG3    sing N N 361 
MET SD    CE     sing N N 362 
MET CE    HE1    sing N N 363 
MET CE    HE2    sing N N 364 
MET CE    HE3    sing N N 365 
MET OXT   HXT    sing N N 366 
NFK O     C      doub N N 367 
NFK C     OXT    sing N N 368 
NFK C     CA     sing N N 369 
NFK OD1   CG     doub N N 370 
NFK CA    CB     sing N N 371 
NFK CA    N      sing N N 372 
NFK CG    CB     sing N N 373 
NFK CG    CD2    sing N N 374 
NFK CD2   CAJ    doub Y N 375 
NFK CD2   CAO    sing Y N 376 
NFK CAJ   CAH    sing Y N 377 
NFK NAL   CAO    sing N N 378 
NFK NAL   CAF    sing N N 379 
NFK CAO   CAI    doub Y N 380 
NFK CAH   CAG    doub Y N 381 
NFK CAI   CAG    sing Y N 382 
NFK CAF   OAB    doub N N 383 
NFK OXT   HXT    sing N N 384 
NFK CA    HA     sing N N 385 
NFK N     H      sing N N 386 
NFK N     H2     sing N N 387 
NFK CB    H6     sing N N 388 
NFK CB    H7     sing N N 389 
NFK CAJ   H8     sing N N 390 
NFK CAH   H9     sing N N 391 
NFK CAG   H10    sing N N 392 
NFK CAI   H11    sing N N 393 
NFK NAL   H12    sing N N 394 
NFK CAF   H13    sing N N 395 
OHI CE1   ND1    sing N N 396 
OHI CE1   NE2    sing N N 397 
OHI CE1   O12    doub N N 398 
OHI ND1   CG     doub N N 399 
OHI NE2   CD2    doub N N 400 
OHI CD2   CG     sing N N 401 
OHI CD2   HD2    sing N N 402 
OHI CG    CB     sing N N 403 
OHI CB    CA     sing N N 404 
OHI CB    HB1    sing N N 405 
OHI CB    HB2    sing N N 406 
OHI CA    N      sing N N 407 
OHI CA    C      sing N N 408 
OHI CA    HA     sing N N 409 
OHI N     H      sing N N 410 
OHI N     H2     sing N N 411 
OHI C     O      doub N N 412 
OHI C     OXT    sing N N 413 
OHI OXT   HXT    sing N N 414 
PHE N     CA     sing N N 415 
PHE N     H      sing N N 416 
PHE N     H2     sing N N 417 
PHE CA    C      sing N N 418 
PHE CA    CB     sing N N 419 
PHE CA    HA     sing N N 420 
PHE C     O      doub N N 421 
PHE C     OXT    sing N N 422 
PHE CB    CG     sing N N 423 
PHE CB    HB2    sing N N 424 
PHE CB    HB3    sing N N 425 
PHE CG    CD1    doub Y N 426 
PHE CG    CD2    sing Y N 427 
PHE CD1   CE1    sing Y N 428 
PHE CD1   HD1    sing N N 429 
PHE CD2   CE2    doub Y N 430 
PHE CD2   HD2    sing N N 431 
PHE CE1   CZ     doub Y N 432 
PHE CE1   HE1    sing N N 433 
PHE CE2   CZ     sing Y N 434 
PHE CE2   HE2    sing N N 435 
PHE CZ    HZ     sing N N 436 
PHE OXT   HXT    sing N N 437 
PRO N     CA     sing N N 438 
PRO N     CD     sing N N 439 
PRO N     H      sing N N 440 
PRO CA    C      sing N N 441 
PRO CA    CB     sing N N 442 
PRO CA    HA     sing N N 443 
PRO C     O      doub N N 444 
PRO C     OXT    sing N N 445 
PRO CB    CG     sing N N 446 
PRO CB    HB2    sing N N 447 
PRO CB    HB3    sing N N 448 
PRO CG    CD     sing N N 449 
PRO CG    HG2    sing N N 450 
PRO CG    HG3    sing N N 451 
PRO CD    HD2    sing N N 452 
PRO CD    HD3    sing N N 453 
PRO OXT   HXT    sing N N 454 
SER N     CA     sing N N 455 
SER N     H      sing N N 456 
SER N     H2     sing N N 457 
SER CA    C      sing N N 458 
SER CA    CB     sing N N 459 
SER CA    HA     sing N N 460 
SER C     O      doub N N 461 
SER C     OXT    sing N N 462 
SER CB    OG     sing N N 463 
SER CB    HB2    sing N N 464 
SER CB    HB3    sing N N 465 
SER OG    HG     sing N N 466 
SER OXT   HXT    sing N N 467 
THR N     CA     sing N N 468 
THR N     H      sing N N 469 
THR N     H2     sing N N 470 
THR CA    C      sing N N 471 
THR CA    CB     sing N N 472 
THR CA    HA     sing N N 473 
THR C     O      doub N N 474 
THR C     OXT    sing N N 475 
THR CB    OG1    sing N N 476 
THR CB    CG2    sing N N 477 
THR CB    HB     sing N N 478 
THR OG1   HG1    sing N N 479 
THR CG2   HG21   sing N N 480 
THR CG2   HG22   sing N N 481 
THR CG2   HG23   sing N N 482 
THR OXT   HXT    sing N N 483 
TYR N     CA     sing N N 484 
TYR N     H      sing N N 485 
TYR N     H2     sing N N 486 
TYR CA    C      sing N N 487 
TYR CA    CB     sing N N 488 
TYR CA    HA     sing N N 489 
TYR C     O      doub N N 490 
TYR C     OXT    sing N N 491 
TYR CB    CG     sing N N 492 
TYR CB    HB2    sing N N 493 
TYR CB    HB3    sing N N 494 
TYR CG    CD1    doub Y N 495 
TYR CG    CD2    sing Y N 496 
TYR CD1   CE1    sing Y N 497 
TYR CD1   HD1    sing N N 498 
TYR CD2   CE2    doub Y N 499 
TYR CD2   HD2    sing N N 500 
TYR CE1   CZ     doub Y N 501 
TYR CE1   HE1    sing N N 502 
TYR CE2   CZ     sing Y N 503 
TYR CE2   HE2    sing N N 504 
TYR CZ    OH     sing N N 505 
TYR OH    HH     sing N N 506 
TYR OXT   HXT    sing N N 507 
VAL N     CA     sing N N 508 
VAL N     H      sing N N 509 
VAL N     H2     sing N N 510 
VAL CA    C      sing N N 511 
VAL CA    CB     sing N N 512 
VAL CA    HA     sing N N 513 
VAL C     O      doub N N 514 
VAL C     OXT    sing N N 515 
VAL CB    CG1    sing N N 516 
VAL CB    CG2    sing N N 517 
VAL CB    HB     sing N N 518 
VAL CG1   HG11   sing N N 519 
VAL CG1   HG12   sing N N 520 
VAL CG1   HG13   sing N N 521 
VAL CG2   HG21   sing N N 522 
VAL CG2   HG22   sing N N 523 
VAL CG2   HG23   sing N N 524 
VAL OXT   HXT    sing N N 525 
# 
_pdbx_audit_support.funding_organization   'French National Research Agency' 
_pdbx_audit_support.country                France 
_pdbx_audit_support.grant_number           ANR-11-JSV5-0009 
_pdbx_audit_support.ordinal                1 
# 
loop_
_pdbx_entity_instance_feature.ordinal 
_pdbx_entity_instance_feature.comp_id 
_pdbx_entity_instance_feature.asym_id 
_pdbx_entity_instance_feature.seq_num 
_pdbx_entity_instance_feature.auth_comp_id 
_pdbx_entity_instance_feature.auth_asym_id 
_pdbx_entity_instance_feature.auth_seq_num 
_pdbx_entity_instance_feature.feature_type 
_pdbx_entity_instance_feature.details 
1 LUM ? ? LUM ? ? 'SUBJECT OF INVESTIGATION' ? 
2 HOO ? ? HOO ? ? 'SUBJECT OF INVESTIGATION' ? 
3 NFK ? ? NFK ? ? 'SUBJECT OF INVESTIGATION' ? 
4 F7Q ? ? F7Q ? ? 'SUBJECT OF INVESTIGATION' ? 
# 
_pdbx_initial_refinement_model.id               1 
_pdbx_initial_refinement_model.entity_id_list   ? 
_pdbx_initial_refinement_model.type             'experimental model' 
_pdbx_initial_refinement_model.source_name      PDB 
_pdbx_initial_refinement_model.accession_code   4EEP 
_pdbx_initial_refinement_model.details          ? 
# 
_atom_sites.entry_id                    6GPV 
_atom_sites.fract_transf_matrix[1][1]   -0.02125762 
_atom_sites.fract_transf_matrix[1][2]   -0.01233858 
_atom_sites.fract_transf_matrix[1][3]   -0.00234917 
_atom_sites.fract_transf_matrix[2][1]   -0.00262827 
_atom_sites.fract_transf_matrix[2][2]   -0.00014604 
_atom_sites.fract_transf_matrix[2][3]   0.02455028 
_atom_sites.fract_transf_matrix[3][1]   -0.00371882 
_atom_sites.fract_transf_matrix[3][2]   0.00647546 
_atom_sites.fract_transf_matrix[3][3]   -0.00035960 
_atom_sites.fract_transf_vector[1]      0.045435 
_atom_sites.fract_transf_vector[2]      -0.145966 
_atom_sites.fract_transf_vector[3]      -0.101167 
# 
loop_
_atom_type.symbol 
C  
CL 
MG 
N  
O  
P  
S  
# 
loop_
_atom_site.group_PDB 
_atom_site.id 
_atom_site.type_symbol 
_atom_site.label_atom_id 
_atom_site.label_alt_id 
_atom_site.label_comp_id 
_atom_site.label_asym_id 
_atom_site.label_entity_id 
_atom_site.label_seq_id 
_atom_site.pdbx_PDB_ins_code 
_atom_site.Cartn_x 
_atom_site.Cartn_y 
_atom_site.Cartn_z 
_atom_site.occupancy 
_atom_site.B_iso_or_equiv 
_atom_site.pdbx_formal_charge 
_atom_site.auth_seq_id 
_atom_site.auth_comp_id 
_atom_site.auth_asym_id 
_atom_site.auth_atom_id 
_atom_site.pdbx_PDB_model_num 
ATOM   1    N  N     . MET A 1 1   ? 0.567   -17.662 -4.003  1.00 77.08  ? 1    MET A N     1 
ATOM   2    C  CA    . MET A 1 1   ? 0.876   -17.033 -2.685  1.00 77.35  ? 1    MET A CA    1 
ATOM   3    C  C     . MET A 1 1   ? -0.432  -16.653 -1.975  1.00 70.41  ? 1    MET A C     1 
ATOM   4    O  O     . MET A 1 1   ? -1.469  -16.488 -2.635  1.00 66.77  ? 1    MET A O     1 
ATOM   5    C  CB    . MET A 1 1   ? 1.770   -15.795 -2.888  1.00 82.99  ? 1    MET A CB    1 
ATOM   6    C  CG    . MET A 1 1   ? 2.643   -15.457 -1.681  1.00 88.73  ? 1    MET A CG    1 
ATOM   7    S  SD    . MET A 1 1   ? 3.349   -13.791 -1.667  1.00 90.87  ? 1    MET A SD    1 
ATOM   8    C  CE    . MET A 1 1   ? 1.872   -12.792 -1.500  1.00 88.74  ? 1    MET A CE    1 
ATOM   9    N  N     . GLU A 1 2   ? -0.400  -16.525 -0.641  1.00 62.84  ? 2    GLU A N     1 
ATOM   10   C  CA    . GLU A 1 2   ? -1.586  -16.042 0.099   1.00 57.61  ? 2    GLU A CA    1 
ATOM   11   C  C     . GLU A 1 2   ? -1.865  -14.595 -0.290  1.00 48.81  ? 2    GLU A C     1 
ATOM   12   O  O     . GLU A 1 2   ? -0.994  -13.939 -0.837  1.00 45.01  ? 2    GLU A O     1 
ATOM   13   C  CB    . GLU A 1 2   ? -1.433  -16.172 1.623   1.00 57.83  ? 2    GLU A CB    1 
ATOM   14   C  CG    . GLU A 1 2   ? -2.087  -17.431 2.201   1.00 60.47  ? 2    GLU A CG    1 
ATOM   15   C  CD    . GLU A 1 2   ? -2.873  -17.187 3.482   0.50 58.61  ? 2    GLU A CD    1 
ATOM   16   O  OE1   . GLU A 1 2   ? -4.052  -17.606 3.546   0.50 56.77  ? 2    GLU A OE1   1 
ATOM   17   O  OE2   . GLU A 1 2   ? -2.320  -16.580 4.420   0.50 56.92  ? 2    GLU A OE2   1 
ATOM   18   N  N     . LYS A 1 3   ? -3.079  -14.114 -0.022  1.00 45.62  ? 3    LYS A N     1 
ATOM   19   C  CA    . LYS A 1 3   ? -3.450  -12.747 -0.383  1.00 42.45  ? 3    LYS A CA    1 
ATOM   20   C  C     . LYS A 1 3   ? -2.545  -11.735 0.381   1.00 35.59  ? 3    LYS A C     1 
ATOM   21   O  O     . LYS A 1 3   ? -2.385  -11.837 1.596   1.00 34.88  ? 3    LYS A O     1 
ATOM   22   C  CB    . LYS A 1 3   ? -4.945  -12.512 -0.137  1.00 43.77  ? 3    LYS A CB    1 
ATOM   23   C  CG    . LYS A 1 3   ? -5.568  -11.405 -0.973  1.00 43.00  ? 3    LYS A CG    1 
ATOM   24   N  N     . SER A 1 4   ? -1.893  -10.840 -0.367  1.00 31.47  ? 4    SER A N     1 
ATOM   25   C  CA    . SER A 1 4   ? -1.093  -9.767  0.208   1.00 28.52  ? 4    SER A CA    1 
ATOM   26   C  C     . SER A 1 4   ? -1.936  -8.514  0.336   1.00 26.65  ? 4    SER A C     1 
ATOM   27   O  O     . SER A 1 4   ? -2.364  -7.959  -0.653  1.00 26.15  ? 4    SER A O     1 
ATOM   28   C  CB    . SER A 1 4   ? 0.125   -9.446  -0.656  1.00 29.26  ? 4    SER A CB    1 
ATOM   29   O  OG    . SER A 1 4   ? 0.840   -8.335  -0.120  1.00 29.24  ? 4    SER A OG    1 
ATOM   30   N  N     . PHE A 1 5   ? -2.200  -8.102  1.571   1.00 26.48  ? 5    PHE A N     1 
ATOM   31   C  CA    . PHE A 1 5   ? -2.834  -6.818  1.831   1.00 25.84  ? 5    PHE A CA    1 
ATOM   32   C  C     . PHE A 1 5   ? -2.458  -6.206  3.176   1.00 24.64  ? 5    PHE A C     1 
ATOM   33   O  O     . PHE A 1 5   ? -2.062  -6.889  4.118   1.00 27.32  ? 5    PHE A O     1 
ATOM   34   C  CB    . PHE A 1 5   ? -4.363  -6.904  1.698   1.00 25.08  ? 5    PHE A CB    1 
ATOM   35   C  CG    . PHE A 1 5   ? -5.039  -7.733  2.742   1.00 24.69  ? 5    PHE A CG    1 
ATOM   36   C  CD1   . PHE A 1 5   ? -5.254  -9.081  2.537   1.00 26.18  ? 5    PHE A CD1   1 
ATOM   37   C  CD2   . PHE A 1 5   ? -5.506  -7.160  3.905   1.00 25.34  ? 5    PHE A CD2   1 
ATOM   38   C  CE1   . PHE A 1 5   ? -5.905  -9.849  3.505   1.00 27.11  ? 5    PHE A CE1   1 
ATOM   39   C  CE2   . PHE A 1 5   ? -6.151  -7.908  4.875   1.00 27.23  ? 5    PHE A CE2   1 
ATOM   40   C  CZ    . PHE A 1 5   ? -6.377  -9.253  4.668   1.00 28.21  ? 5    PHE A CZ    1 
ATOM   41   N  N     . VAL A 1 6   ? -2.587  -4.894  3.239   1.00 25.72  ? 6    VAL A N     1 
ATOM   42   C  CA    . VAL A 1 6   ? -2.504  -4.161  4.491   1.00 24.44  ? 6    VAL A CA    1 
ATOM   43   C  C     . VAL A 1 6   ? -3.741  -3.292  4.662   1.00 23.58  ? 6    VAL A C     1 
ATOM   44   O  O     . VAL A 1 6   ? -4.430  -2.941  3.695   1.00 21.82  ? 6    VAL A O     1 
ATOM   45   C  CB    . VAL A 1 6   ? -1.225  -3.298  4.604   1.00 24.07  ? 6    VAL A CB    1 
ATOM   46   C  CG1   . VAL A 1 6   ? 0.036   -4.153  4.422   1.00 25.28  ? 6    VAL A CG1   1 
ATOM   47   C  CG2   . VAL A 1 6   ? -1.234  -2.167  3.605   1.00 25.11  ? 6    VAL A CG2   1 
ATOM   48   N  N     . ILE A 1 7   ? -4.009  -2.954  5.910   1.00 22.35  ? 7    ILE A N     1 
ATOM   49   C  CA    . ILE A 1 7   ? -5.099  -2.062  6.269   1.00 23.10  ? 7    ILE A CA    1 
ATOM   50   C  C     . ILE A 1 7   ? -4.474  -0.919  7.035   1.00 22.13  ? 7    ILE A C     1 
ATOM   51   O  O     . ILE A 1 7   ? -3.700  -1.157  7.971   1.00 21.11  ? 7    ILE A O     1 
ATOM   52   C  CB    . ILE A 1 7   ? -6.137  -2.754  7.172   1.00 23.74  ? 7    ILE A CB    1 
ATOM   53   C  CG1   . ILE A 1 7   ? -6.780  -3.916  6.418   1.00 24.88  ? 7    ILE A CG1   1 
ATOM   54   C  CG2   . ILE A 1 7   ? -7.219  -1.777  7.658   1.00 24.06  ? 7    ILE A CG2   1 
ATOM   55   C  CD1   . ILE A 1 7   ? -7.532  -4.839  7.364   1.00 26.61  ? 7    ILE A CD1   1 
ATOM   56   N  N     . THR A 1 8   ? -4.758  0.309   6.619   1.00 20.99  ? 8    THR A N     1 
ATOM   57   C  CA    . THR A 1 8   ? -4.251  1.472   7.333   1.00 21.21  ? 8    THR A CA    1 
ATOM   58   C  C     . THR A 1 8   ? -5.380  2.200   8.056   1.00 21.84  ? 8    THR A C     1 
ATOM   59   O  O     . THR A 1 8   ? -6.558  2.061   7.686   1.00 22.48  ? 8    THR A O     1 
ATOM   60   C  CB    . THR A 1 8   ? -3.506  2.508   6.437   1.00 20.53  ? 8    THR A CB    1 
ATOM   61   O  OG1   . THR A 1 8   ? -4.421  3.107   5.509   1.00 19.47  ? 8    THR A OG1   1 
ATOM   62   C  CG2   . THR A 1 8   ? -2.309  1.920   5.730   1.00 20.46  ? 8    THR A CG2   1 
ATOM   63   N  N     . ASP A 1 9   ? -5.001  3.012   9.048   1.00 23.23  ? 9    ASP A N     1 
ATOM   64   C  CA    . ASP A 1 9   ? -5.967  3.851   9.789   1.00 24.88  ? 9    ASP A CA    1 
ATOM   65   C  C     . ASP A 1 9   ? -5.655  5.286   9.526   1.00 23.39  ? 9    ASP A C     1 
ATOM   66   O  O     . ASP A 1 9   ? -4.729  5.818   10.139  1.00 24.47  ? 9    ASP A O     1 
ATOM   67   C  CB    . ASP A 1 9   ? -5.852  3.601   11.279  1.00 25.75  ? 9    ASP A CB    1 
ATOM   68   C  CG    . ASP A 1 9   ? -6.933  4.298   12.087  1.00 27.18  ? 9    ASP A CG    1 
ATOM   69   O  OD1   . ASP A 1 9   ? -7.694  5.161   11.569  1.00 27.43  ? 9    ASP A OD1   1 
ATOM   70   O  OD2   . ASP A 1 9   ? -7.028  3.934   13.273  1.00 29.62  ? 9    ASP A OD2   1 
ATOM   71   N  N     . PRO A 1 10  ? -6.414  5.938   8.617   1.00 23.71  ? 10   PRO A N     1 
ATOM   72   C  CA    . PRO A 1 10  ? -6.131  7.334   8.342   1.00 24.51  ? 10   PRO A CA    1 
ATOM   73   C  C     . PRO A 1 10  ? -6.536  8.284   9.471   1.00 24.08  ? 10   PRO A C     1 
ATOM   74   O  O     . PRO A 1 10  ? -6.271  9.453   9.376   1.00 22.05  ? 10   PRO A O     1 
ATOM   75   C  CB    . PRO A 1 10  ? -6.962  7.626   7.093   1.00 24.38  ? 10   PRO A CB    1 
ATOM   76   C  CG    . PRO A 1 10  ? -8.096  6.670   7.192   1.00 25.01  ? 10   PRO A CG    1 
ATOM   77   C  CD    . PRO A 1 10  ? -7.534  5.437   7.808   1.00 23.44  ? 10   PRO A CD    1 
ATOM   78   N  N     . ARG A 1 11  ? -7.126  7.793   10.542  1.00 27.39  ? 11   ARG A N     1 
ATOM   79   C  CA    . ARG A 1 11  ? -7.389  8.658   11.699  1.00 30.20  ? 11   ARG A CA    1 
ATOM   80   C  C     . ARG A 1 11  ? -6.198  8.734   12.641  1.00 28.22  ? 11   ARG A C     1 
ATOM   81   O  O     . ARG A 1 11  ? -6.266  9.403   13.654  1.00 27.93  ? 11   ARG A O     1 
ATOM   82   C  CB    . ARG A 1 11  ? -8.620  8.192   12.459  1.00 33.52  ? 11   ARG A CB    1 
ATOM   83   C  CG    . ARG A 1 11  ? -9.877  8.196   11.607  1.00 36.68  ? 11   ARG A CG    1 
ATOM   84   C  CD    . ARG A 1 11  ? -11.044 7.514   12.307  1.00 40.91  ? 11   ARG A CD    1 
ATOM   85   N  NE    . ARG A 1 11  ? -12.233 7.374   11.450  1.00 44.09  ? 11   ARG A NE    1 
ATOM   86   C  CZ    . ARG A 1 11  ? -13.440 6.986   11.878  1.00 46.27  ? 11   ARG A CZ    1 
ATOM   87   N  NH1   . ARG A 1 11  ? -14.461 6.879   11.026  1.00 45.78  ? 11   ARG A NH1   1 
ATOM   88   N  NH2   . ARG A 1 11  ? -13.636 6.699   13.161  1.00 49.27  ? 11   ARG A NH2   1 
ATOM   89   N  N     . LEU A 1 12  ? -5.110  8.048   12.300  1.00 26.71  ? 12   LEU A N     1 
ATOM   90   C  CA    . LEU A 1 12  ? -3.865  8.152   13.025  1.00 27.57  ? 12   LEU A CA    1 
ATOM   91   C  C     . LEU A 1 12  ? -2.869  8.908   12.186  1.00 27.67  ? 12   LEU A C     1 
ATOM   92   O  O     . LEU A 1 12  ? -3.023  8.967   10.967  1.00 27.56  ? 12   LEU A O     1 
ATOM   93   C  CB    . LEU A 1 12  ? -3.340  6.764   13.370  1.00 27.30  ? 12   LEU A CB    1 
ATOM   94   C  CG    . LEU A 1 12  ? -4.221  5.968   14.334  1.00 30.18  ? 12   LEU A CG    1 
ATOM   95   C  CD1   . LEU A 1 12  ? -3.707  4.529   14.468  1.00 31.57  ? 12   LEU A CD1   1 
ATOM   96   C  CD2   . LEU A 1 12  ? -4.264  6.627   15.697  1.00 32.34  ? 12   LEU A CD2   1 
ATOM   97   N  N     . PRO A 1 13  ? -1.839  9.505   12.831  1.00 28.52  ? 13   PRO A N     1 
ATOM   98   C  CA    . PRO A 1 13  ? -0.871  10.322  12.091  1.00 28.24  ? 13   PRO A CA    1 
ATOM   99   C  C     . PRO A 1 13  ? -0.156  9.556   10.972  1.00 27.76  ? 13   PRO A C     1 
ATOM   100  O  O     . PRO A 1 13  ? 0.424   8.518   11.225  1.00 23.90  ? 13   PRO A O     1 
ATOM   101  C  CB    . PRO A 1 13  ? 0.134   10.741  13.163  1.00 27.88  ? 13   PRO A CB    1 
ATOM   102  C  CG    . PRO A 1 13  ? -0.642  10.720  14.433  1.00 29.88  ? 13   PRO A CG    1 
ATOM   103  C  CD    . PRO A 1 13  ? -1.598  9.559   14.288  1.00 29.27  ? 13   PRO A CD    1 
ATOM   104  N  N     . ASP A 1 14  ? -0.219  10.098  9.759   1.00 26.66  ? 14   ASP A N     1 
ATOM   105  C  CA    . ASP A 1 14  ? 0.434   9.553   8.571   1.00 26.52  ? 14   ASP A CA    1 
ATOM   106  C  C     . ASP A 1 14  ? -0.044  8.134   8.201   1.00 26.46  ? 14   ASP A C     1 
ATOM   107  O  O     . ASP A 1 14  ? 0.726   7.327   7.689   1.00 25.52  ? 14   ASP A O     1 
ATOM   108  C  CB    . ASP A 1 14  ? 1.963   9.567   8.725   1.00 27.34  ? 14   ASP A CB    1 
ATOM   109  C  CG    . ASP A 1 14  ? 2.702   9.525   7.384   1.00 27.08  ? 14   ASP A CG    1 
ATOM   110  O  OD1   . ASP A 1 14  ? 2.104   9.808   6.324   1.00 27.66  ? 14   ASP A OD1   1 
ATOM   111  O  OD2   . ASP A 1 14  ? 3.910   9.236   7.398   1.00 27.03  ? 14   ASP A OD2   1 
ATOM   112  N  N     . ASN A 1 15  ? -1.313  7.864   8.472   1.00 25.57  ? 15   ASN A N     1 
ATOM   113  C  CA    . ASN A 1 15  ? -1.996  6.718   7.943   1.00 27.30  ? 15   ASN A CA    1 
ATOM   114  C  C     . ASN A 1 15  ? -1.204  5.392   8.115   1.00 27.90  ? 15   ASN A C     1 
ATOM   115  O  O     . ASN A 1 15  ? -0.875  4.732   7.134   1.00 27.42  ? 15   ASN A O     1 
ATOM   116  C  CB    . ASN A 1 15  ? -2.259  7.057   6.473   1.00 28.98  ? 15   ASN A CB    1 
ATOM   117  C  CG    . ASN A 1 15  ? -3.454  6.369   5.899   1.00 28.89  ? 15   ASN A CG    1 
ATOM   118  O  OD1   . ASN A 1 15  ? -4.151  5.579   6.552   1.00 27.87  ? 15   ASN A OD1   1 
ATOM   119  N  ND2   . ASN A 1 15  ? -3.702  6.666   4.622   1.00 34.56  ? 15   ASN A ND2   1 
ATOM   120  N  N     . PRO A 1 16  ? -0.886  5.002   9.372   1.00 25.75  ? 16   PRO A N     1 
ATOM   121  C  CA    . PRO A 1 16  ? -0.029  3.853   9.522   1.00 25.21  ? 16   PRO A CA    1 
ATOM   122  C  C     . PRO A 1 16  ? -0.777  2.539   9.245   1.00 24.60  ? 16   PRO A C     1 
ATOM   123  O  O     . PRO A 1 16  ? -2.007  2.457   9.382   1.00 24.11  ? 16   PRO A O     1 
ATOM   124  C  CB    . PRO A 1 16  ? 0.367   3.903   11.001  1.00 24.81  ? 16   PRO A CB    1 
ATOM   125  C  CG    . PRO A 1 16  ? -0.866  4.445   11.650  1.00 26.45  ? 16   PRO A CG    1 
ATOM   126  C  CD    . PRO A 1 16  ? -1.364  5.489   10.676  1.00 26.67  ? 16   PRO A CD    1 
ATOM   127  N  N     . ILE A 1 17  ? -0.019  1.530   8.865   1.00 23.94  ? 17   ILE A N     1 
ATOM   128  C  CA    . ILE A 1 17  ? -0.540  0.165   8.754   1.00 24.57  ? 17   ILE A CA    1 
ATOM   129  C  C     . ILE A 1 17  ? -0.908  -0.395  10.155  1.00 25.10  ? 17   ILE A C     1 
ATOM   130  O  O     . ILE A 1 17  ? -0.100  -0.369  11.079  1.00 25.42  ? 17   ILE A O     1 
ATOM   131  C  CB    . ILE A 1 17  ? 0.512   -0.752  8.081   1.00 22.77  ? 17   ILE A CB    1 
ATOM   132  C  CG1   . ILE A 1 17  ? 0.747   -0.319  6.626   1.00 23.24  ? 17   ILE A CG1   1 
ATOM   133  C  CG2   . ILE A 1 17  ? 0.074   -2.227  8.119   1.00 22.99  ? 17   ILE A CG2   1 
ATOM   134  C  CD1   . ILE A 1 17  ? 2.008   -0.846  5.961   1.00 22.64  ? 17   ILE A CD1   1 
ATOM   135  N  N     . ILE A 1 18  ? -2.120  -0.921  10.295  1.00 26.59  ? 18   ILE A N     1 
ATOM   136  C  CA    A ILE A 1 18  ? -2.597  -1.501  11.564  0.50 25.48  ? 18   ILE A CA    1 
ATOM   137  C  CA    B ILE A 1 18  ? -2.561  -1.509  11.570  0.50 26.14  ? 18   ILE A CA    1 
ATOM   138  C  C     . ILE A 1 18  ? -2.824  -3.002  11.412  1.00 24.96  ? 18   ILE A C     1 
ATOM   139  O  O     . ILE A 1 18  ? -3.015  -3.713  12.384  1.00 24.01  ? 18   ILE A O     1 
ATOM   140  C  CB    A ILE A 1 18  ? -3.949  -0.892  12.026  0.50 25.41  ? 18   ILE A CB    1 
ATOM   141  C  CB    B ILE A 1 18  ? -3.817  -0.801  12.154  0.50 27.06  ? 18   ILE A CB    1 
ATOM   142  C  CG1   A ILE A 1 18  ? -5.054  -1.055  10.968  0.50 25.32  ? 18   ILE A CG1   1 
ATOM   143  C  CG1   B ILE A 1 18  ? -4.985  -0.757  11.159  0.50 27.90  ? 18   ILE A CG1   1 
ATOM   144  C  CG2   A ILE A 1 18  ? -3.776  0.557   12.441  0.50 25.43  ? 18   ILE A CG2   1 
ATOM   145  C  CG2   B ILE A 1 18  ? -3.486  0.614   12.584  0.50 27.53  ? 18   ILE A CG2   1 
ATOM   146  C  CD1   A ILE A 1 18  ? -6.437  -0.799  11.513  0.50 24.56  ? 18   ILE A CD1   1 
ATOM   147  C  CD1   B ILE A 1 18  ? -6.022  -1.824  11.379  0.50 27.89  ? 18   ILE A CD1   1 
ATOM   148  N  N     . PHE A 1 19  ? -2.841  -3.493  10.182  1.00 23.98  ? 19   PHE A N     1 
ATOM   149  C  CA    . PHE A 1 19  ? -2.913  -4.926  9.960   1.00 24.49  ? 19   PHE A CA    1 
ATOM   150  C  C     . PHE A 1 19  ? -2.127  -5.224  8.688   1.00 25.07  ? 19   PHE A C     1 
ATOM   151  O  O     . PHE A 1 19  ? -2.287  -4.518  7.707   1.00 24.81  ? 19   PHE A O     1 
ATOM   152  C  CB    . PHE A 1 19  ? -4.361  -5.431  9.807   1.00 24.34  ? 19   PHE A CB    1 
ATOM   153  C  CG    . PHE A 1 19  ? -4.456  -6.898  9.391   1.00 23.79  ? 19   PHE A CG    1 
ATOM   154  C  CD1   . PHE A 1 19  ? -4.375  -7.274  8.057   1.00 23.08  ? 19   PHE A CD1   1 
ATOM   155  C  CD2   . PHE A 1 19  ? -4.607  -7.897  10.336  1.00 24.66  ? 19   PHE A CD2   1 
ATOM   156  C  CE1   . PHE A 1 19  ? -4.449  -8.613  7.685   1.00 23.50  ? 19   PHE A CE1   1 
ATOM   157  C  CE2   . PHE A 1 19  ? -4.696  -9.238  9.974   1.00 23.13  ? 19   PHE A CE2   1 
ATOM   158  C  CZ    . PHE A 1 19  ? -4.613  -9.597  8.647   1.00 25.11  ? 19   PHE A CZ    1 
ATOM   159  N  N     . ALA A 1 20  ? -1.336  -6.293  8.713   1.00 24.84  ? 20   ALA A N     1 
ATOM   160  C  CA    . ALA A 1 20  ? -0.630  -6.806  7.547   1.00 24.96  ? 20   ALA A CA    1 
ATOM   161  C  C     . ALA A 1 20  ? -0.902  -8.300  7.391   1.00 27.56  ? 20   ALA A C     1 
ATOM   162  O  O     . ALA A 1 20  ? -0.634  -9.078  8.318   1.00 31.23  ? 20   ALA A O     1 
ATOM   163  C  CB    . ALA A 1 20  ? 0.850   -6.569  7.728   1.00 24.38  ? 20   ALA A CB    1 
ATOM   164  N  N     . SER A 1 21  ? -1.403  -8.719  6.231   1.00 27.49  ? 21   SER A N     1 
ATOM   165  C  CA    . SER A 1 21  ? -1.649  -10.168 5.999   1.00 26.30  ? 21   SER A CA    1 
ATOM   166  C  C     . SER A 1 21  ? -0.356  -10.973 5.942   1.00 28.28  ? 21   SER A C     1 
ATOM   167  O  O     . SER A 1 21  ? 0.734   -10.417 5.698   1.00 26.98  ? 21   SER A O     1 
ATOM   168  C  CB    . SER A 1 21  ? -2.434  -10.390 4.716   1.00 24.91  ? 21   SER A CB    1 
ATOM   169  O  OG    . SER A 1 21  ? -1.611  -10.290 3.563   1.00 23.09  ? 21   SER A OG    1 
ATOM   170  N  N     . ASP A 1 22  ? -0.468  -12.285 6.174   1.00 29.09  ? 22   ASP A N     1 
ATOM   171  C  CA    . ASP A 1 22  ? 0.662   -13.212 6.021   1.00 28.96  ? 22   ASP A CA    1 
ATOM   172  C  C     . ASP A 1 22  ? 1.271   -13.124 4.626   1.00 26.99  ? 22   ASP A C     1 
ATOM   173  O  O     . ASP A 1 22  ? 2.480   -13.210 4.476   1.00 28.51  ? 22   ASP A O     1 
ATOM   174  C  CB    . ASP A 1 22  ? 0.229   -14.664 6.304   1.00 31.23  ? 22   ASP A CB    1 
ATOM   175  C  CG    . ASP A 1 22  ? 0.077   -14.961 7.792   1.00 33.98  ? 22   ASP A CG    1 
ATOM   176  O  OD1   . ASP A 1 22  ? 0.495   -14.152 8.631   1.00 36.60  ? 22   ASP A OD1   1 
ATOM   177  O  OD2   . ASP A 1 22  ? -0.469  -16.027 8.127   1.00 37.21  ? 22   ASP A OD2   1 
ATOM   178  N  N     . GLY A 1 23  ? 0.433   -12.948 3.611   1.00 24.54  ? 23   GLY A N     1 
ATOM   179  C  CA    . GLY A 1 23  ? 0.917   -12.803 2.242   1.00 26.00  ? 23   GLY A CA    1 
ATOM   180  C  C     . GLY A 1 23  ? 1.813   -11.582 2.042   1.00 25.80  ? 23   GLY A C     1 
ATOM   181  O  O     . GLY A 1 23  ? 2.777   -11.618 1.277   1.00 24.58  ? 23   GLY A O     1 
ATOM   182  N  N     . PHE A 1 24  ? 1.492   -10.504 2.740   1.00 24.21  ? 24   PHE A N     1 
ATOM   183  C  CA    . PHE A 1 24  ? 2.304   -9.287  2.717   1.00 24.19  ? 24   PHE A CA    1 
ATOM   184  C  C     . PHE A 1 24  ? 3.681   -9.540  3.342   1.00 25.55  ? 24   PHE A C     1 
ATOM   185  O  O     . PHE A 1 24  ? 4.680   -9.062  2.823   1.00 26.30  ? 24   PHE A O     1 
ATOM   186  C  CB    . PHE A 1 24  ? 1.580   -8.165  3.463   1.00 24.16  ? 24   PHE A CB    1 
ATOM   187  C  CG    . PHE A 1 24  ? 2.263   -6.816  3.364   1.00 22.91  ? 24   PHE A CG    1 
ATOM   188  C  CD1   . PHE A 1 24  ? 2.113   -6.015  2.237   1.00 23.75  ? 24   PHE A CD1   1 
ATOM   189  C  CD2   . PHE A 1 24  ? 3.074   -6.369  4.386   1.00 24.35  ? 24   PHE A CD2   1 
ATOM   190  C  CE1   . PHE A 1 24  ? 2.744   -4.779  2.145   1.00 23.29  ? 24   PHE A CE1   1 
ATOM   191  C  CE2   . PHE A 1 24  ? 3.695   -5.119  4.310   1.00 24.88  ? 24   PHE A CE2   1 
ATOM   192  C  CZ    . PHE A 1 24  ? 3.526   -4.326  3.186   1.00 22.95  ? 24   PHE A CZ    1 
ATOM   193  N  N     . LEU A 1 25  ? 3.717   -10.264 4.460   1.00 24.89  ? 25   LEU A N     1 
ATOM   194  C  CA    A LEU A 1 25  ? 4.973   -10.644 5.111   0.50 26.76  ? 25   LEU A CA    1 
ATOM   195  C  CA    B LEU A 1 25  ? 4.978   -10.615 5.101   0.50 26.44  ? 25   LEU A CA    1 
ATOM   196  C  C     . LEU A 1 25  ? 5.829   -11.439 4.135   1.00 28.88  ? 25   LEU A C     1 
ATOM   197  O  O     . LEU A 1 25  ? 7.040   -11.198 3.985   1.00 28.57  ? 25   LEU A O     1 
ATOM   198  C  CB    A LEU A 1 25  ? 4.720   -11.517 6.346   0.50 26.89  ? 25   LEU A CB    1 
ATOM   199  C  CB    B LEU A 1 25  ? 4.744   -11.393 6.402   0.50 26.13  ? 25   LEU A CB    1 
ATOM   200  C  CG    A LEU A 1 25  ? 3.666   -11.080 7.356   0.50 27.42  ? 25   LEU A CG    1 
ATOM   201  C  CG    B LEU A 1 25  ? 4.582   -10.551 7.669   0.50 26.46  ? 25   LEU A CG    1 
ATOM   202  C  CD1   A LEU A 1 25  ? 3.681   -12.036 8.529   0.50 28.58  ? 25   LEU A CD1   1 
ATOM   203  C  CD1   B LEU A 1 25  ? 3.268   -9.776  7.709   0.50 26.58  ? 25   LEU A CD1   1 
ATOM   204  C  CD2   A LEU A 1 25  ? 3.916   -9.646  7.798   0.50 27.91  ? 25   LEU A CD2   1 
ATOM   205  C  CD2   B LEU A 1 25  ? 4.690   -11.455 8.876   0.50 26.50  ? 25   LEU A CD2   1 
ATOM   206  N  N     . GLU A 1 26  ? 5.184   -12.401 3.479   1.00 32.05  ? 26   GLU A N     1 
ATOM   207  C  CA    . GLU A 1 26  ? 5.857   -13.237 2.512   1.00 35.10  ? 26   GLU A CA    1 
ATOM   208  C  C     . GLU A 1 26  ? 6.382   -12.387 1.353   1.00 33.88  ? 26   GLU A C     1 
ATOM   209  O  O     . GLU A 1 26  ? 7.566   -12.419 1.048   1.00 32.32  ? 26   GLU A O     1 
ATOM   210  C  CB    . GLU A 1 26  ? 4.927   -14.356 2.012   1.00 37.75  ? 26   GLU A CB    1 
ATOM   211  C  CG    . GLU A 1 26  ? 5.646   -15.363 1.117   1.00 44.96  ? 26   GLU A CG    1 
ATOM   212  C  CD    . GLU A 1 26  ? 5.193   -16.809 1.299   0.80 49.77  ? 26   GLU A CD    1 
ATOM   213  O  OE1   . GLU A 1 26  ? 4.439   -17.114 2.253   0.80 55.41  ? 26   GLU A OE1   1 
ATOM   214  O  OE2   . GLU A 1 26  ? 5.612   -17.653 0.477   0.80 53.97  ? 26   GLU A OE2   1 
ATOM   215  N  N     . LEU A 1 27  ? 5.504   -11.636 0.715   1.00 30.85  ? 27   LEU A N     1 
ATOM   216  C  CA    . LEU A 1 27  ? 5.902   -10.798 -0.408  1.00 30.44  ? 27   LEU A CA    1 
ATOM   217  C  C     . LEU A 1 27  ? 7.090   -9.855  -0.098  1.00 29.46  ? 27   LEU A C     1 
ATOM   218  O  O     . LEU A 1 27  ? 8.058   -9.783  -0.870  1.00 27.17  ? 27   LEU A O     1 
ATOM   219  C  CB    . LEU A 1 27  ? 4.697   -9.988  -0.895  1.00 29.72  ? 27   LEU A CB    1 
ATOM   220  C  CG    . LEU A 1 27  ? 4.946   -8.934  -1.974  1.00 30.32  ? 27   LEU A CG    1 
ATOM   221  C  CD1   . LEU A 1 27  ? 5.548   -9.566  -3.215  1.00 33.87  ? 27   LEU A CD1   1 
ATOM   222  C  CD2   . LEU A 1 27  ? 3.660   -8.223  -2.335  1.00 29.94  ? 27   LEU A CD2   1 
ATOM   223  N  N     . THR A 1 28  ? 7.035   -9.166  1.039   1.00 25.47  ? 28   THR A N     1 
ATOM   224  C  CA    . THR A 1 28  ? 7.961   -8.084  1.306   1.00 25.38  ? 28   THR A CA    1 
ATOM   225  C  C     . THR A 1 28  ? 9.221   -8.461  2.094   1.00 27.23  ? 28   THR A C     1 
ATOM   226  O  O     . THR A 1 28  ? 10.156  -7.668  2.134   1.00 25.72  ? 28   THR A O     1 
ATOM   227  C  CB    . THR A 1 28  ? 7.259   -6.969  2.109   1.00 25.37  ? 28   THR A CB    1 
ATOM   228  O  OG1   . THR A 1 28  ? 6.920   -7.480  3.406   1.00 25.84  ? 28   THR A OG1   1 
ATOM   229  C  CG2   . THR A 1 28  ? 6.033   -6.464  1.378   1.00 24.05  ? 28   THR A CG2   1 
ATOM   230  N  N     . GLU A 1 29  ? 9.176   -9.621  2.761   1.00 26.93  ? 29   GLU A N     1 
ATOM   231  C  CA    . GLU A 1 29  ? 10.253  -10.194 3.607   1.00 30.72  ? 29   GLU A CA    1 
ATOM   232  C  C     . GLU A 1 29  ? 10.361  -9.564  4.974   1.00 30.35  ? 29   GLU A C     1 
ATOM   233  O  O     . GLU A 1 29  ? 11.244  -9.915  5.746   1.00 30.17  ? 29   GLU A O     1 
ATOM   234  C  CB    . GLU A 1 29  ? 11.644  -10.210 2.936   1.00 30.18  ? 29   GLU A CB    1 
ATOM   235  C  CG    . GLU A 1 29  ? 11.677  -10.881 1.570   1.00 30.40  ? 29   GLU A CG    1 
ATOM   236  C  CD    . GLU A 1 29  ? 12.991  -10.642 0.826   1.00 32.88  ? 29   GLU A CD    1 
ATOM   237  O  OE1   . GLU A 1 29  ? 13.953  -10.099 1.419   1.00 33.38  ? 29   GLU A OE1   1 
ATOM   238  O  OE2   . GLU A 1 29  ? 13.050  -10.975 -0.368  1.00 34.73  ? 29   GLU A OE2   1 
ATOM   239  N  N     . TYR A 1 30  ? 9.445   -8.663  5.299   1.00 31.02  ? 30   TYR A N     1 
ATOM   240  C  CA    . TYR A 1 30  ? 9.470   -7.995  6.584   1.00 29.33  ? 30   TYR A CA    1 
ATOM   241  C  C     . TYR A 1 30  ? 8.675   -8.806  7.592   1.00 30.43  ? 30   TYR A C     1 
ATOM   242  O  O     . TYR A 1 30  ? 7.799   -9.576  7.216   1.00 30.01  ? 30   TYR A O     1 
ATOM   243  C  CB    . TYR A 1 30  ? 8.892   -6.601  6.458   1.00 29.13  ? 30   TYR A CB    1 
ATOM   244  C  CG    . TYR A 1 30  ? 9.799   -5.617  5.784   1.00 28.37  ? 30   TYR A CG    1 
ATOM   245  C  CD1   . TYR A 1 30  ? 10.808  -4.968  6.490   1.00 28.60  ? 30   TYR A CD1   1 
ATOM   246  C  CD2   . TYR A 1 30  ? 9.661   -5.341  4.443   1.00 27.68  ? 30   TYR A CD2   1 
ATOM   247  C  CE1   . TYR A 1 30  ? 11.651  -4.057  5.851   1.00 30.56  ? 30   TYR A CE1   1 
ATOM   248  C  CE2   . TYR A 1 30  ? 10.487  -4.434  3.799   1.00 30.64  ? 30   TYR A CE2   1 
ATOM   249  C  CZ    . TYR A 1 30  ? 11.471  -3.787  4.502   1.00 30.64  ? 30   TYR A CZ    1 
ATOM   250  O  OH    . TYR A 1 30  ? 12.271  -2.903  3.825   1.00 31.47  ? 30   TYR A OH    1 
ATOM   251  N  N     . SER A 1 31  ? 9.004   -8.634  8.867   1.00 31.87  ? 31   SER A N     1 
ATOM   252  C  CA    . SER A 1 31  ? 8.220   -9.203  9.950   1.00 33.91  ? 31   SER A CA    1 
ATOM   253  C  C     . SER A 1 31  ? 7.048   -8.275  10.312  1.00 31.61  ? 31   SER A C     1 
ATOM   254  O  O     . SER A 1 31  ? 7.068   -7.030  10.062  1.00 29.78  ? 31   SER A O     1 
ATOM   255  C  CB    . SER A 1 31  ? 9.111   -9.431  11.199  1.00 34.31  ? 31   SER A CB    1 
ATOM   256  O  OG    . SER A 1 31  ? 9.288   -8.199  11.934  1.00 35.48  ? 31   SER A OG    1 
ATOM   257  N  N     . ARG A 1 32  ? 6.050   -8.851  10.958  1.00 31.55  ? 32   ARG A N     1 
ATOM   258  C  CA    . ARG A 1 32  ? 4.894   -8.046  11.359  1.00 34.96  ? 32   ARG A CA    1 
ATOM   259  C  C     . ARG A 1 32  ? 5.317   -6.892  12.280  1.00 34.01  ? 32   ARG A C     1 
ATOM   260  O  O     . ARG A 1 32  ? 4.746   -5.803  12.211  1.00 37.46  ? 32   ARG A O     1 
ATOM   261  C  CB    . ARG A 1 32  ? 3.792   -8.915  11.956  1.00 37.32  ? 32   ARG A CB    1 
ATOM   262  C  CG    . ARG A 1 32  ? 2.448   -8.230  12.057  1.00 40.93  ? 32   ARG A CG    1 
ATOM   263  C  CD    . ARG A 1 32  ? 1.320   -9.207  12.370  1.00 41.60  ? 32   ARG A CD    1 
ATOM   264  N  NE    . ARG A 1 32  ? 0.745   -9.824  11.173  1.00 44.17  ? 32   ARG A NE    1 
ATOM   265  C  CZ    . ARG A 1 32  ? 0.868   -11.109 10.824  1.00 48.42  ? 32   ARG A CZ    1 
ATOM   266  N  NH1   . ARG A 1 32  ? 0.286   -11.555 9.708   1.00 44.56  ? 32   ARG A NH1   1 
ATOM   267  N  NH2   . ARG A 1 32  ? 1.579   -11.957 11.574  1.00 48.23  ? 32   ARG A NH2   1 
ATOM   268  N  N     . GLU A 1 33  ? 6.358   -7.092  13.082  1.00 35.13  ? 33   GLU A N     1 
ATOM   269  C  CA    . GLU A 1 33  ? 6.878   -6.048  13.988  1.00 33.62  ? 33   GLU A CA    1 
ATOM   270  C  C     . GLU A 1 33  ? 7.546   -4.931  13.247  1.00 33.31  ? 33   GLU A C     1 
ATOM   271  O  O     . GLU A 1 33  ? 7.602   -3.794  13.727  1.00 32.33  ? 33   GLU A O     1 
ATOM   272  C  CB    . GLU A 1 33  ? 7.928   -6.615  14.951  1.00 36.88  ? 33   GLU A CB    1 
ATOM   273  C  CG    . GLU A 1 33  ? 7.362   -7.587  15.958  1.00 39.53  ? 33   GLU A CG    1 
ATOM   274  N  N     . GLU A 1 34  ? 8.098   -5.263  12.091  1.00 31.07  ? 34   GLU A N     1 
ATOM   275  C  CA    . GLU A 1 34  ? 8.773   -4.282  11.259  1.00 32.54  ? 34   GLU A CA    1 
ATOM   276  C  C     . GLU A 1 34  ? 7.844   -3.532  10.325  1.00 31.07  ? 34   GLU A C     1 
ATOM   277  O  O     . GLU A 1 34  ? 8.334   -2.700  9.571   1.00 32.59  ? 34   GLU A O     1 
ATOM   278  C  CB    . GLU A 1 34  ? 9.811   -4.965  10.392  1.00 32.31  ? 34   GLU A CB    1 
ATOM   279  C  CG    . GLU A 1 34  ? 10.977  -5.519  11.156  1.00 33.30  ? 34   GLU A CG    1 
ATOM   280  C  CD    . GLU A 1 34  ? 11.879  -6.307  10.249  1.00 31.98  ? 34   GLU A CD    1 
ATOM   281  O  OE1   . GLU A 1 34  ? 11.417  -7.224  9.566   1.00 34.87  ? 34   GLU A OE1   1 
ATOM   282  O  OE2   . GLU A 1 34  ? 13.063  -5.982  10.193  1.00 38.70  ? 34   GLU A OE2   1 
ATOM   283  N  N     . ILE A 1 35  ? 6.535   -3.841  10.358  1.00 28.75  ? 35   ILE A N     1 
ATOM   284  C  CA    . ILE A 1 35  ? 5.541   -3.255  9.447   1.00 26.18  ? 35   ILE A CA    1 
ATOM   285  C  C     . ILE A 1 35  ? 4.511   -2.407  10.202  1.00 25.27  ? 35   ILE A C     1 
ATOM   286  O  O     . ILE A 1 35  ? 4.221   -1.266  9.812   1.00 25.40  ? 35   ILE A O     1 
ATOM   287  C  CB    . ILE A 1 35  ? 4.786   -4.364  8.694   1.00 26.73  ? 35   ILE A CB    1 
ATOM   288  C  CG1   . ILE A 1 35  ? 5.734   -5.116  7.768   1.00 26.76  ? 35   ILE A CG1   1 
ATOM   289  C  CG2   . ILE A 1 35  ? 3.627   -3.777  7.878   1.00 28.29  ? 35   ILE A CG2   1 
ATOM   290  C  CD1   . ILE A 1 35  ? 5.278   -6.514  7.419   1.00 26.71  ? 35   ILE A CD1   1 
ATOM   291  N  N     . LEU A 1 36  ? 3.943   -2.976  11.260  1.00 24.39  ? 36   LEU A N     1 
ATOM   292  C  CA    . LEU A 1 36  ? 2.864   -2.337  11.999  1.00 26.37  ? 36   LEU A CA    1 
ATOM   293  C  C     . LEU A 1 36  ? 3.286   -0.951  12.488  1.00 27.13  ? 36   LEU A C     1 
ATOM   294  O  O     . LEU A 1 36  ? 4.375   -0.776  13.039  1.00 24.40  ? 36   LEU A O     1 
ATOM   295  C  CB    . LEU A 1 36  ? 2.379   -3.204  13.182  1.00 27.87  ? 36   LEU A CB    1 
ATOM   296  C  CG    . LEU A 1 36  ? 1.667   -4.523  12.864  1.00 28.53  ? 36   LEU A CG    1 
ATOM   297  C  CD1   . LEU A 1 36  ? 1.001   -5.097  14.102  1.00 30.14  ? 36   LEU A CD1   1 
ATOM   298  C  CD2   . LEU A 1 36  ? 0.651   -4.361  11.751  1.00 30.65  ? 36   LEU A CD2   1 
ATOM   299  N  N     . GLY A 1 37  ? 2.424   0.034   12.238  1.00 26.35  ? 37   GLY A N     1 
ATOM   300  C  CA    . GLY A 1 37  ? 2.691   1.403   12.635  1.00 26.90  ? 37   GLY A CA    1 
ATOM   301  C  C     . GLY A 1 37  ? 3.442   2.247   11.617  1.00 27.15  ? 37   GLY A C     1 
ATOM   302  O  O     . GLY A 1 37  ? 3.614   3.434   11.838  1.00 32.65  ? 37   GLY A O     1 
ATOM   303  N  N     . ARG A 1 38  ? 3.906   1.689   10.503  1.00 26.28  ? 38   ARG A N     1 
ATOM   304  C  CA    A ARG A 1 38  ? 4.531   2.568   9.523   0.50 26.26  ? 38   ARG A CA    1 
ATOM   305  C  CA    B ARG A 1 38  ? 4.591   2.447   9.451   0.50 25.13  ? 38   ARG A CA    1 
ATOM   306  C  C     . ARG A 1 38  ? 3.620   2.819   8.321   1.00 26.63  ? 38   ARG A C     1 
ATOM   307  O  O     . ARG A 1 38  ? 2.669   2.078   8.073   1.00 25.15  ? 38   ARG A O     1 
ATOM   308  C  CB    A ARG A 1 38  ? 5.912   2.076   9.114   0.50 28.33  ? 38   ARG A CB    1 
ATOM   309  C  CB    B ARG A 1 38  ? 5.714   1.597   8.848   0.50 25.40  ? 38   ARG A CB    1 
ATOM   310  C  CG    A ARG A 1 38  ? 5.945   0.767   8.382   0.50 28.80  ? 38   ARG A CG    1 
ATOM   311  C  CG    B ARG A 1 38  ? 6.738   1.101   9.853   0.50 24.64  ? 38   ARG A CG    1 
ATOM   312  C  CD    A ARG A 1 38  ? 7.338   0.190   8.421   0.50 29.86  ? 38   ARG A CD    1 
ATOM   313  C  CD    B ARG A 1 38  ? 7.726   0.149   9.222   0.50 25.95  ? 38   ARG A CD    1 
ATOM   314  N  NE    A ARG A 1 38  ? 8.357   1.137   7.999   0.50 30.20  ? 38   ARG A NE    1 
ATOM   315  N  NE    B ARG A 1 38  ? 8.716   0.785   8.361   0.50 25.80  ? 38   ARG A NE    1 
ATOM   316  C  CZ    A ARG A 1 38  ? 9.656   0.892   8.092   0.50 31.09  ? 38   ARG A CZ    1 
ATOM   317  C  CZ    B ARG A 1 38  ? 9.712   0.125   7.775   0.50 25.60  ? 38   ARG A CZ    1 
ATOM   318  N  NH1   A ARG A 1 38  ? 10.063  -0.265  8.608   0.50 31.90  ? 38   ARG A NH1   1 
ATOM   319  N  NH1   B ARG A 1 38  ? 9.842   -1.176  7.961   0.50 25.83  ? 38   ARG A NH1   1 
ATOM   320  N  NH2   A ARG A 1 38  ? 10.537  1.797   7.687   0.50 30.11  ? 38   ARG A NH2   1 
ATOM   321  N  NH2   B ARG A 1 38  ? 10.582  0.761   7.008   0.50 25.35  ? 38   ARG A NH2   1 
ATOM   322  N  N     . ASN A 1 39  ? 3.897   3.923   7.624   1.00 25.11  ? 39   ASN A N     1 
ATOM   323  C  CA    . ASN A 1 39  ? 3.220   4.262   6.401   1.00 26.16  ? 39   ASN A CA    1 
ATOM   324  C  C     . ASN A 1 39  ? 3.689   3.316   5.298   1.00 26.01  ? 39   ASN A C     1 
ATOM   325  O  O     . ASN A 1 39  ? 4.866   2.911   5.270   1.00 25.65  ? 39   ASN A O     1 
ATOM   326  C  CB    . ASN A 1 39  ? 3.487   5.737   6.045   1.00 25.90  ? 39   ASN A CB    1 
ATOM   327  C  CG    . ASN A 1 39  ? 2.728   6.191   4.824   1.00 25.32  ? 39   ASN A CG    1 
ATOM   328  O  OD1   . ASN A 1 39  ? 3.132   5.932   3.698   1.00 25.43  ? 39   ASN A OD1   1 
ATOM   329  N  ND2   . ASN A 1 39  ? 1.619   6.867   5.035   1.00 25.60  ? 39   ASN A ND2   1 
ATOM   330  N  N     . GLY A 1 40  ? 2.771   2.962   4.389   1.00 26.28  ? 40   GLY A N     1 
ATOM   331  C  CA    . GLY A 1 40  ? 3.073   2.032   3.295   1.00 25.00  ? 40   GLY A CA    1 
ATOM   332  C  C     . GLY A 1 40  ? 4.160   2.463   2.298   1.00 26.40  ? 40   GLY A C     1 
ATOM   333  O  O     . GLY A 1 40  ? 4.582   1.662   1.448   1.00 25.58  ? 40   GLY A O     1 
ATOM   334  N  N     . ARG A 1 41  ? 4.590   3.722   2.378   1.00 25.27  ? 41   ARG A N     1 
ATOM   335  C  CA    . ARG A 1 41  ? 5.600   4.285   1.491   1.00 26.54  ? 41   ARG A CA    1 
ATOM   336  C  C     . ARG A 1 41  ? 6.969   3.683   1.713   1.00 26.65  ? 41   ARG A C     1 
ATOM   337  O  O     . ARG A 1 41  ? 7.850   3.863   0.876   1.00 25.46  ? 41   ARG A O     1 
ATOM   338  C  CB    . ARG A 1 41  ? 5.712   5.823   1.659   1.00 26.51  ? 41   ARG A CB    1 
ATOM   339  C  CG    . ARG A 1 41  ? 6.383   6.300   2.916   1.00 27.56  ? 41   ARG A CG    1 
ATOM   340  C  CD    . ARG A 1 41  ? 6.624   7.795   2.880   1.00 26.93  ? 41   ARG A CD    1 
ATOM   341  N  NE    . ARG A 1 41  ? 5.364   8.508   2.853   1.00 26.91  ? 41   ARG A NE    1 
ATOM   342  C  CZ    . ARG A 1 41  ? 4.708   8.873   3.951   1.00 28.49  ? 41   ARG A CZ    1 
ATOM   343  N  NH1   . ARG A 1 41  ? 5.181   8.558   5.148   1.00 28.21  ? 41   ARG A NH1   1 
ATOM   344  N  NH2   . ARG A 1 41  ? 3.558   9.510   3.855   1.00 29.14  ? 41   ARG A NH2   1 
ATOM   345  N  N     . PHE A 1 42  ? 7.127   2.970   2.828   1.00 25.88  ? 42   PHE A N     1 
ATOM   346  C  CA    . PHE A 1 42  ? 8.382   2.382   3.230   1.00 26.48  ? 42   PHE A CA    1 
ATOM   347  C  C     . PHE A 1 42  ? 8.887   1.354   2.231   1.00 28.07  ? 42   PHE A C     1 
ATOM   348  O  O     . PHE A 1 42  ? 10.069  1.049   2.201   1.00 27.91  ? 42   PHE A O     1 
ATOM   349  C  CB    . PHE A 1 42  ? 8.292   1.784   4.651   1.00 26.55  ? 42   PHE A CB    1 
ATOM   350  C  CG    . PHE A 1 42  ? 7.732   0.377   4.729   1.00 26.39  ? 42   PHE A CG    1 
ATOM   351  C  CD1   . PHE A 1 42  ? 6.370   0.146   4.860   1.00 26.61  ? 42   PHE A CD1   1 
ATOM   352  C  CD2   . PHE A 1 42  ? 8.581   -0.708  4.779   1.00 26.49  ? 42   PHE A CD2   1 
ATOM   353  C  CE1   . PHE A 1 42  ? 5.870   -1.146  4.958   1.00 26.48  ? 42   PHE A CE1   1 
ATOM   354  C  CE2   . PHE A 1 42  ? 8.090   -2.003  4.874   1.00 27.06  ? 42   PHE A CE2   1 
ATOM   355  C  CZ    . PHE A 1 42  ? 6.731   -2.224  4.967   1.00 26.34  ? 42   PHE A CZ    1 
ATOM   356  N  N     . LEU A 1 43  ? 7.988   0.804   1.434   1.00 27.20  ? 43   LEU A N     1 
ATOM   357  C  CA    . LEU A 1 43  ? 8.386   -0.116  0.379   1.00 27.17  ? 43   LEU A CA    1 
ATOM   358  C  C     . LEU A 1 43  ? 8.978   0.566   -0.857  1.00 27.66  ? 43   LEU A C     1 
ATOM   359  O  O     . LEU A 1 43  ? 9.431   -0.118  -1.782  1.00 23.54  ? 43   LEU A O     1 
ATOM   360  C  CB    . LEU A 1 43  ? 7.175   -0.939  -0.059  1.00 27.71  ? 43   LEU A CB    1 
ATOM   361  C  CG    . LEU A 1 43  ? 6.601   -1.877  1.000   1.00 28.33  ? 43   LEU A CG    1 
ATOM   362  C  CD1   . LEU A 1 43  ? 5.238   -2.349  0.519   1.00 29.77  ? 43   LEU A CD1   1 
ATOM   363  C  CD2   . LEU A 1 43  ? 7.533   -3.048  1.247   1.00 30.29  ? 43   LEU A CD2   1 
ATOM   364  N  N     . GLN A 1 44  ? 8.912   1.899   -0.933  1.00 27.11  ? 44   GLN A N     1 
ATOM   365  C  CA    . GLN A 1 44  ? 9.420   2.564   -2.118  1.00 27.59  ? 44   GLN A CA    1 
ATOM   366  C  C     . GLN A 1 44  ? 10.954  2.664   -2.066  1.00 30.31  ? 44   GLN A C     1 
ATOM   367  O  O     . GLN A 1 44  ? 11.584  2.451   -1.029  1.00 30.05  ? 44   GLN A O     1 
ATOM   368  C  CB    . GLN A 1 44  ? 8.775   3.920   -2.276  1.00 28.83  ? 44   GLN A CB    1 
ATOM   369  C  CG    . GLN A 1 44  ? 7.270   3.783   -2.449  1.00 28.95  ? 44   GLN A CG    1 
ATOM   370  C  CD    . GLN A 1 44  ? 6.509   5.056   -2.201  1.00 27.86  ? 44   GLN A CD    1 
ATOM   371  O  OE1   . GLN A 1 44  ? 7.083   6.134   -2.107  1.00 26.85  ? 44   GLN A OE1   1 
ATOM   372  N  NE2   . GLN A 1 44  ? 5.172   4.929   -2.103  1.00 29.71  ? 44   GLN A NE2   1 
ATOM   373  N  N     . GLY A 1 45  ? 11.559  2.936   -3.206  1.00 31.38  ? 45   GLY A N     1 
ATOM   374  C  CA    . GLY A 1 45  ? 13.005  3.198   -3.220  1.00 31.56  ? 45   GLY A CA    1 
ATOM   375  C  C     . GLY A 1 45  ? 13.349  4.022   -4.431  1.00 30.09  ? 45   GLY A C     1 
ATOM   376  O  O     . GLY A 1 45  ? 12.457  4.513   -5.117  1.00 29.52  ? 45   GLY A O     1 
ATOM   377  N  N     . PRO A 1 46  ? 14.647  4.164   -4.711  1.00 31.96  ? 46   PRO A N     1 
ATOM   378  C  CA    . PRO A 1 46  ? 15.176  5.023   -5.777  1.00 31.70  ? 46   PRO A CA    1 
ATOM   379  C  C     . PRO A 1 46  ? 14.508  4.884   -7.164  1.00 30.18  ? 46   PRO A C     1 
ATOM   380  O  O     . PRO A 1 46  ? 14.315  5.871   -7.869  1.00 27.86  ? 46   PRO A O     1 
ATOM   381  C  CB    . PRO A 1 46  ? 16.641  4.566   -5.867  1.00 33.79  ? 46   PRO A CB    1 
ATOM   382  C  CG    . PRO A 1 46  ? 16.980  4.112   -4.481  1.00 32.73  ? 46   PRO A CG    1 
ATOM   383  C  CD    . PRO A 1 46  ? 15.722  3.460   -3.981  1.00 30.77  ? 46   PRO A CD    1 
ATOM   384  N  N     . GLU A 1 47  ? 14.152  3.656   -7.526  1.00 30.49  ? 47   GLU A N     1 
ATOM   385  C  CA    A GLU A 1 47  ? 13.611  3.350   -8.845  0.50 31.63  ? 47   GLU A CA    1 
ATOM   386  C  CA    B GLU A 1 47  ? 13.626  3.356   -8.849  0.50 30.76  ? 47   GLU A CA    1 
ATOM   387  C  C     . GLU A 1 47  ? 12.097  3.565   -8.926  1.00 31.61  ? 47   GLU A C     1 
ATOM   388  O  O     . GLU A 1 47  ? 11.521  3.464   -10.002 1.00 31.32  ? 47   GLU A O     1 
ATOM   389  C  CB    A GLU A 1 47  ? 13.967  1.907   -9.222  0.50 32.31  ? 47   GLU A CB    1 
ATOM   390  C  CB    B GLU A 1 47  ? 14.031  1.925   -9.277  0.50 30.36  ? 47   GLU A CB    1 
ATOM   391  C  CG    A GLU A 1 47  ? 13.724  1.527   -10.677 0.50 34.00  ? 47   GLU A CG    1 
ATOM   392  C  CG    B GLU A 1 47  ? 15.539  1.604   -9.171  0.50 30.25  ? 47   GLU A CG    1 
ATOM   393  C  CD    A GLU A 1 47  ? 14.519  2.339   -11.695 0.50 33.86  ? 47   GLU A CD    1 
ATOM   394  C  CD    B GLU A 1 47  ? 16.371  2.033   -10.380 0.50 31.21  ? 47   GLU A CD    1 
ATOM   395  O  OE1   A GLU A 1 47  ? 13.984  2.597   -12.790 0.50 34.24  ? 47   GLU A OE1   1 
ATOM   396  O  OE1   B GLU A 1 47  ? 15.833  2.756   -11.252 0.50 31.76  ? 47   GLU A OE1   1 
ATOM   397  O  OE2   A GLU A 1 47  ? 15.671  2.728   -11.412 0.50 35.08  ? 47   GLU A OE2   1 
ATOM   398  O  OE2   B GLU A 1 47  ? 17.579  1.649   -10.472 0.50 29.19  ? 47   GLU A OE2   1 
ATOM   399  N  N     . THR A 1 48  ? 11.456  3.879   -7.791  1.00 31.49  ? 48   THR A N     1 
ATOM   400  C  CA    A THR A 1 48  ? 9.995   4.154   -7.754  0.50 30.17  ? 48   THR A CA    1 
ATOM   401  C  CA    B THR A 1 48  ? 9.995   4.154   -7.754  0.50 30.15  ? 48   THR A CA    1 
ATOM   402  C  C     . THR A 1 48  ? 9.613   5.464   -8.437  1.00 29.13  ? 48   THR A C     1 
ATOM   403  O  O     . THR A 1 48  ? 10.130  6.526   -8.105  1.00 31.29  ? 48   THR A O     1 
ATOM   404  C  CB    A THR A 1 48  ? 9.464   4.204   -6.311  0.50 28.47  ? 48   THR A CB    1 
ATOM   405  C  CB    B THR A 1 48  ? 9.463   4.203   -6.311  0.50 28.46  ? 48   THR A CB    1 
ATOM   406  O  OG1   A THR A 1 48  ? 9.802   2.989   -5.627  0.50 25.22  ? 48   THR A OG1   1 
ATOM   407  O  OG1   B THR A 1 48  ? 9.802   2.989   -5.627  0.50 25.21  ? 48   THR A OG1   1 
ATOM   408  C  CG2   A THR A 1 48  ? 7.954   4.376   -6.300  0.50 28.55  ? 48   THR A CG2   1 
ATOM   409  C  CG2   B THR A 1 48  ? 7.953   4.375   -6.301  0.50 28.54  ? 48   THR A CG2   1 
ATOM   410  N  N     . ASP A 1 49  ? 8.688   5.388   -9.383  1.00 31.99  ? 49   ASP A N     1 
ATOM   411  C  CA    . ASP A 1 49  ? 8.272   6.549   -10.167 1.00 32.07  ? 49   ASP A CA    1 
ATOM   412  C  C     . ASP A 1 49  ? 7.492   7.595   -9.328  1.00 35.02  ? 49   ASP A C     1 
ATOM   413  O  O     . ASP A 1 49  ? 6.397   7.339   -8.830  1.00 31.04  ? 49   ASP A O     1 
ATOM   414  C  CB    . ASP A 1 49  ? 7.451   6.068   -11.362 1.00 33.56  ? 49   ASP A CB    1 
ATOM   415  C  CG    . ASP A 1 49  ? 7.136   7.172   -12.358 1.00 36.35  ? 49   ASP A CG    1 
ATOM   416  O  OD1   . ASP A 1 49  ? 6.986   8.343   -11.973 1.00 40.20  ? 49   ASP A OD1   1 
ATOM   417  O  OD2   . ASP A 1 49  ? 7.024   6.857   -13.549 1.00 38.32  ? 49   ASP A OD2   1 
ATOM   418  N  N     . GLN A 1 50  ? 8.049   8.795   -9.209  1.00 34.03  ? 50   GLN A N     1 
ATOM   419  C  CA    . GLN A 1 50  ? 7.439   9.811   -8.373  1.00 34.50  ? 50   GLN A CA    1 
ATOM   420  C  C     . GLN A 1 50  ? 6.097   10.334  -8.893  1.00 31.01  ? 50   GLN A C     1 
ATOM   421  O  O     . GLN A 1 50  ? 5.232   10.692  -8.088  1.00 28.03  ? 50   GLN A O     1 
ATOM   422  C  CB    . GLN A 1 50  ? 8.418   10.949  -8.079  1.00 37.09  ? 50   GLN A CB    1 
ATOM   423  C  CG    . GLN A 1 50  ? 9.620   10.483  -7.286  1.00 39.59  ? 50   GLN A CG    1 
ATOM   424  C  CD    . GLN A 1 50  ? 9.243   9.784   -5.979  1.00 43.34  ? 50   GLN A CD    1 
ATOM   425  O  OE1   . GLN A 1 50  ? 8.472   10.320  -5.174  1.00 45.81  ? 50   GLN A OE1   1 
ATOM   426  N  NE2   . GLN A 1 50  ? 9.780   8.572   -5.767  1.00 42.00  ? 50   GLN A NE2   1 
ATOM   427  N  N     . ALA A 1 51  ? 5.876   10.308  -10.205 1.00 29.72  ? 51   ALA A N     1 
ATOM   428  C  CA    . ALA A 1 51  ? 4.538   10.615  -10.747 1.00 31.74  ? 51   ALA A CA    1 
ATOM   429  C  C     . ALA A 1 51  ? 3.450   9.673   -10.209 1.00 32.64  ? 51   ALA A C     1 
ATOM   430  O  O     . ALA A 1 51  ? 2.357   10.113  -9.885  1.00 36.04  ? 51   ALA A O     1 
ATOM   431  C  CB    . ALA A 1 51  ? 4.538   10.594  -12.266 1.00 31.43  ? 51   ALA A CB    1 
ATOM   432  N  N     . THR A 1 52  ? 3.747   8.381   -10.134 1.00 34.07  ? 52   THR A N     1 
ATOM   433  C  CA    . THR A 1 52  ? 2.799   7.397   -9.586  1.00 32.39  ? 52   THR A CA    1 
ATOM   434  C  C     . THR A 1 52  ? 2.521   7.621   -8.081  1.00 32.19  ? 52   THR A C     1 
ATOM   435  O  O     . THR A 1 52  ? 1.381   7.533   -7.634  1.00 28.11  ? 52   THR A O     1 
ATOM   436  C  CB    . THR A 1 52  ? 3.312   5.970   -9.795  1.00 33.48  ? 52   THR A CB    1 
ATOM   437  O  OG1   . THR A 1 52  ? 3.682   5.791   -11.159 1.00 31.62  ? 52   THR A OG1   1 
ATOM   438  C  CG2   . THR A 1 52  ? 2.240   4.961   -9.448  1.00 32.87  ? 52   THR A CG2   1 
ATOM   439  N  N     . VAL A 1 53  ? 3.578   7.892   -7.316  1.00 32.51  ? 53   VAL A N     1 
ATOM   440  C  CA    . VAL A 1 53  ? 3.454   8.221   -5.907  1.00 33.86  ? 53   VAL A CA    1 
ATOM   441  C  C     . VAL A 1 53  ? 2.509   9.428   -5.733  1.00 32.97  ? 53   VAL A C     1 
ATOM   442  O  O     . VAL A 1 53  ? 1.687   9.437   -4.826  1.00 30.86  ? 53   VAL A O     1 
ATOM   443  C  CB    . VAL A 1 53  ? 4.838   8.477   -5.250  1.00 33.81  ? 53   VAL A CB    1 
ATOM   444  C  CG1   . VAL A 1 53  ? 4.680   8.797   -3.771  1.00 34.16  ? 53   VAL A CG1   1 
ATOM   445  C  CG2   . VAL A 1 53  ? 5.747   7.276   -5.403  1.00 32.55  ? 53   VAL A CG2   1 
ATOM   446  N  N     . GLN A 1 54  ? 2.598   10.415  -6.626  1.00 34.15  ? 54   GLN A N     1 
ATOM   447  C  CA    . GLN A 1 54  ? 1.718   11.584  -6.579  1.00 35.53  ? 54   GLN A CA    1 
ATOM   448  C  C     . GLN A 1 54  ? 0.273   11.186  -6.785  1.00 32.99  ? 54   GLN A C     1 
ATOM   449  O  O     . GLN A 1 54  ? -0.619  11.681  -6.102  1.00 31.39  ? 54   GLN A O     1 
ATOM   450  C  CB    . GLN A 1 54  ? 2.122   12.621  -7.646  1.00 40.82  ? 54   GLN A CB    1 
ATOM   451  C  CG    . GLN A 1 54  ? 1.283   13.898  -7.645  1.00 44.76  ? 54   GLN A CG    1 
ATOM   452  C  CD    . GLN A 1 54  ? 1.179   14.522  -6.268  1.00 51.86  ? 54   GLN A CD    1 
ATOM   453  O  OE1   . GLN A 1 54  ? 2.197   14.746  -5.611  1.00 56.75  ? 54   GLN A OE1   1 
ATOM   454  N  NE2   . GLN A 1 54  ? -0.048  14.768  -5.799  1.00 55.63  ? 54   GLN A NE2   1 
ATOM   455  N  N     . LYS A 1 55  ? 0.048   10.291  -7.734  1.00 31.17  ? 55   LYS A N     1 
ATOM   456  C  CA    A LYS A 1 55  ? -1.295  9.805   -8.034  0.50 32.68  ? 55   LYS A CA    1 
ATOM   457  C  CA    B LYS A 1 55  ? -1.304  9.807   -8.024  0.50 31.85  ? 55   LYS A CA    1 
ATOM   458  C  C     . LYS A 1 55  ? -1.901  9.092   -6.823  1.00 30.09  ? 55   LYS A C     1 
ATOM   459  O  O     . LYS A 1 55  ? -3.108  9.234   -6.540  1.00 27.85  ? 55   LYS A O     1 
ATOM   460  C  CB    A LYS A 1 55  ? -1.284  8.850   -9.244  0.50 36.04  ? 55   LYS A CB    1 
ATOM   461  C  CB    B LYS A 1 55  ? -1.325  8.851   -9.226  0.50 33.99  ? 55   LYS A CB    1 
ATOM   462  C  CG    A LYS A 1 55  ? -0.838  9.448   -10.576 0.50 38.92  ? 55   LYS A CG    1 
ATOM   463  C  CG    B LYS A 1 55  ? -1.529  9.496   -10.582 0.50 35.36  ? 55   LYS A CG    1 
ATOM   464  C  CD    A LYS A 1 55  ? -0.663  8.351   -11.628 0.50 40.60  ? 55   LYS A CD    1 
ATOM   465  C  CD    B LYS A 1 55  ? -1.655  8.408   -11.644 0.50 36.28  ? 55   LYS A CD    1 
ATOM   466  C  CE    A LYS A 1 55  ? -0.676  8.894   -13.050 0.50 42.42  ? 55   LYS A CE    1 
ATOM   467  C  CE    B LYS A 1 55  ? -1.013  8.816   -12.957 0.50 36.70  ? 55   LYS A CE    1 
ATOM   468  N  NZ    A LYS A 1 55  ? 0.649   9.409   -13.501 0.50 43.55  ? 55   LYS A NZ    1 
ATOM   469  N  NZ    B LYS A 1 55  ? -0.895  7.666   -13.895 0.50 36.35  ? 55   LYS A NZ    1 
ATOM   470  N  N     . ILE A 1 56  ? -1.070  8.316   -6.121  1.00 27.95  ? 56   ILE A N     1 
ATOM   471  C  CA    . ILE A 1 56  ? -1.487  7.683   -4.847  1.00 27.68  ? 56   ILE A CA    1 
ATOM   472  C  C     . ILE A 1 56  ? -1.868  8.776   -3.816  1.00 27.99  ? 56   ILE A C     1 
ATOM   473  O  O     . ILE A 1 56  ? -2.983  8.750   -3.269  1.00 27.81  ? 56   ILE A O     1 
ATOM   474  C  CB    . ILE A 1 56  ? -0.418  6.695   -4.296  1.00 26.58  ? 56   ILE A CB    1 
ATOM   475  C  CG1   . ILE A 1 56  ? -0.237  5.478   -5.224  1.00 26.38  ? 56   ILE A CG1   1 
ATOM   476  C  CG2   . ILE A 1 56  ? -0.797  6.174   -2.913  1.00 27.07  ? 56   ILE A CG2   1 
ATOM   477  C  CD1   . ILE A 1 56  ? 1.035   4.711   -4.944  1.00 25.91  ? 56   ILE A CD1   1 
ATOM   478  N  N     . ARG A 1 57  ? -0.990  9.764   -3.603  1.00 28.54  ? 57   ARG A N     1 
ATOM   479  C  CA    A ARG A 1 57  ? -1.276  10.872  -2.672  0.50 29.07  ? 57   ARG A CA    1 
ATOM   480  C  CA    B ARG A 1 57  ? -1.278  10.845  -2.649  0.50 29.15  ? 57   ARG A CA    1 
ATOM   481  C  C     . ARG A 1 57  ? -2.629  11.492  -2.938  1.00 29.35  ? 57   ARG A C     1 
ATOM   482  O  O     . ARG A 1 57  ? -3.406  11.723  -2.025  1.00 28.32  ? 57   ARG A O     1 
ATOM   483  C  CB    A ARG A 1 57  ? -0.243  11.986  -2.801  0.50 31.33  ? 57   ARG A CB    1 
ATOM   484  C  CB    B ARG A 1 57  ? -0.168  11.901  -2.665  0.50 31.46  ? 57   ARG A CB    1 
ATOM   485  C  CG    A ARG A 1 57  ? 1.037   11.798  -2.016  0.50 34.13  ? 57   ARG A CG    1 
ATOM   486  C  CG    B ARG A 1 57  ? -0.172  12.868  -1.482  0.50 34.42  ? 57   ARG A CG    1 
ATOM   487  C  CD    A ARG A 1 57  ? 1.856   13.087  -2.074  0.50 36.71  ? 57   ARG A CD    1 
ATOM   488  C  CD    B ARG A 1 57  ? 0.972   13.880  -1.572  0.50 36.85  ? 57   ARG A CD    1 
ATOM   489  N  NE    A ARG A 1 57  ? 2.475   13.296  -3.387  0.50 38.48  ? 57   ARG A NE    1 
ATOM   490  N  NE    B ARG A 1 57  ? 2.271   13.225  -1.735  0.50 40.28  ? 57   ARG A NE    1 
ATOM   491  C  CZ    A ARG A 1 57  ? 3.726   12.956  -3.698  0.50 38.16  ? 57   ARG A CZ    1 
ATOM   492  C  CZ    B ARG A 1 57  ? 3.151   13.523  -2.694  0.50 42.65  ? 57   ARG A CZ    1 
ATOM   493  N  NH1   A ARG A 1 57  ? 4.504   12.393  -2.793  0.50 39.97  ? 57   ARG A NH1   1 
ATOM   494  N  NH1   B ARG A 1 57  ? 2.908   14.500  -3.556  0.50 43.94  ? 57   ARG A NH1   1 
ATOM   495  N  NH2   A ARG A 1 57  ? 4.206   13.192  -4.912  0.50 38.11  ? 57   ARG A NH2   1 
ATOM   496  N  NH2   B ARG A 1 57  ? 4.300   12.863  -2.771  0.50 43.63  ? 57   ARG A NH2   1 
ATOM   497  N  N     . ASP A 1 58  ? -2.889  11.786  -4.207  1.00 30.08  ? 58   ASP A N     1 
ATOM   498  C  CA    . ASP A 1 58  ? -4.126  12.409  -4.617  1.00 32.09  ? 58   ASP A CA    1 
ATOM   499  C  C     . ASP A 1 58  ? -5.348  11.538  -4.364  1.00 30.49  ? 58   ASP A C     1 
ATOM   500  O  O     . ASP A 1 58  ? -6.402  12.022  -3.939  1.00 29.88  ? 58   ASP A O     1 
ATOM   501  C  CB    . ASP A 1 58  ? -4.092  12.743  -6.111  1.00 34.37  ? 58   ASP A CB    1 
ATOM   502  C  CG    . ASP A 1 58  ? -3.141  13.871  -6.455  1.00 36.18  ? 58   ASP A CG    1 
ATOM   503  O  OD1   . ASP A 1 58  ? -2.722  14.640  -5.573  1.00 36.66  ? 58   ASP A OD1   1 
ATOM   504  O  OD2   . ASP A 1 58  ? -2.815  13.959  -7.652  1.00 40.60  ? 58   ASP A OD2   1 
ATOM   505  N  N     . ALA A 1 59  ? -5.232  10.257  -4.664  1.00 30.07  ? 59   ALA A N     1 
ATOM   506  C  CA    . ALA A 1 59  ? -6.350  9.348   -4.404  1.00 30.03  ? 59   ALA A CA    1 
ATOM   507  C  C     . ALA A 1 59  ? -6.643  9.236   -2.903  1.00 29.06  ? 59   ALA A C     1 
ATOM   508  O  O     . ALA A 1 59  ? -7.804  9.153   -2.495  1.00 27.47  ? 59   ALA A O     1 
ATOM   509  C  CB    . ALA A 1 59  ? -6.061  7.988   -4.977  1.00 29.02  ? 59   ALA A CB    1 
ATOM   510  N  N     . ILE A 1 60  ? -5.590  9.197   -2.094  1.00 29.18  ? 60   ILE A N     1 
ATOM   511  C  CA    A ILE A 1 60  ? -5.777  9.112   -0.659  0.50 30.55  ? 60   ILE A CA    1 
ATOM   512  C  CA    B ILE A 1 60  ? -5.746  9.129   -0.648  0.50 31.02  ? 60   ILE A CA    1 
ATOM   513  C  C     . ILE A 1 60  ? -6.404  10.431  -0.160  1.00 31.10  ? 60   ILE A C     1 
ATOM   514  O  O     . ILE A 1 60  ? -7.345  10.411  0.622   1.00 31.35  ? 60   ILE A O     1 
ATOM   515  C  CB    A ILE A 1 60  ? -4.469  8.728   0.056   0.50 29.40  ? 60   ILE A CB    1 
ATOM   516  C  CB    B ILE A 1 60  ? -4.398  8.885   0.057   0.50 30.46  ? 60   ILE A CB    1 
ATOM   517  C  CG1   A ILE A 1 60  ? -4.042  7.317   -0.383  0.50 30.35  ? 60   ILE A CG1   1 
ATOM   518  C  CG1   B ILE A 1 60  ? -3.852  7.497   -0.299  0.50 32.01  ? 60   ILE A CG1   1 
ATOM   519  C  CG2   A ILE A 1 60  ? -4.656  8.734   1.565   0.50 29.61  ? 60   ILE A CG2   1 
ATOM   520  C  CG2   B ILE A 1 60  ? -4.552  8.970   1.569   0.50 30.84  ? 60   ILE A CG2   1 
ATOM   521  C  CD1   A ILE A 1 60  ? -2.817  6.780   0.318   0.50 29.31  ? 60   ILE A CD1   1 
ATOM   522  C  CD1   B ILE A 1 60  ? -4.846  6.378   -0.074  0.50 31.66  ? 60   ILE A CD1   1 
ATOM   523  N  N     . ARG A 1 61  ? -5.927  11.568  -0.663  1.00 33.76  ? 61   ARG A N     1 
ATOM   524  C  CA    . ARG A 1 61  ? -6.548  12.870  -0.335  1.00 35.20  ? 61   ARG A CA    1 
ATOM   525  C  C     . ARG A 1 61  ? -8.042  12.914  -0.658  1.00 35.51  ? 61   ARG A C     1 
ATOM   526  O  O     . ARG A 1 61  ? -8.872  13.302  0.191   1.00 33.57  ? 61   ARG A O     1 
ATOM   527  C  CB    . ARG A 1 61  ? -5.878  13.991  -1.099  1.00 37.56  ? 61   ARG A CB    1 
ATOM   528  C  CG    . ARG A 1 61  ? -6.326  15.376  -0.657  1.00 38.69  ? 61   ARG A CG    1 
ATOM   529  C  CD    . ARG A 1 61  ? -5.835  16.435  -1.623  1.00 40.63  ? 61   ARG A CD    1 
ATOM   530  N  NE    . ARG A 1 61  ? -6.346  16.189  -2.972  1.00 41.36  ? 61   ARG A NE    1 
ATOM   531  C  CZ    . ARG A 1 61  ? -5.608  16.110  -4.079  1.00 43.65  ? 61   ARG A CZ    1 
ATOM   532  N  NH1   . ARG A 1 61  ? -4.284  16.273  -4.037  1.00 48.71  ? 61   ARG A NH1   1 
ATOM   533  N  NH2   . ARG A 1 61  ? -6.199  15.880  -5.253  1.00 41.11  ? 61   ARG A NH2   1 
ATOM   534  N  N     . ASP A 1 62  ? -8.393  12.498  -1.872  1.00 33.09  ? 62   ASP A N     1 
ATOM   535  C  CA    . ASP A 1 62  ? -9.788  12.572  -2.313  1.00 32.97  ? 62   ASP A CA    1 
ATOM   536  C  C     . ASP A 1 62  ? -10.593 11.349  -1.897  1.00 29.34  ? 62   ASP A C     1 
ATOM   537  O  O     . ASP A 1 62  ? -11.765 11.233  -2.238  1.00 29.28  ? 62   ASP A O     1 
ATOM   538  C  CB    . ASP A 1 62  ? -9.858  12.779  -3.825  1.00 34.10  ? 62   ASP A CB    1 
ATOM   539  C  CG    . ASP A 1 62  ? -9.146  14.040  -4.271  1.00 37.05  ? 62   ASP A CG    1 
ATOM   540  O  OD1   . ASP A 1 62  ? -9.048  15.002  -3.470  1.00 38.18  ? 62   ASP A OD1   1 
ATOM   541  O  OD2   . ASP A 1 62  ? -8.668  14.062  -5.425  1.00 38.11  ? 62   ASP A OD2   1 
ATOM   542  N  N     . GLN A 1 63  ? -9.961  10.461  -1.131  1.00 29.17  ? 63   GLN A N     1 
ATOM   543  C  CA    . GLN A 1 63  ? -10.555 9.214   -0.648  1.00 30.33  ? 63   GLN A CA    1 
ATOM   544  C  C     . GLN A 1 63  ? -11.268 8.467   -1.764  1.00 32.71  ? 63   GLN A C     1 
ATOM   545  O  O     . GLN A 1 63  ? -12.461 8.203   -1.692  1.00 35.75  ? 63   GLN A O     1 
ATOM   546  C  CB    . GLN A 1 63  ? -11.459 9.501   0.557   1.00 31.77  ? 63   GLN A CB    1 
ATOM   547  C  CG    . GLN A 1 63  ? -10.688 10.249  1.622   1.00 31.43  ? 63   GLN A CG    1 
ATOM   548  C  CD    . GLN A 1 63  ? -11.514 10.834  2.766   1.00 32.68  ? 63   GLN A CD    1 
ATOM   549  O  OE1   . GLN A 1 63  ? -12.727 10.699  2.817   1.00 29.85  ? 63   GLN A OE1   1 
ATOM   550  N  NE2   . GLN A 1 63  ? -10.823 11.502  3.694   1.00 31.12  ? 63   GLN A NE2   1 
ATOM   551  N  N     . ARG A 1 64  ? -10.513 8.146   -2.814  1.00 34.96  ? 64   ARG A N     1 
ATOM   552  C  CA    A ARG A 1 64  ? -11.002 7.468   -4.013  0.50 34.56  ? 64   ARG A CA    1 
ATOM   553  C  CA    B ARG A 1 64  ? -11.092 7.366   -3.890  0.50 35.40  ? 64   ARG A CA    1 
ATOM   554  C  C     . ARG A 1 64  ? -10.192 6.206   -4.273  1.00 33.09  ? 64   ARG A C     1 
ATOM   555  O  O     . ARG A 1 64  ? -9.008  6.172   -3.973  1.00 36.02  ? 64   ARG A O     1 
ATOM   556  C  CB    A ARG A 1 64  ? -10.840 8.385   -5.235  0.50 35.43  ? 64   ARG A CB    1 
ATOM   557  C  CB    B ARG A 1 64  ? -11.525 8.250   -5.083  0.50 38.23  ? 64   ARG A CB    1 
ATOM   558  C  CG    A ARG A 1 64  ? -11.596 9.695   -5.151  0.50 36.70  ? 64   ARG A CG    1 
ATOM   559  C  CG    B ARG A 1 64  ? -10.460 8.663   -6.080  0.50 39.08  ? 64   ARG A CG    1 
ATOM   560  C  CD    A ARG A 1 64  ? -11.709 10.364  -6.520  0.50 37.47  ? 64   ARG A CD    1 
ATOM   561  C  CD    B ARG A 1 64  ? -11.104 9.426   -7.236  0.50 42.97  ? 64   ARG A CD    1 
ATOM   562  N  NE    A ARG A 1 64  ? -12.563 9.662   -7.491  0.50 36.70  ? 64   ARG A NE    1 
ATOM   563  N  NE    B ARG A 1 64  ? -12.075 10.416  -6.760  0.50 45.83  ? 64   ARG A NE    1 
ATOM   564  C  CZ    A ARG A 1 64  ? -13.900 9.657   -7.472  0.50 36.80  ? 64   ARG A CZ    1 
ATOM   565  C  CZ    B ARG A 1 64  ? -13.393 10.359  -6.971  0.50 48.16  ? 64   ARG A CZ    1 
ATOM   566  N  NH1   A ARG A 1 64  ? -14.568 9.009   -8.412  0.50 36.58  ? 64   ARG A NH1   1 
ATOM   567  N  NH1   B ARG A 1 64  ? -14.185 11.311  -6.479  0.50 48.36  ? 64   ARG A NH1   1 
ATOM   568  N  NH2   A ARG A 1 64  ? -14.578 10.287  -6.519  0.50 38.75  ? 64   ARG A NH2   1 
ATOM   569  N  NH2   B ARG A 1 64  ? -13.926 9.374   -7.685  0.50 46.13  ? 64   ARG A NH2   1 
ATOM   570  N  N     . GLU A 1 65  ? -10.806 5.209   -4.871  1.00 32.76  ? 65   GLU A N     1 
ATOM   571  C  CA    A GLU A 1 65  ? -10.111 3.979   -5.193  0.50 32.36  ? 65   GLU A CA    1 
ATOM   572  C  CA    B GLU A 1 65  ? -10.112 3.976   -5.210  0.50 33.04  ? 65   GLU A CA    1 
ATOM   573  C  C     . GLU A 1 65  ? -9.156  4.186   -6.368  1.00 33.14  ? 65   GLU A C     1 
ATOM   574  O  O     . GLU A 1 65  ? -9.435  4.963   -7.286  1.00 33.97  ? 65   GLU A O     1 
ATOM   575  C  CB    A GLU A 1 65  ? -11.117 2.863   -5.495  0.50 32.66  ? 65   GLU A CB    1 
ATOM   576  C  CB    B GLU A 1 65  ? -11.101 2.874   -5.587  0.50 34.18  ? 65   GLU A CB    1 
ATOM   577  C  CG    A GLU A 1 65  ? -12.083 3.154   -6.630  0.50 31.89  ? 65   GLU A CG    1 
ATOM   578  C  CG    B GLU A 1 65  ? -10.410 1.568   -5.976  0.50 34.83  ? 65   GLU A CG    1 
ATOM   579  N  N     . ILE A 1 66  ? -8.031  3.484   -6.340  1.00 34.49  ? 66   ILE A N     1 
ATOM   580  C  CA    . ILE A 1 66  ? -7.054  3.593   -7.401  1.00 32.43  ? 66   ILE A CA    1 
ATOM   581  C  C     . ILE A 1 66  ? -6.271  2.300   -7.520  1.00 32.12  ? 66   ILE A C     1 
ATOM   582  O  O     . ILE A 1 66  ? -5.964  1.612   -6.518  1.00 30.48  ? 66   ILE A O     1 
ATOM   583  C  CB    . ILE A 1 66  ? -6.092  4.789   -7.158  1.00 33.75  ? 66   ILE A CB    1 
ATOM   584  C  CG1   . ILE A 1 66  ? -5.359  5.151   -8.450  1.00 35.62  ? 66   ILE A CG1   1 
ATOM   585  C  CG2   . ILE A 1 66  ? -5.113  4.481   -6.024  1.00 32.81  ? 66   ILE A CG2   1 
ATOM   586  C  CD1   . ILE A 1 66  ? -4.431  6.347   -8.368  1.00 36.56  ? 66   ILE A CD1   1 
ATOM   587  N  N     . THR A 1 67  ? -5.927  1.981   -8.753  1.00 30.15  ? 67   THR A N     1 
ATOM   588  C  CA    . THR A 1 67  ? -5.001  0.908   -9.009  1.00 30.01  ? 67   THR A CA    1 
ATOM   589  C  C     . THR A 1 67  ? -3.814  1.471   -9.780  1.00 28.05  ? 67   THR A C     1 
ATOM   590  O  O     . THR A 1 67  ? -3.997  2.115   -10.773 1.00 26.37  ? 67   THR A O     1 
ATOM   591  C  CB    . THR A 1 67  ? -5.701  -0.204  -9.782  1.00 31.63  ? 67   THR A CB    1 
ATOM   592  O  OG1   . THR A 1 67  ? -6.792  -0.701  -8.989  1.00 32.33  ? 67   THR A OG1   1 
ATOM   593  C  CG2   . THR A 1 67  ? -4.734  -1.320  -10.096 1.00 31.54  ? 67   THR A CG2   1 
ATOM   594  N  N     . VAL A 1 68  ? -2.611  1.250   -9.286  1.00 26.32  ? 68   VAL A N     1 
ATOM   595  C  CA    . VAL A 1 68  ? -1.404  1.687   -9.941  1.00 27.30  ? 68   VAL A CA    1 
ATOM   596  C  C     . VAL A 1 68  ? -0.435  0.520   -9.977  1.00 26.64  ? 68   VAL A C     1 
ATOM   597  O  O     . VAL A 1 68  ? -0.583  -0.464  -9.270  1.00 27.92  ? 68   VAL A O     1 
ATOM   598  C  CB    . VAL A 1 68  ? -0.689  2.861   -9.197  1.00 29.67  ? 68   VAL A CB    1 
ATOM   599  C  CG1   . VAL A 1 68  ? -1.513  4.136   -9.252  1.00 31.78  ? 68   VAL A CG1   1 
ATOM   600  C  CG2   . VAL A 1 68  ? -0.381  2.506   -7.745  1.00 29.11  ? 68   VAL A CG2   1 
ATOM   601  N  N     . GLN A 1 69  ? 0.579   0.650   -10.807 1.00 27.13  ? 69   GLN A N     1 
ATOM   602  C  CA    . GLN A 1 69  ? 1.696   -0.241  -10.789 1.00 28.90  ? 69   GLN A CA    1 
ATOM   603  C  C     . GLN A 1 69  ? 2.924   0.568   -10.478 1.00 28.75  ? 69   GLN A C     1 
ATOM   604  O  O     . GLN A 1 69  ? 3.101   1.661   -11.009 1.00 28.79  ? 69   GLN A O     1 
ATOM   605  C  CB    . GLN A 1 69  ? 1.851   -0.933  -12.125 1.00 32.92  ? 69   GLN A CB    1 
ATOM   606  C  CG    . GLN A 1 69  ? 2.646   -2.207  -11.985 1.00 37.92  ? 69   GLN A CG    1 
ATOM   607  C  CD    . GLN A 1 69  ? 2.971   -2.855  -13.316 1.00 42.90  ? 69   GLN A CD    1 
ATOM   608  O  OE1   . GLN A 1 69  ? 2.687   -4.037  -13.531 1.00 44.07  ? 69   GLN A OE1   1 
ATOM   609  N  NE2   . GLN A 1 69  ? 3.547   -2.078  -14.224 1.00 44.29  ? 69   GLN A NE2   1 
ATOM   610  N  N     . LEU A 1 70  ? 3.770   0.034   -9.608  1.00 30.14  ? 70   LEU A N     1 
ATOM   611  C  CA    . LEU A 1 70  ? 4.955   0.743   -9.173  1.00 31.22  ? 70   LEU A CA    1 
ATOM   612  C  C     . LEU A 1 70  ? 5.986   -0.210  -8.570  1.00 30.08  ? 70   LEU A C     1 
ATOM   613  O  O     . LEU A 1 70  ? 5.648   -1.274  -8.046  1.00 27.12  ? 70   LEU A O     1 
ATOM   614  C  CB    . LEU A 1 70  ? 4.576   1.876   -8.191  1.00 32.12  ? 70   LEU A CB    1 
ATOM   615  C  CG    . LEU A 1 70  ? 4.516   1.593   -6.688  1.00 32.65  ? 70   LEU A CG    1 
ATOM   616  C  CD1   . LEU A 1 70  ? 4.468   2.913   -5.923  1.00 32.63  ? 70   LEU A CD1   1 
ATOM   617  C  CD2   . LEU A 1 70  ? 3.327   0.724   -6.357  1.00 33.63  ? 70   LEU A CD2   1 
ATOM   618  N  N     . ILE A 1 71  ? 7.241   0.205   -8.674  1.00 29.44  ? 71   ILE A N     1 
ATOM   619  C  CA    A ILE A 1 71  ? 8.405   -0.556  -8.201  0.50 30.27  ? 71   ILE A CA    1 
ATOM   620  C  CA    B ILE A 1 71  ? 8.352   -0.619  -8.207  0.50 30.40  ? 71   ILE A CA    1 
ATOM   621  C  C     . ILE A 1 71  ? 8.550   -0.459  -6.701  1.00 28.16  ? 71   ILE A C     1 
ATOM   622  O  O     . ILE A 1 71  ? 8.635   0.640   -6.168  1.00 28.97  ? 71   ILE A O     1 
ATOM   623  C  CB    A ILE A 1 71  ? 9.710   0.006   -8.827  0.50 30.14  ? 71   ILE A CB    1 
ATOM   624  C  CB    B ILE A 1 71  ? 9.670   -0.328  -8.975  0.50 30.35  ? 71   ILE A CB    1 
ATOM   625  C  CG1   A ILE A 1 71  ? 9.778   -0.376  -10.287 0.50 32.34  ? 71   ILE A CG1   1 
ATOM   626  C  CG1   B ILE A 1 71  ? 9.421   -0.298  -10.492 0.50 32.60  ? 71   ILE A CG1   1 
ATOM   627  C  CG2   A ILE A 1 71  ? 10.953  -0.509  -8.118  0.50 30.06  ? 71   ILE A CG2   1 
ATOM   628  C  CG2   B ILE A 1 71  ? 10.698  -1.392  -8.653  0.50 31.17  ? 71   ILE A CG2   1 
ATOM   629  C  CD1   A ILE A 1 71  ? 9.548   -1.847  -10.487 0.50 33.73  ? 71   ILE A CD1   1 
ATOM   630  C  CD1   B ILE A 1 71  ? 10.666  -0.101  -11.343 0.50 33.67  ? 71   ILE A CD1   1 
ATOM   631  N  N     . ASN A 1 72  ? 8.619   -1.587  -6.028  1.00 27.85  ? 72   ASN A N     1 
ATOM   632  C  CA    . ASN A 1 72  ? 8.824   -1.609  -4.605  1.00 26.63  ? 72   ASN A CA    1 
ATOM   633  C  C     . ASN A 1 72  ? 10.047  -2.505  -4.331  1.00 28.57  ? 72   ASN A C     1 
ATOM   634  O  O     . ASN A 1 72  ? 10.623  -3.104  -5.250  1.00 27.68  ? 72   ASN A O     1 
ATOM   635  C  CB    . ASN A 1 72  ? 7.599   -2.164  -3.885  1.00 27.53  ? 72   ASN A CB    1 
ATOM   636  C  CG    . ASN A 1 72  ? 6.474   -1.128  -3.634  1.00 26.76  ? 72   ASN A CG    1 
ATOM   637  O  OD1   . ASN A 1 72  ? 5.429   -1.515  -3.115  1.00 25.20  ? 72   ASN A OD1   1 
ATOM   638  N  ND2   . ASN A 1 72  ? 6.683   0.157   -3.960  1.00 25.98  ? 72   ASN A ND2   1 
ATOM   639  N  N     A TYR A 1 73  ? 10.437  -2.590  -3.061  0.50 28.16  ? 73   TYR A N     1 
ATOM   640  C  CA    A TYR A 1 73  ? 11.560  -3.419  -2.658  0.50 28.78  ? 73   TYR A CA    1 
ATOM   641  C  C     A TYR A 1 73  ? 11.238  -4.253  -1.434  0.50 29.25  ? 73   TYR A C     1 
ATOM   642  O  O     A TYR A 1 73  ? 10.529  -3.813  -0.512  0.50 28.66  ? 73   TYR A O     1 
ATOM   643  C  CB    A TYR A 1 73  ? 12.765  -2.571  -2.307  0.50 30.14  ? 73   TYR A CB    1 
ATOM   644  C  CG    A TYR A 1 73  ? 13.308  -1.706  -3.409  0.50 32.71  ? 73   TYR A CG    1 
ATOM   645  C  CD1   A TYR A 1 73  ? 12.675  -0.517  -3.759  0.50 32.31  ? 73   TYR A CD1   1 
ATOM   646  C  CD2   A TYR A 1 73  ? 14.497  -2.037  -4.053  0.50 33.30  ? 73   TYR A CD2   1 
ATOM   647  C  CE1   A TYR A 1 73  ? 13.183  0.295   -4.749  0.50 33.31  ? 73   TYR A CE1   1 
ATOM   648  C  CE2   A TYR A 1 73  ? 15.020  -1.222  -5.042  0.50 35.01  ? 73   TYR A CE2   1 
ATOM   649  C  CZ    A TYR A 1 73  ? 14.360  -0.054  -5.387  0.50 34.70  ? 73   TYR A CZ    1 
ATOM   650  O  OH    A TYR A 1 73  ? 14.857  0.782   -6.368  0.50 34.85  ? 73   TYR A OH    1 
HETATM 651  C  C     B F7Q A 1 73  ? 11.322  -4.227  -1.552  0.50 27.67  ? 73   F7Q A C     1 
HETATM 652  O  O     B F7Q A 1 73  ? 10.729  -3.766  -0.538  0.50 27.65  ? 73   F7Q A O     1 
HETATM 653  C  CA    B F7Q A 1 73  ? 11.833  -3.233  -2.593  0.50 27.23  ? 73   F7Q A CA    1 
HETATM 654  N  N     B F7Q A 1 73  ? 10.664  -2.559  -3.156  0.50 27.24  ? 73   F7Q A N     1 
HETATM 655  C  CB    B F7Q A 1 73  ? 12.759  -2.284  -1.887  0.50 28.75  ? 73   F7Q A CB    1 
HETATM 656  C  CAG   B F7Q A 1 73  ? 13.393  -1.361  -2.932  0.50 30.66  ? 73   F7Q A CAG   1 
HETATM 657  O  OAA   B F7Q A 1 73  ? 14.215  -0.427  -2.219  0.50 30.21  ? 73   F7Q A OAA   1 
HETATM 658  O  OAB   B F7Q A 1 73  ? 15.213  0.338   -2.967  0.50 29.09  ? 73   F7Q A OAB   1 
HETATM 659  C  CAJ   B F7Q A 1 73  ? 12.500  -0.524  -3.606  0.50 30.09  ? 73   F7Q A CAJ   1 
HETATM 660  C  CAM   B F7Q A 1 73  ? 12.567  -0.322  -4.978  0.50 30.76  ? 73   F7Q A CAM   1 
HETATM 661  C  CAO   B F7Q A 1 73  ? 13.469  -1.042  -5.753  0.50 31.29  ? 73   F7Q A CAO   1 
HETATM 662  O  OAE   B F7Q A 1 73  ? 13.517  -0.870  -6.977  0.50 33.50  ? 73   F7Q A OAE   1 
HETATM 663  C  CAL   B F7Q A 1 73  ? 14.312  -1.959  -5.130  0.50 31.11  ? 73   F7Q A CAL   1 
HETATM 664  C  CAK   B F7Q A 1 73  ? 14.259  -2.118  -3.750  0.50 30.61  ? 73   F7Q A CAK   1 
ATOM   665  N  N     . THR A 1 74  ? 11.802  -5.448  -1.412  1.00 29.17  ? 74   THR A N     1 
ATOM   666  C  CA    . THR A 1 74  ? 11.706  -6.297  -0.261  1.00 31.34  ? 74   THR A CA    1 
ATOM   667  C  C     . THR A 1 74  ? 12.755  -5.867  0.757   1.00 33.76  ? 74   THR A C     1 
ATOM   668  O  O     . THR A 1 74  ? 13.618  -5.026  0.457   1.00 35.58  ? 74   THR A O     1 
ATOM   669  C  CB    . THR A 1 74  ? 11.943  -7.758  -0.635  1.00 32.11  ? 74   THR A CB    1 
ATOM   670  O  OG1   . THR A 1 74  ? 13.333  -7.935  -0.900  1.00 32.83  ? 74   THR A OG1   1 
ATOM   671  C  CG2   . THR A 1 74  ? 11.106  -8.158  -1.844  1.00 29.45  ? 74   THR A CG2   1 
ATOM   672  N  N     . LYS A 1 75  ? 12.671  -6.435  1.960   1.00 31.37  ? 75   LYS A N     1 
ATOM   673  C  CA    . LYS A 1 75  ? 13.625  -6.134  3.016   1.00 34.11  ? 75   LYS A CA    1 
ATOM   674  C  C     . LYS A 1 75  ? 15.089  -6.304  2.531   1.00 35.02  ? 75   LYS A C     1 
ATOM   675  O  O     . LYS A 1 75  ? 15.921  -5.439  2.769   1.00 37.09  ? 75   LYS A O     1 
ATOM   676  C  CB    . LYS A 1 75  ? 13.357  -7.016  4.228   1.00 34.46  ? 75   LYS A CB    1 
ATOM   677  C  CG    . LYS A 1 75  ? 14.106  -6.588  5.461   1.00 36.64  ? 75   LYS A CG    1 
ATOM   678  C  CD    . LYS A 1 75  ? 13.914  -7.584  6.584   1.00 36.84  ? 75   LYS A CD    1 
ATOM   679  C  CE    . LYS A 1 75  ? 14.923  -7.280  7.665   1.00 41.66  ? 75   LYS A CE    1 
ATOM   680  N  NZ    . LYS A 1 75  ? 14.510  -7.815  8.988   1.00 43.19  ? 75   LYS A NZ    1 
ATOM   681  N  N     . SER A 1 76  ? 15.392  -7.399  1.843   1.00 34.27  ? 76   SER A N     1 
ATOM   682  C  CA    . SER A 1 76  ? 16.766  -7.643  1.373   1.00 37.72  ? 76   SER A CA    1 
ATOM   683  C  C     . SER A 1 76  ? 17.158  -6.858  0.112   1.00 38.68  ? 76   SER A C     1 
ATOM   684  O  O     . SER A 1 76  ? 18.227  -7.084  -0.458  1.00 36.35  ? 76   SER A O     1 
ATOM   685  C  CB    . SER A 1 76  ? 16.964  -9.120  1.117   1.00 37.29  ? 76   SER A CB    1 
ATOM   686  O  OG    . SER A 1 76  ? 16.084  -9.587  0.114   1.00 34.92  ? 76   SER A OG    1 
ATOM   687  N  N     . GLY A 1 77  ? 16.291  -5.963  -0.346  1.00 37.43  ? 77   GLY A N     1 
ATOM   688  C  CA    . GLY A 1 77  ? 16.636  -5.092  -1.436  1.00 36.42  ? 77   GLY A CA    1 
ATOM   689  C  C     . GLY A 1 77  ? 16.213  -5.560  -2.809  1.00 37.00  ? 77   GLY A C     1 
ATOM   690  O  O     . GLY A 1 77  ? 16.470  -4.850  -3.775  1.00 35.80  ? 77   GLY A O     1 
ATOM   691  N  N     . LYS A 1 78  ? 15.538  -6.712  -2.924  1.00 35.50  ? 78   LYS A N     1 
ATOM   692  C  CA    . LYS A 1 78  ? 15.039  -7.150  -4.223  1.00 37.88  ? 78   LYS A CA    1 
ATOM   693  C  C     . LYS A 1 78  ? 13.872  -6.292  -4.758  1.00 38.85  ? 78   LYS A C     1 
ATOM   694  O  O     . LYS A 1 78  ? 12.948  -5.940  -4.007  1.00 31.61  ? 78   LYS A O     1 
ATOM   695  C  CB    . LYS A 1 78  ? 14.613  -8.606  -4.172  1.00 44.18  ? 78   LYS A CB    1 
ATOM   696  C  CG    . LYS A 1 78  ? 14.316  -9.185  -5.548  1.00 50.26  ? 78   LYS A CG    1 
ATOM   697  C  CD    . LYS A 1 78  ? 14.570  -10.686 -5.599  1.00 55.38  ? 78   LYS A CD    1 
ATOM   698  C  CE    . LYS A 1 78  ? 13.868  -11.425 -4.467  1.00 58.56  ? 78   LYS A CE    1 
ATOM   699  N  NZ    . LYS A 1 78  ? 13.953  -12.908 -4.644  1.00 62.24  ? 78   LYS A NZ    1 
ATOM   700  N  N     . LYS A 1 79  ? 13.945  -5.957  -6.046  1.00 37.58  ? 79   LYS A N     1 
ATOM   701  C  CA    . LYS A 1 79  ? 12.887  -5.251  -6.746  1.00 41.26  ? 79   LYS A CA    1 
ATOM   702  C  C     . LYS A 1 79  ? 11.711  -6.156  -6.985  1.00 38.32  ? 79   LYS A C     1 
ATOM   703  O  O     . LYS A 1 79  ? 11.875  -7.349  -7.228  1.00 36.13  ? 79   LYS A O     1 
ATOM   704  C  CB    . LYS A 1 79  ? 13.337  -4.770  -8.120  1.00 46.79  ? 79   LYS A CB    1 
ATOM   705  C  CG    . LYS A 1 79  ? 14.396  -3.705  -8.093  1.00 55.17  ? 79   LYS A CG    1 
ATOM   706  C  CD    . LYS A 1 79  ? 14.928  -3.448  -9.492  1.00 60.21  ? 79   LYS A CD    1 
ATOM   707  C  CE    . LYS A 1 79  ? 16.104  -2.482  -9.475  1.00 62.00  ? 79   LYS A CE    1 
ATOM   708  N  NZ    . LYS A 1 79  ? 16.501  -2.054  -10.855 1.00 65.51  ? 79   LYS A NZ    1 
ATOM   709  N  N     . PHE A 1 80  ? 10.523  -5.569  -6.924  1.00 34.58  ? 80   PHE A N     1 
ATOM   710  C  CA    . PHE A 1 80  ? 9.311   -6.249  -7.344  1.00 34.34  ? 80   PHE A CA    1 
ATOM   711  C  C     . PHE A 1 80  ? 8.258   -5.216  -7.731  1.00 33.84  ? 80   PHE A C     1 
ATOM   712  O  O     . PHE A 1 80  ? 8.317   -4.057  -7.312  1.00 34.39  ? 80   PHE A O     1 
ATOM   713  C  CB    . PHE A 1 80  ? 8.798   -7.227  -6.265  1.00 33.30  ? 80   PHE A CB    1 
ATOM   714  C  CG    . PHE A 1 80  ? 8.105   -6.571  -5.107  1.00 31.98  ? 80   PHE A CG    1 
ATOM   715  C  CD1   . PHE A 1 80  ? 8.811   -6.193  -3.983  1.00 30.91  ? 80   PHE A CD1   1 
ATOM   716  C  CD2   . PHE A 1 80  ? 6.723   -6.369  -5.125  1.00 31.79  ? 80   PHE A CD2   1 
ATOM   717  C  CE1   . PHE A 1 80  ? 8.168   -5.594  -2.920  1.00 31.41  ? 80   PHE A CE1   1 
ATOM   718  C  CE2   . PHE A 1 80  ? 6.082   -5.802  -4.046  1.00 30.54  ? 80   PHE A CE2   1 
ATOM   719  C  CZ    . PHE A 1 80  ? 6.811   -5.408  -2.944  1.00 30.70  ? 80   PHE A CZ    1 
HETATM 720  O  O     . NFK A 1 81  ? 4.798   -5.994  -8.766  1.00 33.86  ? 81   NFK A O     1 
HETATM 721  C  C     . NFK A 1 81  ? 5.353   -4.872  -8.804  1.00 35.02  ? 81   NFK A C     1 
HETATM 722  C  CA    . NFK A 1 81  ? 6.727   -4.723  -9.508  1.00 36.30  ? 81   NFK A CA    1 
HETATM 723  N  N     . NFK A 1 81  ? 7.721   -5.604  -8.869  1.00 32.01  ? 81   NFK A N     1 
HETATM 724  C  CB    . NFK A 1 81  ? 6.553   -5.058  -10.972 1.00 42.26  ? 81   NFK A CB    1 
HETATM 725  C  CG    . NFK A 1 81  ? 7.550   -4.211  -11.782 1.00 56.38  ? 81   NFK A CG    1 
HETATM 726  O  OD1   . NFK A 1 81  ? 8.691   -4.642  -11.989 1.00 59.50  ? 81   NFK A OD1   1 
HETATM 727  C  CD2   . NFK A 1 81  ? 7.134   -2.934  -12.240 1.00 67.04  ? 81   NFK A CD2   1 
HETATM 728  C  CAJ   . NFK A 1 81  ? 6.097   -2.241  -11.600 1.00 62.18  ? 81   NFK A CAJ   1 
HETATM 729  C  CAH   . NFK A 1 81  ? 5.705   -0.976  -12.044 1.00 66.06  ? 81   NFK A CAH   1 
HETATM 730  C  CAG   . NFK A 1 81  ? 6.313   -0.342  -13.112 1.00 68.16  ? 81   NFK A CAG   1 
HETATM 731  C  CAI   . NFK A 1 81  ? 7.354   -0.997  -13.756 1.00 75.47  ? 81   NFK A CAI   1 
HETATM 732  C  CAO   . NFK A 1 81  ? 7.771   -2.277  -13.329 1.00 78.53  ? 81   NFK A CAO   1 
HETATM 733  N  NAL   . NFK A 1 81  ? 8.789   -2.922  -13.946 1.00 85.57  ? 81   NFK A NAL   1 
HETATM 734  C  CAF   . NFK A 1 81  ? 9.686   -2.193  -14.649 1.00 88.24  ? 81   NFK A CAF   1 
HETATM 735  O  OAB   . NFK A 1 81  ? 9.656   -2.086  -15.879 1.00 87.81  ? 81   NFK A OAB   1 
ATOM   736  N  N     . ASN A 1 82  ? 4.736   -3.840  -8.246  1.00 28.89  ? 82   ASN A N     1 
ATOM   737  C  CA    . ASN A 1 82  ? 3.617   -4.034  -7.317  1.00 26.50  ? 82   ASN A CA    1 
ATOM   738  C  C     . ASN A 1 82  ? 2.411   -3.481  -8.044  1.00 26.26  ? 82   ASN A C     1 
ATOM   739  O  O     . ASN A 1 82  ? 2.334   -2.267  -8.296  1.00 25.65  ? 82   ASN A O     1 
ATOM   740  C  CB    . ASN A 1 82  ? 3.926   -3.301  -6.011  1.00 27.46  ? 82   ASN A CB    1 
ATOM   741  C  CG    . ASN A 1 82  ? 2.783   -3.356  -5.001  1.00 27.84  ? 82   ASN A CG    1 
ATOM   742  O  OD1   . ASN A 1 82  ? 1.680   -3.836  -5.299  1.00 27.06  ? 82   ASN A OD1   1 
ATOM   743  N  ND2   . ASN A 1 82  ? 3.047   -2.854  -3.805  1.00 25.06  ? 82   ASN A ND2   1 
ATOM   744  N  N     . LEU A 1 83  ? 1.502   -4.369  -8.456  1.00 24.91  ? 83   LEU A N     1 
ATOM   745  C  CA    . LEU A 1 83  ? 0.192   -3.903  -8.876  1.00 23.92  ? 83   LEU A CA    1 
ATOM   746  C  C     . LEU A 1 83  ? -0.654  -3.689  -7.617  1.00 23.24  ? 83   LEU A C     1 
ATOM   747  O  O     . LEU A 1 83  ? -1.159  -4.646  -7.000  1.00 22.93  ? 83   LEU A O     1 
ATOM   748  C  CB    . LEU A 1 83  ? -0.463  -4.859  -9.848  1.00 23.93  ? 83   LEU A CB    1 
ATOM   749  C  CG    . LEU A 1 83  ? -1.839  -4.459  -10.329 1.00 23.38  ? 83   LEU A CG    1 
ATOM   750  C  CD1   . LEU A 1 83  ? -1.727  -3.314  -11.324 1.00 24.17  ? 83   LEU A CD1   1 
ATOM   751  C  CD2   . LEU A 1 83  ? -2.509  -5.654  -10.976 1.00 26.20  ? 83   LEU A CD2   1 
ATOM   752  N  N     . LEU A 1 84  ? -0.769  -2.422  -7.230  1.00 23.06  ? 84   LEU A N     1 
ATOM   753  C  CA    . LEU A 1 84  ? -1.360  -2.032  -5.960  1.00 22.59  ? 84   LEU A CA    1 
ATOM   754  C  C     . LEU A 1 84  ? -2.796  -1.547  -6.158  1.00 23.79  ? 84   LEU A C     1 
ATOM   755  O  O     . LEU A 1 84  ? -3.028  -0.549  -6.869  1.00 21.47  ? 84   LEU A O     1 
ATOM   756  C  CB    . LEU A 1 84  ? -0.511  -0.919  -5.319  1.00 23.92  ? 84   LEU A CB    1 
ATOM   757  C  CG    . LEU A 1 84  ? -1.042  -0.286  -4.037  1.00 23.31  ? 84   LEU A CG    1 
ATOM   758  C  CD1   . LEU A 1 84  ? -1.034  -1.311  -2.921  1.00 23.25  ? 84   LEU A CD1   1 
ATOM   759  C  CD2   . LEU A 1 84  ? -0.250  0.961   -3.657  1.00 24.63  ? 84   LEU A CD2   1 
HETATM 760  C  C     A HOO A 1 85  ? -5.523  -0.985  -4.251  0.50 26.30  ? 85   HOO A C     1 
HETATM 761  O  O     A HOO A 1 85  ? -5.501  -1.659  -3.205  0.50 21.68  ? 85   HOO A O     1 
HETATM 762  N  N     A HOO A 1 85  ? -3.813  -2.148  -5.524  0.50 25.76  ? 85   HOO A N     1 
HETATM 763  C  CA    A HOO A 1 85  ? -5.258  -1.841  -5.500  0.50 26.12  ? 85   HOO A CA    1 
HETATM 764  C  CB    A HOO A 1 85  ? -6.044  -3.153  -5.358  0.50 27.73  ? 85   HOO A CB    1 
HETATM 765  C  CG    A HOO A 1 85  ? -7.259  -3.373  -6.280  0.50 30.11  ? 85   HOO A CG    1 
HETATM 766  N  ND1   A HOO A 1 85  ? -7.597  -2.806  -7.437  0.50 30.65  ? 85   HOO A ND1   1 
HETATM 767  C  CE1   A HOO A 1 85  ? -8.730  -3.421  -7.820  0.50 31.19  ? 85   HOO A CE1   1 
HETATM 768  O  OAG   A HOO A 1 85  ? -9.382  -3.197  -8.840  0.50 29.11  ? 85   HOO A OAG   1 
HETATM 769  N  NE2   A HOO A 1 85  ? -9.076  -4.347  -6.932  0.50 31.63  ? 85   HOO A NE2   1 
HETATM 770  C  CD2   A HOO A 1 85  ? -8.148  -4.317  -5.985  0.50 31.60  ? 85   HOO A CD2   1 
HETATM 771  O  OAM   A HOO A 1 85  ? -8.169  -5.136  -4.897  0.50 33.92  ? 85   HOO A OAM   1 
HETATM 772  C  CE1   B OHI A 1 85  ? -9.228  -0.750  -6.369  0.50 32.91  ? 85   OHI A CE1   1 
HETATM 773  N  ND1   B OHI A 1 85  ? -8.020  -1.130  -6.738  0.50 31.68  ? 85   OHI A ND1   1 
HETATM 774  N  NE2   B OHI A 1 85  ? -9.614  -1.397  -5.276  0.50 33.11  ? 85   OHI A NE2   1 
HETATM 775  C  CD2   B OHI A 1 85  ? -8.609  -2.210  -4.938  0.50 31.54  ? 85   OHI A CD2   1 
HETATM 776  C  CG    B OHI A 1 85  ? -7.647  -2.049  -5.849  0.50 29.32  ? 85   OHI A CG    1 
HETATM 777  C  CB    B OHI A 1 85  ? -6.274  -2.751  -5.845  0.50 27.26  ? 85   OHI A CB    1 
HETATM 778  C  CA    B OHI A 1 85  ? -5.209  -1.667  -5.584  0.50 25.70  ? 85   OHI A CA    1 
HETATM 779  N  N     B OHI A 1 85  ? -3.813  -2.148  -5.524  0.50 25.76  ? 85   OHI A N     1 
HETATM 780  C  C     B OHI A 1 85  ? -5.523  -0.985  -4.251  0.50 26.30  ? 85   OHI A C     1 
HETATM 781  O  O     B OHI A 1 85  ? -5.501  -1.659  -3.205  0.50 21.68  ? 85   OHI A O     1 
HETATM 782  O  O12   B OHI A 1 85  ? -9.900  0.080   -6.967  0.50 38.14  ? 85   OHI A O12   1 
ATOM   783  N  N     . LEU A 1 86  ? -5.763  0.339   -4.140  1.00 27.69  ? 86   LEU A N     1 
ATOM   784  C  CA    . LEU A 1 86  ? -6.132  1.045   -2.898  1.00 27.48  ? 86   LEU A CA    1 
ATOM   785  C  C     . LEU A 1 86  ? -7.619  1.316   -2.904  1.00 28.30  ? 86   LEU A C     1 
ATOM   786  O  O     . LEU A 1 86  ? -8.154  1.782   -3.901  1.00 26.34  ? 86   LEU A O     1 
ATOM   787  C  CB    . LEU A 1 86  ? -5.385  2.359   -2.815  1.00 29.47  ? 86   LEU A CB    1 
ATOM   788  C  CG    . LEU A 1 86  ? -3.868  2.277   -2.761  1.00 31.66  ? 86   LEU A CG    1 
ATOM   789  C  CD1   . LEU A 1 86  ? -3.328  3.698   -2.608  1.00 32.81  ? 86   LEU A CD1   1 
ATOM   790  C  CD2   . LEU A 1 86  ? -3.392  1.420   -1.581  1.00 32.84  ? 86   LEU A CD2   1 
ATOM   791  N  N     . GLN A 1 87  ? -8.278  1.039   -1.780  1.00 30.62  ? 87   GLN A N     1 
ATOM   792  C  CA    A GLN A 1 87  ? -9.706  1.295   -1.636  0.50 32.63  ? 87   GLN A CA    1 
ATOM   793  C  CA    B GLN A 1 87  ? -9.710  1.297   -1.637  0.50 32.60  ? 87   GLN A CA    1 
ATOM   794  C  C     . GLN A 1 87  ? -10.009 1.972   -0.301  1.00 32.54  ? 87   GLN A C     1 
ATOM   795  O  O     . GLN A 1 87  ? -9.605  1.460   0.756   1.00 29.85  ? 87   GLN A O     1 
ATOM   796  C  CB    . GLN A 1 87  ? -10.460 -0.034  -1.719  1.00 35.50  ? 87   GLN A CB    1 
ATOM   797  C  CG    A GLN A 1 87  ? -11.962 0.121   -1.915  0.50 37.88  ? 87   GLN A CG    1 
ATOM   798  C  CG    B GLN A 1 87  ? -11.885 0.039   -2.230  0.50 37.59  ? 87   GLN A CG    1 
ATOM   799  C  CD    A GLN A 1 87  ? -12.687 -1.205  -2.059  0.50 38.73  ? 87   GLN A CD    1 
ATOM   800  C  CD    B GLN A 1 87  ? -12.098 -0.890  -3.420  0.50 38.27  ? 87   GLN A CD    1 
ATOM   801  O  OE1   A GLN A 1 87  ? -12.068 -2.270  -2.099  0.50 40.18  ? 87   GLN A OE1   1 
ATOM   802  O  OE1   B GLN A 1 87  ? -11.612 -2.034  -3.439  0.50 38.84  ? 87   GLN A OE1   1 
ATOM   803  N  NE2   A GLN A 1 87  ? -14.006 -1.145  -2.137  0.50 40.67  ? 87   GLN A NE2   1 
ATOM   804  N  NE2   B GLN A 1 87  ? -12.802 -0.397  -4.429  0.50 36.35  ? 87   GLN A NE2   1 
ATOM   805  N  N     . PRO A 1 88  ? -10.717 3.120   -0.330  1.00 34.18  ? 88   PRO A N     1 
ATOM   806  C  CA    . PRO A 1 88  ? -11.199 3.636   0.952   1.00 36.19  ? 88   PRO A CA    1 
ATOM   807  C  C     . PRO A 1 88  ? -12.292 2.726   1.487   1.00 36.92  ? 88   PRO A C     1 
ATOM   808  O  O     . PRO A 1 88  ? -12.990 2.127   0.693   1.00 33.65  ? 88   PRO A O     1 
ATOM   809  C  CB    . PRO A 1 88  ? -11.777 5.007   0.583   1.00 36.86  ? 88   PRO A CB    1 
ATOM   810  C  CG    . PRO A 1 88  ? -12.182 4.855   -0.844  1.00 37.22  ? 88   PRO A CG    1 
ATOM   811  C  CD    . PRO A 1 88  ? -11.080 4.029   -1.439  1.00 34.50  ? 88   PRO A CD    1 
ATOM   812  N  N     . MET A 1 89  ? -12.405 2.591   2.811   1.00 38.67  ? 89   MET A N     1 
ATOM   813  C  CA    A MET A 1 89  ? -13.555 1.926   3.419   0.50 41.70  ? 89   MET A CA    1 
ATOM   814  C  CA    B MET A 1 89  ? -13.550 1.921   3.427   0.50 42.67  ? 89   MET A CA    1 
ATOM   815  C  C     . MET A 1 89  ? -14.194 2.842   4.458   1.00 41.87  ? 89   MET A C     1 
ATOM   816  O  O     . MET A 1 89  ? -13.542 3.277   5.398   1.00 40.31  ? 89   MET A O     1 
ATOM   817  C  CB    A MET A 1 89  ? -13.161 0.588   4.048   0.50 43.08  ? 89   MET A CB    1 
ATOM   818  C  CB    B MET A 1 89  ? -13.120 0.601   4.071   0.50 45.37  ? 89   MET A CB    1 
ATOM   819  C  CG    A MET A 1 89  ? -14.250 0.007   4.929   0.50 45.62  ? 89   MET A CG    1 
ATOM   820  C  CG    B MET A 1 89  ? -12.563 -0.386  3.060   0.50 50.34  ? 89   MET A CG    1 
ATOM   821  S  SD    A MET A 1 89  ? -14.527 -1.766  4.741   0.50 52.51  ? 89   MET A SD    1 
ATOM   822  S  SD    B MET A 1 89  ? -12.278 -2.038  3.723   0.50 56.38  ? 89   MET A SD    1 
ATOM   823  C  CE    A MET A 1 89  ? -12.997 -2.309  3.991   0.50 53.52  ? 89   MET A CE    1 
ATOM   824  C  CE    B MET A 1 89  ? -13.950 -2.674  3.744   0.50 55.12  ? 89   MET A CE    1 
ATOM   825  N  N     . ARG A 1 90  ? -15.475 3.145   4.266   1.00 44.97  ? 90   ARG A N     1 
ATOM   826  C  CA    . ARG A 1 90  ? -16.204 4.034   5.165   1.00 45.93  ? 90   ARG A CA    1 
ATOM   827  C  C     . ARG A 1 90  ? -17.040 3.206   6.111   1.00 48.18  ? 90   ARG A C     1 
ATOM   828  O  O     . ARG A 1 90  ? -17.471 2.117   5.734   1.00 41.90  ? 90   ARG A O     1 
ATOM   829  C  CB    . ARG A 1 90  ? -17.132 4.991   4.391   1.00 46.23  ? 90   ARG A CB    1 
ATOM   830  C  CG    . ARG A 1 90  ? -16.500 5.569   3.149   1.00 44.60  ? 90   ARG A CG    1 
ATOM   831  C  CD    . ARG A 1 90  ? -17.205 6.804   2.589   1.00 43.22  ? 90   ARG A CD    1 
ATOM   832  N  NE    . ARG A 1 90  ? -16.138 7.646   2.029   1.00 46.82  ? 90   ARG A NE    1 
ATOM   833  C  CZ    . ARG A 1 90  ? -15.607 8.753   2.590   1.00 42.06  ? 90   ARG A CZ    1 
ATOM   834  N  NH1   . ARG A 1 90  ? -16.086 9.299   3.717   1.00 33.81  ? 90   ARG A NH1   1 
ATOM   835  N  NH2   . ARG A 1 90  ? -14.585 9.336   1.974   1.00 41.14  ? 90   ARG A NH2   1 
ATOM   836  N  N     . ASP A 1 91  ? -17.276 3.731   7.320   1.00 51.00  ? 91   ASP A N     1 
ATOM   837  C  CA    . ASP A 1 91  ? -18.307 3.183   8.228   1.00 55.79  ? 91   ASP A CA    1 
ATOM   838  C  C     . ASP A 1 91  ? -19.736 3.547   7.771   1.00 55.63  ? 91   ASP A C     1 
ATOM   839  O  O     . ASP A 1 91  ? -19.918 4.333   6.843   1.00 51.97  ? 91   ASP A O     1 
ATOM   840  C  CB    . ASP A 1 91  ? -18.033 3.594   9.699   1.00 57.82  ? 91   ASP A CB    1 
ATOM   841  C  CG    . ASP A 1 91  ? -18.216 5.106   9.968   1.00 59.63  ? 91   ASP A CG    1 
ATOM   842  O  OD1   . ASP A 1 91  ? -18.890 5.823   9.188   1.00 56.53  ? 91   ASP A OD1   1 
ATOM   843  O  OD2   . ASP A 1 91  ? -17.648 5.591   10.975  1.00 61.14  ? 91   ASP A OD2   1 
ATOM   844  N  N     . GLN A 1 92  ? -20.745 2.966   8.420   1.00 62.14  ? 92   GLN A N     1 
ATOM   845  C  CA    . GLN A 1 92  ? -22.153 3.170   8.025   1.00 65.03  ? 92   GLN A CA    1 
ATOM   846  C  C     . GLN A 1 92  ? -22.594 4.639   8.179   1.00 66.73  ? 92   GLN A C     1 
ATOM   847  O  O     . GLN A 1 92  ? -23.529 5.092   7.514   1.00 65.34  ? 92   GLN A O     1 
ATOM   848  C  CB    . GLN A 1 92  ? -23.080 2.249   8.822   1.00 64.97  ? 92   GLN A CB    1 
ATOM   849  N  N     . LYS A 1 93  ? -21.882 5.377   9.027   1.00 65.48  ? 93   LYS A N     1 
ATOM   850  C  CA    . LYS A 1 93  ? -22.048 6.834   9.156   1.00 65.52  ? 93   LYS A CA    1 
ATOM   851  C  C     . LYS A 1 93  ? -21.489 7.581   7.914   1.00 62.24  ? 93   LYS A C     1 
ATOM   852  O  O     . LYS A 1 93  ? -21.595 8.811   7.830   1.00 55.91  ? 93   LYS A O     1 
ATOM   853  C  CB    . LYS A 1 93  ? -21.348 7.342   10.437  1.00 67.78  ? 93   LYS A CB    1 
ATOM   854  C  CG    . LYS A 1 93  ? -21.561 6.485   11.694  1.00 70.71  ? 93   LYS A CG    1 
ATOM   855  C  CD    . LYS A 1 93  ? -20.726 6.966   12.876  1.00 72.63  ? 93   LYS A CD    1 
ATOM   856  C  CE    . LYS A 1 93  ? -20.975 6.112   14.118  1.00 76.54  ? 93   LYS A CE    1 
ATOM   857  N  NZ    . LYS A 1 93  ? -20.121 6.497   15.281  1.00 75.21  ? 93   LYS A NZ    1 
ATOM   858  N  N     . GLY A 1 94  ? -20.886 6.835   6.976   1.00 57.90  ? 94   GLY A N     1 
ATOM   859  C  CA    . GLY A 1 94  ? -20.251 7.406   5.783   1.00 56.29  ? 94   GLY A CA    1 
ATOM   860  C  C     . GLY A 1 94  ? -18.922 8.106   6.053   1.00 51.44  ? 94   GLY A C     1 
ATOM   861  O  O     . GLY A 1 94  ? -18.463 8.914   5.242   1.00 45.84  ? 94   GLY A O     1 
ATOM   862  N  N     . GLU A 1 95  ? -18.303 7.804   7.193   1.00 49.26  ? 95   GLU A N     1 
ATOM   863  C  CA    . GLU A 1 95  ? -17.013 8.395   7.543   1.00 49.38  ? 95   GLU A CA    1 
ATOM   864  C  C     . GLU A 1 95  ? -15.928 7.424   7.162   1.00 42.77  ? 95   GLU A C     1 
ATOM   865  O  O     . GLU A 1 95  ? -16.049 6.228   7.404   1.00 41.86  ? 95   GLU A O     1 
ATOM   866  C  CB    . GLU A 1 95  ? -16.923 8.668   9.036   1.00 54.29  ? 95   GLU A CB    1 
ATOM   867  C  CG    . GLU A 1 95  ? -18.086 9.475   9.580   1.00 61.40  ? 95   GLU A CG    1 
ATOM   868  C  CD    . GLU A 1 95  ? -17.902 9.824   11.040  1.00 67.14  ? 95   GLU A CD    1 
ATOM   869  O  OE1   . GLU A 1 95  ? -18.506 9.139   11.898  1.00 77.74  ? 95   GLU A OE1   1 
ATOM   870  O  OE2   . GLU A 1 95  ? -17.143 10.775  11.333  1.00 74.56  ? 95   GLU A OE2   1 
ATOM   871  N  N     . LEU A 1 96  ? -14.865 7.942   6.561   1.00 40.52  ? 96   LEU A N     1 
ATOM   872  C  CA    . LEU A 1 96  ? -13.700 7.127   6.247   1.00 35.79  ? 96   LEU A CA    1 
ATOM   873  C  C     . LEU A 1 96  ? -13.239 6.415   7.523   1.00 34.24  ? 96   LEU A C     1 
ATOM   874  O  O     . LEU A 1 96  ? -12.992 7.068   8.540   1.00 33.54  ? 96   LEU A O     1 
ATOM   875  C  CB    . LEU A 1 96  ? -12.575 8.014   5.732   1.00 34.21  ? 96   LEU A CB    1 
ATOM   876  C  CG    . LEU A 1 96  ? -11.321 7.283   5.280   1.00 32.41  ? 96   LEU A CG    1 
ATOM   877  C  CD1   . LEU A 1 96  ? -11.576 6.539   3.987   1.00 32.03  ? 96   LEU A CD1   1 
ATOM   878  C  CD2   . LEU A 1 96  ? -10.162 8.236   5.117   1.00 33.29  ? 96   LEU A CD2   1 
ATOM   879  N  N     . GLN A 1 97  ? -13.174 5.091   7.477   1.00 31.74  ? 97   GLN A N     1 
ATOM   880  C  CA    . GLN A 1 97  ? -12.646 4.318   8.576   1.00 33.30  ? 97   GLN A CA    1 
ATOM   881  C  C     . GLN A 1 97  ? -11.215 3.784   8.331   1.00 32.03  ? 97   GLN A C     1 
ATOM   882  O  O     . GLN A 1 97  ? -10.330 3.968   9.175   1.00 33.55  ? 97   GLN A O     1 
ATOM   883  C  CB    . GLN A 1 97  ? -13.606 3.175   8.892   1.00 36.83  ? 97   GLN A CB    1 
ATOM   884  C  CG    . GLN A 1 97  ? -13.356 2.551   10.248  1.00 41.20  ? 97   GLN A CG    1 
ATOM   885  C  CD    . GLN A 1 97  ? -14.351 1.458   10.615  1.00 46.09  ? 97   GLN A CD    1 
ATOM   886  O  OE1   . GLN A 1 97  ? -15.158 1.002   9.786   1.00 46.77  ? 97   GLN A OE1   1 
ATOM   887  N  NE2   . GLN A 1 97  ? -14.287 1.021   11.877  1.00 48.22  ? 97   GLN A NE2   1 
ATOM   888  N  N     . TYR A 1 98  ? -11.001 3.100   7.205   1.00 27.42  ? 98   TYR A N     1 
ATOM   889  C  CA    . TYR A 1 98  ? -9.704  2.520   6.867   1.00 28.03  ? 98   TYR A CA    1 
ATOM   890  C  C     . TYR A 1 98  ? -9.400  2.702   5.388   1.00 27.48  ? 98   TYR A C     1 
ATOM   891  O  O     . TYR A 1 98  ? -10.269 3.050   4.596   1.00 26.47  ? 98   TYR A O     1 
ATOM   892  C  CB    . TYR A 1 98  ? -9.691  1.004   7.110   1.00 30.89  ? 98   TYR A CB    1 
ATOM   893  C  CG    . TYR A 1 98  ? -10.005 0.588   8.504   1.00 35.97  ? 98   TYR A CG    1 
ATOM   894  C  CD1   . TYR A 1 98  ? -9.175  0.960   9.558   1.00 39.71  ? 98   TYR A CD1   1 
ATOM   895  C  CD2   . TYR A 1 98  ? -11.127 -0.199  8.787   1.00 43.31  ? 98   TYR A CD2   1 
ATOM   896  C  CE1   . TYR A 1 98  ? -9.459  0.581   10.850  1.00 43.74  ? 98   TYR A CE1   1 
ATOM   897  C  CE2   . TYR A 1 98  ? -11.418 -0.593  10.082  1.00 41.56  ? 98   TYR A CE2   1 
ATOM   898  C  CZ    . TYR A 1 98  ? -10.577 -0.203  11.108  1.00 43.67  ? 98   TYR A CZ    1 
ATOM   899  O  OH    . TYR A 1 98  ? -10.835 -0.556  12.411  1.00 50.35  ? 98   TYR A OH    1 
ATOM   900  N  N     . PHE A 1 99  ? -8.149  2.452   5.038   1.00 26.33  ? 99   PHE A N     1 
ATOM   901  C  CA    . PHE A 1 99  ? -7.794  2.091   3.665   1.00 27.34  ? 99   PHE A CA    1 
ATOM   902  C  C     . PHE A 1 99  ? -7.316  0.650   3.621   1.00 25.77  ? 99   PHE A C     1 
ATOM   903  O  O     . PHE A 1 99  ? -6.663  0.160   4.558   1.00 25.92  ? 99   PHE A O     1 
ATOM   904  C  CB    . PHE A 1 99  ? -6.706  3.005   3.100   1.00 27.42  ? 99   PHE A CB    1 
ATOM   905  C  CG    . PHE A 1 99  ? -7.175  4.392   2.767   1.00 27.84  ? 99   PHE A CG    1 
ATOM   906  C  CD1   . PHE A 1 99  ? -7.752  4.667   1.540   1.00 27.87  ? 99   PHE A CD1   1 
ATOM   907  C  CD2   . PHE A 1 99  ? -6.993  5.435   3.659   1.00 29.19  ? 99   PHE A CD2   1 
ATOM   908  C  CE1   . PHE A 1 99  ? -8.174  5.945   1.210   1.00 28.26  ? 99   PHE A CE1   1 
ATOM   909  C  CE2   . PHE A 1 99  ? -7.385  6.724   3.329   1.00 30.32  ? 99   PHE A CE2   1 
ATOM   910  C  CZ    . PHE A 1 99  ? -7.978  6.987   2.100   1.00 29.39  ? 99   PHE A CZ    1 
ATOM   911  N  N     . ILE A 1 100 ? -7.708  -0.046  2.562   1.00 26.97  ? 100  ILE A N     1 
ATOM   912  C  CA    A ILE A 1 100 ? -7.202  -1.366  2.247   0.50 27.64  ? 100  ILE A CA    1 
ATOM   913  C  CA    B ILE A 1 100 ? -7.139  -1.348  2.282   0.50 27.05  ? 100  ILE A CA    1 
ATOM   914  C  C     . ILE A 1 100 ? -6.296  -1.278  1.016   1.00 25.87  ? 100  ILE A C     1 
ATOM   915  O  O     . ILE A 1 100 ? -6.669  -0.688  0.030   1.00 29.53  ? 100  ILE A O     1 
ATOM   916  C  CB    A ILE A 1 100 ? -8.343  -2.350  1.942   0.50 28.80  ? 100  ILE A CB    1 
ATOM   917  C  CB    B ILE A 1 100 ? -8.171  -2.500  2.228   0.50 27.29  ? 100  ILE A CB    1 
ATOM   918  C  CG1   A ILE A 1 100 ? -9.275  -2.498  3.141   0.50 29.78  ? 100  ILE A CG1   1 
ATOM   919  C  CG1   B ILE A 1 100 ? -7.421  -3.837  2.297   0.50 27.42  ? 100  ILE A CG1   1 
ATOM   920  C  CG2   A ILE A 1 100 ? -7.788  -3.720  1.607   0.50 28.95  ? 100  ILE A CG2   1 
ATOM   921  C  CG2   B ILE A 1 100 ? -9.057  -2.418  0.993   0.50 27.13  ? 100  ILE A CG2   1 
ATOM   922  C  CD1   A ILE A 1 100 ? -10.498 -1.612  3.093   0.50 31.16  ? 100  ILE A CD1   1 
ATOM   923  C  CD1   B ILE A 1 100 ? -8.298  -5.068  2.238   0.50 28.59  ? 100  ILE A CD1   1 
ATOM   924  N  N     . GLY A 1 101 ? -5.124  -1.862  1.094   1.00 25.37  ? 101  GLY A N     1 
ATOM   925  C  CA    . GLY A 1 101 ? -4.199  -1.918  -0.017  1.00 26.49  ? 101  GLY A CA    1 
ATOM   926  C  C     . GLY A 1 101 ? -3.872  -3.377  -0.272  1.00 25.40  ? 101  GLY A C     1 
ATOM   927  O  O     . GLY A 1 101 ? -3.416  -4.059  0.615   1.00 26.51  ? 101  GLY A O     1 
ATOM   928  N  N     . VAL A 1 102 ? -4.137  -3.830  -1.484  1.00 25.88  ? 102  VAL A N     1 
ATOM   929  C  CA    . VAL A 1 102 ? -3.857  -5.195  -1.935  1.00 23.54  ? 102  VAL A CA    1 
ATOM   930  C  C     . VAL A 1 102 ? -2.769  -5.163  -3.006  1.00 23.80  ? 102  VAL A C     1 
ATOM   931  O  O     . VAL A 1 102 ? -2.874  -4.427  -3.996  1.00 24.89  ? 102  VAL A O     1 
ATOM   932  C  CB    . VAL A 1 102 ? -5.113  -5.873  -2.541  1.00 24.51  ? 102  VAL A CB    1 
ATOM   933  C  CG1   . VAL A 1 102 ? -4.826  -7.306  -2.995  1.00 25.43  ? 102  VAL A CG1   1 
ATOM   934  C  CG2   . VAL A 1 102 ? -6.251  -5.907  -1.538  1.00 24.83  ? 102  VAL A CG2   1 
ATOM   935  N  N     . GLN A 1 103 ? -1.738  -5.967  -2.793  1.00 22.67  ? 103  GLN A N     1 
ATOM   936  C  CA    . GLN A 1 103 ? -0.595  -6.024  -3.686  1.00 25.49  ? 103  GLN A CA    1 
ATOM   937  C  C     . GLN A 1 103 ? -0.627  -7.309  -4.505  1.00 25.63  ? 103  GLN A C     1 
ATOM   938  O  O     . GLN A 1 103 ? -0.856  -8.380  -3.963  1.00 26.37  ? 103  GLN A O     1 
ATOM   939  C  CB    . GLN A 1 103 ? 0.711   -5.937  -2.884  1.00 24.14  ? 103  GLN A CB    1 
ATOM   940  C  CG    . GLN A 1 103 ? 0.836   -4.627  -2.087  1.00 24.72  ? 103  GLN A CG    1 
ATOM   941  C  CD    . GLN A 1 103 ? 0.187   -4.693  -0.723  1.00 25.21  ? 103  GLN A CD    1 
ATOM   942  O  OE1   . GLN A 1 103 ? -0.164  -5.781  -0.230  1.00 25.47  ? 103  GLN A OE1   1 
ATOM   943  N  NE2   . GLN A 1 103 ? -0.002  -3.520  -0.104  1.00 25.09  ? 103  GLN A NE2   1 
ATOM   944  N  N     . LEU A 1 104 ? -0.421  -7.183  -5.808  1.00 28.92  ? 104  LEU A N     1 
ATOM   945  C  CA    . LEU A 1 104 ? -0.131  -8.342  -6.665  1.00 32.65  ? 104  LEU A CA    1 
ATOM   946  C  C     . LEU A 1 104 ? 1.243   -8.172  -7.277  1.00 33.03  ? 104  LEU A C     1 
ATOM   947  O  O     . LEU A 1 104 ? 1.572   -7.113  -7.872  1.00 33.26  ? 104  LEU A O     1 
ATOM   948  C  CB    . LEU A 1 104 ? -1.180  -8.500  -7.760  1.00 32.95  ? 104  LEU A CB    1 
ATOM   949  C  CG    . LEU A 1 104 ? -2.580  -8.826  -7.274  1.00 36.55  ? 104  LEU A CG    1 
ATOM   950  C  CD1   . LEU A 1 104 ? -3.584  -8.706  -8.411  1.00 35.67  ? 104  LEU A CD1   1 
ATOM   951  C  CD2   . LEU A 1 104 ? -2.621  -10.231 -6.655  1.00 38.14  ? 104  LEU A CD2   1 
ATOM   952  N  N     . ASP A 1 105 ? 2.051   -9.202  -7.093  1.00 35.63  ? 105  ASP A N     1 
ATOM   953  C  CA    . ASP A 1 105 ? 3.433   -9.207  -7.531  1.00 40.30  ? 105  ASP A CA    1 
ATOM   954  C  C     . ASP A 1 105 ? 3.561   -9.653  -8.976  1.00 43.42  ? 105  ASP A C     1 
ATOM   955  O  O     . ASP A 1 105 ? 3.077   -10.728 -9.336  1.00 39.95  ? 105  ASP A O     1 
ATOM   956  C  CB    . ASP A 1 105 ? 4.256   -10.155 -6.660  1.00 46.48  ? 105  ASP A CB    1 
ATOM   957  C  CG    . ASP A 1 105 ? 5.707   -10.254 -7.125  1.00 50.76  ? 105  ASP A CG    1 
ATOM   958  O  OD1   . ASP A 1 105 ? 6.106   -9.508  -8.056  1.00 54.37  ? 105  ASP A OD1   1 
ATOM   959  O  OD2   . ASP A 1 105 ? 6.448   -11.074 -6.557  1.00 52.12  ? 105  ASP A OD2   1 
ATOM   960  N  N     . GLY A 1 106 ? 4.212   -8.819  -9.788  1.00 46.64  ? 106  GLY A N     1 
ATOM   961  C  CA    . GLY A 1 106 ? 4.613   -9.177  -11.154 1.00 51.50  ? 106  GLY A CA    1 
ATOM   962  C  C     . GLY A 1 106 ? 4.532   -8.015  -12.138 1.00 53.83  ? 106  GLY A C     1 
ATOM   963  O  O     . GLY A 1 106 ? 4.018   -6.950  -11.810 1.00 59.86  ? 106  GLY A O     1 
ATOM   964  N  N     . GLU A 1 107 ? 5.043   -8.247  -13.339 1.00 60.62  ? 107  GLU A N     1 
ATOM   965  C  CA    A GLU A 1 107 ? 4.984   -7.262  -14.440 0.50 65.87  ? 107  GLU A CA    1 
ATOM   966  C  CA    B GLU A 1 107 ? 4.992   -7.277  -14.447 0.50 66.54  ? 107  GLU A CA    1 
ATOM   967  C  C     . GLU A 1 107 ? 3.684   -7.403  -15.252 1.00 70.31  ? 107  GLU A C     1 
ATOM   968  O  O     . GLU A 1 107 ? 3.572   -8.269  -16.142 1.00 74.16  ? 107  GLU A O     1 
ATOM   969  C  CB    A GLU A 1 107 ? 6.210   -7.382  -15.361 0.50 63.94  ? 107  GLU A CB    1 
ATOM   970  C  CB    B GLU A 1 107 ? 6.212   -7.452  -15.376 0.50 65.49  ? 107  GLU A CB    1 
ATOM   971  C  CG    A GLU A 1 107 ? 7.270   -6.317  -15.125 0.50 61.72  ? 107  GLU A CG    1 
ATOM   972  C  CG    B GLU A 1 107 ? 6.612   -8.893  -15.695 0.50 63.79  ? 107  GLU A CG    1 
ATOM   973  C  CD    A GLU A 1 107 ? 6.730   -4.911  -15.318 0.50 59.11  ? 107  GLU A CD    1 
ATOM   974  C  CD    B GLU A 1 107 ? 7.453   -9.524  -14.595 0.50 63.09  ? 107  GLU A CD    1 
ATOM   975  O  OE1   A GLU A 1 107 ? 7.399   -4.104  -15.995 0.50 54.87  ? 107  GLU A OE1   1 
ATOM   976  O  OE1   B GLU A 1 107 ? 6.894   -9.844  -13.526 0.50 60.55  ? 107  GLU A OE1   1 
ATOM   977  O  OE2   A GLU A 1 107 ? 5.637   -4.614  -14.793 0.50 58.60  ? 107  GLU A OE2   1 
ATOM   978  O  OE2   B GLU A 1 107 ? 8.669   -9.701  -14.795 0.50 63.01  ? 107  GLU A OE2   1 
ATOM   979  N  N     . PHE A 1 108 ? 2.714   -6.527  -14.960 1.00 68.84  ? 108  PHE A N     1 
ATOM   980  C  CA    . PHE A 1 108 ? 1.334   -6.677  -15.449 1.00 67.60  ? 108  PHE A CA    1 
ATOM   981  C  C     . PHE A 1 108 ? 0.796   -5.706  -16.511 1.00 74.72  ? 108  PHE A C     1 
ATOM   982  O  O     . PHE A 1 108 ? -0.372  -5.808  -16.878 1.00 79.86  ? 108  PHE A O     1 
ATOM   983  C  CB    . PHE A 1 108 ? 0.390   -6.605  -14.247 1.00 65.35  ? 108  PHE A CB    1 
ATOM   984  C  CG    . PHE A 1 108 ? 0.542   -7.742  -13.292 1.00 64.67  ? 108  PHE A CG    1 
ATOM   985  C  CD1   . PHE A 1 108 ? 0.231   -9.033  -13.687 1.00 66.28  ? 108  PHE A CD1   1 
ATOM   986  C  CD2   . PHE A 1 108 ? 0.973   -7.525  -11.995 1.00 64.64  ? 108  PHE A CD2   1 
ATOM   987  C  CE1   . PHE A 1 108 ? 0.360   -10.097 -12.808 1.00 67.96  ? 108  PHE A CE1   1 
ATOM   988  C  CE2   . PHE A 1 108 ? 1.105   -8.580  -11.110 1.00 67.41  ? 108  PHE A CE2   1 
ATOM   989  C  CZ    . PHE A 1 108 ? 0.799   -9.869  -11.515 1.00 66.31  ? 108  PHE A CZ    1 
ATOM   990  N  N     . ILE A 1 109 ? 1.600   -4.773  -17.013 1.00 85.68  ? 109  ILE A N     1 
ATOM   991  C  CA    . ILE A 1 109 ? 1.122   -3.841  -18.052 1.00 91.16  ? 109  ILE A CA    1 
ATOM   992  C  C     . ILE A 1 109 ? 0.143   -2.843  -17.424 1.00 85.62  ? 109  ILE A C     1 
ATOM   993  O  O     . ILE A 1 109 ? 0.360   -2.353  -16.313 1.00 76.94  ? 109  ILE A O     1 
ATOM   994  C  CB    . ILE A 1 109 ? 0.453   -4.582  -19.261 1.00 97.37  ? 109  ILE A CB    1 
ATOM   995  C  CG1   . ILE A 1 109 ? 1.399   -5.649  -19.859 1.00 102.52 ? 109  ILE A CG1   1 
ATOM   996  C  CG2   . ILE A 1 109 ? -0.001  -3.605  -20.346 1.00 98.13  ? 109  ILE A CG2   1 
ATOM   997  C  CD1   . ILE A 1 109 ? 2.629   -5.108  -20.574 1.00 99.62  ? 109  ILE A CD1   1 
HETATM 998  N  N1    A FMN B 2 .   ? 2.929   2.335   -1.402  0.75 26.98  ? 1001 FMN A N1    1 
HETATM 999  C  C2    A FMN B 2 .   ? 3.773   1.430   -1.934  0.75 28.24  ? 1001 FMN A C2    1 
HETATM 1000 O  O2    A FMN B 2 .   ? 4.754   1.902   -2.535  0.75 29.31  ? 1001 FMN A O2    1 
HETATM 1001 N  N3    A FMN B 2 .   ? 3.586   0.090   -1.817  0.75 28.19  ? 1001 FMN A N3    1 
HETATM 1002 C  C4    A FMN B 2 .   ? 2.506   -0.424  -1.172  0.75 29.29  ? 1001 FMN A C4    1 
HETATM 1003 O  O4    A FMN B 2 .   ? 2.290   -1.658  -1.066  0.75 29.61  ? 1001 FMN A O4    1 
HETATM 1004 C  C4A   A FMN B 2 .   ? 1.546   0.525   -0.574  0.75 28.05  ? 1001 FMN A C4A   1 
HETATM 1005 N  N5    A FMN B 2 .   ? 0.457   0.109   0.087   0.75 29.35  ? 1001 FMN A N5    1 
HETATM 1006 C  C5A   A FMN B 2 .   ? -0.429  0.982   0.628   0.75 27.75  ? 1001 FMN A C5A   1 
HETATM 1007 C  C6    A FMN B 2 .   ? -1.549  0.482   1.282   0.75 26.28  ? 1001 FMN A C6    1 
HETATM 1008 C  C7    A FMN B 2 .   ? -2.474  1.345   1.842   0.75 26.11  ? 1001 FMN A C7    1 
HETATM 1009 C  C7M   A FMN B 2 .   ? -3.680  0.785   2.557   0.75 26.49  ? 1001 FMN A C7M   1 
HETATM 1010 C  C8    A FMN B 2 .   ? -2.263  2.813   1.732   0.75 26.76  ? 1001 FMN A C8    1 
HETATM 1011 C  C8M   A FMN B 2 .   ? -3.268  3.782   2.312   0.75 29.16  ? 1001 FMN A C8M   1 
HETATM 1012 C  C9    A FMN B 2 .   ? -1.156  3.318   1.061   0.75 26.22  ? 1001 FMN A C9    1 
HETATM 1013 C  C9A   A FMN B 2 .   ? -0.212  2.456   0.495   0.75 28.14  ? 1001 FMN A C9A   1 
HETATM 1014 N  N10   A FMN B 2 .   ? 0.958   2.914   -0.200  0.75 28.07  ? 1001 FMN A N10   1 
HETATM 1015 C  C10   A FMN B 2 .   ? 1.824   1.959   -0.741  0.75 26.64  ? 1001 FMN A C10   1 
HETATM 1016 C  "C1'" A FMN B 2 .   ? 1.265   4.331   -0.475  0.75 26.91  ? 1001 FMN A "C1'" 1 
HETATM 1017 C  "C2'" A FMN B 2 .   ? 1.972   5.127   0.576   0.75 27.31  ? 1001 FMN A "C2'" 1 
HETATM 1018 O  "O2'" A FMN B 2 .   ? 1.473   4.750   1.837   0.75 26.62  ? 1001 FMN A "O2'" 1 
HETATM 1019 C  "C3'" A FMN B 2 .   ? 1.701   6.611   0.375   0.75 27.47  ? 1001 FMN A "C3'" 1 
HETATM 1020 O  "O3'" A FMN B 2 .   ? 0.297   6.821   0.446   0.75 25.73  ? 1001 FMN A "O3'" 1 
HETATM 1021 C  "C4'" A FMN B 2 .   ? 2.225   7.127   -0.976  0.75 27.88  ? 1001 FMN A "C4'" 1 
HETATM 1022 O  "O4'" A FMN B 2 .   ? 3.649   6.944   -0.997  0.75 29.47  ? 1001 FMN A "O4'" 1 
HETATM 1023 C  "C5'" A FMN B 2 .   ? 1.852   8.599   -1.211  0.75 28.62  ? 1001 FMN A "C5'" 1 
HETATM 1024 O  "O5'" A FMN B 2 .   ? 2.066   9.427   -0.044  0.75 26.89  ? 1001 FMN A "O5'" 1 
HETATM 1025 P  P     A FMN B 2 .   ? 3.502   10.126  0.177   0.75 29.91  ? 1001 FMN A P     1 
HETATM 1026 O  O1P   A FMN B 2 .   ? 3.313   10.961  1.432   0.75 27.15  ? 1001 FMN A O1P   1 
HETATM 1027 O  O2P   A FMN B 2 .   ? 4.551   9.038   0.274   0.75 24.63  ? 1001 FMN A O2P   1 
HETATM 1028 O  O3P   A FMN B 2 .   ? 3.705   10.972  -1.052  0.75 27.62  ? 1001 FMN A O3P   1 
HETATM 1029 MG MG    A MG  C 3 .   ? 8.143   10.033  -0.787  0.75 37.39  ? 1002 MG  A MG    1 
HETATM 1030 CL CL    . CL  D 4 .   ? -0.789  7.355   3.035   0.75 30.81  ? 1003 CL  A CL    1 
HETATM 1031 N  N1    B LUM E 5 .   ? 2.946   2.357   -1.201  0.25 23.91  ? 1004 LUM A N1    1 
HETATM 1032 C  C2    B LUM E 5 .   ? 3.765   1.479   -1.804  0.25 24.28  ? 1004 LUM A C2    1 
HETATM 1033 C  C10   B LUM E 5 .   ? 1.831   1.958   -0.593  0.25 23.83  ? 1004 LUM A C10   1 
HETATM 1034 O  O2    B LUM E 5 .   ? 4.786   1.933   -2.356  0.25 24.66  ? 1004 LUM A O2    1 
HETATM 1035 N  N3    B LUM E 5 .   ? 3.539   0.148   -1.837  0.25 24.22  ? 1004 LUM A N3    1 
HETATM 1036 C  C4    B LUM E 5 .   ? 2.452   -0.393  -1.268  0.25 24.49  ? 1004 LUM A C4    1 
HETATM 1037 O  O4    B LUM E 5 .   ? 2.228   -1.625  -1.302  0.25 24.28  ? 1004 LUM A O4    1 
HETATM 1038 C  C4A   B LUM E 5 .   ? 1.510   0.518   -0.587  0.25 24.23  ? 1004 LUM A C4A   1 
HETATM 1039 N  N5    B LUM E 5 .   ? 0.400   0.063   0.012   0.25 24.64  ? 1004 LUM A N5    1 
HETATM 1040 C  C5A   B LUM E 5 .   ? -0.430  0.935   0.618   0.25 24.18  ? 1004 LUM A C5A   1 
HETATM 1041 C  C6    B LUM E 5 .   ? -1.579  0.465   1.229   0.25 23.73  ? 1004 LUM A C6    1 
HETATM 1042 C  C9A   B LUM E 5 .   ? -0.116  2.391   0.620   0.25 24.28  ? 1004 LUM A C9A   1 
HETATM 1043 C  C7    B LUM E 5 .   ? -2.439  1.353   1.852   0.25 23.67  ? 1004 LUM A C7    1 
HETATM 1044 C  C7M   B LUM E 5 .   ? -3.685  0.844   2.521   0.25 23.79  ? 1004 LUM A C7M   1 
HETATM 1045 C  C8    B LUM E 5 .   ? -2.130  2.804   1.860   0.25 23.81  ? 1004 LUM A C8    1 
HETATM 1046 C  C8M   B LUM E 5 .   ? -3.081  3.757   2.532   0.25 24.63  ? 1004 LUM A C8M   1 
HETATM 1047 C  C9    B LUM E 5 .   ? -0.984  3.280   1.241   0.25 23.67  ? 1004 LUM A C9    1 
HETATM 1048 N  N10   B LUM E 5 .   ? 1.007   2.838   0.009   0.25 24.40  ? 1004 LUM A N10   1 
HETATM 1049 O  O     . HOH F 6 .   ? 3.387   -4.761  -11.265 1.00 60.24  ? 1101 HOH A O     1 
HETATM 1050 O  O     . HOH F 6 .   ? 11.493  -12.326 -1.587  1.00 50.63  ? 1102 HOH A O     1 
HETATM 1051 O  O     . HOH F 6 .   ? -13.237 1.040   -6.297  1.00 52.55  ? 1103 HOH A O     1 
HETATM 1052 O  O     A HOH F 6 .   ? 8.479   9.847   -2.821  0.75 32.48  ? 1104 HOH A O     1 
HETATM 1053 O  O     . HOH F 6 .   ? -14.717 7.333   0.116   1.00 44.66  ? 1105 HOH A O     1 
HETATM 1054 O  O     . HOH F 6 .   ? 4.814   8.136   9.341   1.00 49.09  ? 1106 HOH A O     1 
HETATM 1055 O  O     . HOH F 6 .   ? 8.648   -10.963 -5.579  1.00 53.11  ? 1107 HOH A O     1 
HETATM 1056 O  O     . HOH F 6 .   ? -8.101  12.386  -7.111  1.00 41.12  ? 1108 HOH A O     1 
HETATM 1057 O  O     . HOH F 6 .   ? -9.704  0.794   -9.314  1.00 44.71  ? 1109 HOH A O     1 
HETATM 1058 O  O     . HOH F 6 .   ? 1.068   11.464  2.340   1.00 53.41  ? 1110 HOH A O     1 
HETATM 1059 O  O     . HOH F 6 .   ? -0.776  -16.333 -5.634  1.00 57.90  ? 1111 HOH A O     1 
HETATM 1060 O  O     . HOH F 6 .   ? -11.140 8.739   8.780   1.00 67.75  ? 1112 HOH A O     1 
HETATM 1061 O  O     . HOH F 6 .   ? 17.465  2.210   -13.091 1.00 56.95  ? 1113 HOH A O     1 
HETATM 1062 O  O     A HOH F 6 .   ? 6.318   11.445  -1.308  0.75 26.68  ? 1114 HOH A O     1 
HETATM 1063 O  O     . HOH F 6 .   ? 6.227   11.707  -5.238  1.00 52.69  ? 1115 HOH A O     1 
HETATM 1064 O  O     A HOH F 6 .   ? 6.746   8.502   -0.864  0.75 24.05  ? 1116 HOH A O     1 
HETATM 1065 O  O     . HOH F 6 .   ? -1.238  -16.449 10.503  1.00 54.67  ? 1117 HOH A O     1 
HETATM 1066 O  O     . HOH F 6 .   ? 12.091  2.245   3.157   1.00 49.62  ? 1118 HOH A O     1 
HETATM 1067 O  O     . HOH F 6 .   ? 0.983   7.230   13.353  1.00 33.85  ? 1119 HOH A O     1 
HETATM 1068 O  O     . HOH F 6 .   ? 13.368  -11.319 5.989   1.00 38.89  ? 1120 HOH A O     1 
HETATM 1069 O  O     . HOH F 6 .   ? -4.289  9.975   7.832   1.00 54.84  ? 1121 HOH A O     1 
HETATM 1070 O  O     A HOH F 6 .   ? -8.175  -2.331  -4.968  0.50 23.84  ? 1122 HOH A O     1 
HETATM 1071 O  O     B HOH F 6 .   ? -8.312  -3.716  -6.470  0.50 36.22  ? 1122 HOH A O     1 
HETATM 1072 O  O     . HOH F 6 .   ? 11.072  -8.471  13.785  1.00 53.89  ? 1123 HOH A O     1 
HETATM 1073 O  O     . HOH F 6 .   ? 8.847   -10.874 -3.087  1.00 47.98  ? 1124 HOH A O     1 
HETATM 1074 O  O     . HOH F 6 .   ? 8.186   -12.126 6.889   1.00 39.74  ? 1125 HOH A O     1 
HETATM 1075 O  O     . HOH F 6 .   ? 17.379  0.850   -7.005  1.00 49.98  ? 1126 HOH A O     1 
HETATM 1076 O  O     . HOH F 6 .   ? 7.619   -8.217  -9.740  1.00 40.25  ? 1127 HOH A O     1 
HETATM 1077 O  O     . HOH F 6 .   ? 14.121  -1.279  -11.593 1.00 65.67  ? 1128 HOH A O     1 
HETATM 1078 O  O     . HOH F 6 .   ? -7.848  11.587  2.896   1.00 40.46  ? 1129 HOH A O     1 
HETATM 1079 O  O     . HOH F 6 .   ? 9.440   -13.867 2.153   1.00 40.87  ? 1130 HOH A O     1 
HETATM 1080 O  O     . HOH F 6 .   ? -9.029  -1.466  -10.770 1.00 49.98  ? 1131 HOH A O     1 
HETATM 1081 O  O     . HOH F 6 .   ? -8.088  11.325  9.178   1.00 44.49  ? 1132 HOH A O     1 
HETATM 1082 O  O     . HOH F 6 .   ? 11.452  -2.110  1.360   1.00 31.70  ? 1133 HOH A O     1 
HETATM 1083 O  O     . HOH F 6 .   ? 4.995   3.415   -11.459 1.00 26.31  ? 1134 HOH A O     1 
HETATM 1084 O  O     . HOH F 6 .   ? -0.221  9.844   5.098   1.00 29.59  ? 1135 HOH A O     1 
HETATM 1085 O  O     . HOH F 6 .   ? 1.450   12.256  -11.118 1.00 51.94  ? 1136 HOH A O     1 
HETATM 1086 O  O     . HOH F 6 .   ? -2.438  -10.329 -3.157  1.00 33.30  ? 1137 HOH A O     1 
HETATM 1087 O  O     . HOH F 6 .   ? 5.548   8.029   -15.399 1.00 52.91  ? 1138 HOH A O     1 
HETATM 1088 O  O     . HOH F 6 .   ? 8.998   7.285   -3.516  1.00 36.45  ? 1139 HOH A O     1 
HETATM 1089 O  O     . HOH F 6 .   ? 5.694   -2.289  14.764  1.00 39.39  ? 1140 HOH A O     1 
HETATM 1090 O  O     . HOH F 6 .   ? -12.381 13.247  -6.523  1.00 51.32  ? 1141 HOH A O     1 
HETATM 1091 O  O     . HOH F 6 .   ? -13.386 12.650  -3.778  1.00 42.96  ? 1142 HOH A O     1 
HETATM 1092 O  O     . HOH F 6 .   ? 4.139   -4.653  -17.767 1.00 62.41  ? 1143 HOH A O     1 
HETATM 1093 O  O     . HOH F 6 .   ? -7.675  4.904   -2.057  1.00 45.36  ? 1144 HOH A O     1 
HETATM 1094 O  O     . HOH F 6 .   ? -3.603  -5.599  -6.577  1.00 30.52  ? 1145 HOH A O     1 
HETATM 1095 O  O     . HOH F 6 .   ? 10.419  -9.512  -7.812  1.00 53.34  ? 1146 HOH A O     1 
HETATM 1096 O  O     . HOH F 6 .   ? -2.619  12.059  0.509   1.00 44.82  ? 1147 HOH A O     1 
HETATM 1097 O  O     . HOH F 6 .   ? -1.935  16.993  -6.587  1.00 49.95  ? 1148 HOH A O     1 
HETATM 1098 O  O     A HOH F 6 .   ? 1.471   -11.652 -6.119  0.80 45.13  ? 1149 HOH A O     1 
HETATM 1099 O  O     . HOH F 6 .   ? -4.766  10.150  -8.471  1.00 32.34  ? 1150 HOH A O     1 
HETATM 1100 O  O     . HOH F 6 .   ? 12.704  7.948   -8.525  1.00 41.01  ? 1151 HOH A O     1 
HETATM 1101 O  O     . HOH F 6 .   ? 0.193   -17.335 3.733   1.00 52.09  ? 1152 HOH A O     1 
HETATM 1102 O  O     . HOH F 6 .   ? -17.240 12.163  9.004   1.00 52.80  ? 1153 HOH A O     1 
HETATM 1103 O  O     . HOH F 6 .   ? -2.506  -13.536 3.729   1.00 33.93  ? 1154 HOH A O     1 
HETATM 1104 O  O     . HOH F 6 .   ? -14.715 9.529   -2.519  1.00 45.46  ? 1155 HOH A O     1 
HETATM 1105 O  O     . HOH F 6 .   ? 15.425  -12.346 -0.324  1.00 51.58  ? 1156 HOH A O     1 
HETATM 1106 O  O     . HOH F 6 .   ? 5.690   12.037  2.307   1.00 47.24  ? 1157 HOH A O     1 
HETATM 1107 O  O     . HOH F 6 .   ? 3.365   -12.681 -11.257 1.00 53.03  ? 1158 HOH A O     1 
HETATM 1108 O  O     . HOH F 6 .   ? 0.111   4.045   4.643   1.00 23.38  ? 1159 HOH A O     1 
HETATM 1109 O  O     . HOH F 6 .   ? -11.020 -6.075  -5.978  1.00 50.02  ? 1160 HOH A O     1 
HETATM 1110 O  O     . HOH F 6 .   ? 9.586   6.022   0.932   1.00 37.97  ? 1161 HOH A O     1 
HETATM 1111 O  O     . HOH F 6 .   ? -6.807  -17.317 3.433   1.00 59.36  ? 1162 HOH A O     1 
HETATM 1112 O  O     . HOH F 6 .   ? 14.937  -10.429 4.005   1.00 51.35  ? 1163 HOH A O     1 
HETATM 1113 O  O     . HOH F 6 .   ? 0.458   2.809   -12.596 1.00 44.45  ? 1164 HOH A O     1 
HETATM 1114 O  O     . HOH F 6 .   ? 8.223   10.622  -13.063 1.00 47.95  ? 1165 HOH A O     1 
HETATM 1115 O  O     . HOH F 6 .   ? 12.583  0.365   0.579   1.00 43.91  ? 1166 HOH A O     1 
HETATM 1116 O  O     . HOH F 6 .   ? -0.417  9.934   1.188   1.00 45.19  ? 1167 HOH A O     1 
HETATM 1117 O  O     . HOH F 6 .   ? 5.287   11.716  7.288   1.00 50.25  ? 1168 HOH A O     1 
HETATM 1118 O  O     . HOH F 6 .   ? -1.278  -7.765  11.155  1.00 24.83  ? 1169 HOH A O     1 
HETATM 1119 O  O     . HOH F 6 .   ? -4.711  -16.245 0.946   1.00 60.25  ? 1170 HOH A O     1 
HETATM 1120 O  O     . HOH F 6 .   ? -6.123  1.701   14.800  1.00 41.12  ? 1171 HOH A O     1 
HETATM 1121 O  O     . HOH F 6 .   ? -7.252  3.340   -10.889 1.00 30.12  ? 1172 HOH A O     1 
HETATM 1122 O  O     . HOH F 6 .   ? -10.527 4.309   12.006  1.00 36.82  ? 1173 HOH A O     1 
HETATM 1123 O  O     . HOH F 6 .   ? 6.862   -9.383  14.729  1.00 46.15  ? 1174 HOH A O     1 
HETATM 1124 O  O     . HOH F 6 .   ? 11.031  5.024   -12.363 1.00 41.34  ? 1175 HOH A O     1 
HETATM 1125 O  O     . HOH F 6 .   ? -4.368  12.406  -9.510  1.00 47.21  ? 1176 HOH A O     1 
HETATM 1126 O  O     . HOH F 6 .   ? -2.901  -13.021 7.535   1.00 26.81  ? 1177 HOH A O     1 
HETATM 1127 O  O     . HOH F 6 .   ? 1.796   -16.503 1.252   1.00 61.99  ? 1178 HOH A O     1 
HETATM 1128 O  O     . HOH F 6 .   ? 10.557  9.545   -10.439 1.00 43.01  ? 1179 HOH A O     1 
HETATM 1129 O  O     . HOH F 6 .   ? -8.417  7.420   -8.429  1.00 45.23  ? 1180 HOH A O     1 
HETATM 1130 O  O     . HOH F 6 .   ? 4.321   15.472  -1.212  1.00 65.54  ? 1181 HOH A O     1 
HETATM 1131 O  O     . HOH F 6 .   ? 15.454  1.286   -14.943 1.00 45.59  ? 1182 HOH A O     1 
HETATM 1132 O  O     . HOH F 6 .   ? 16.996  -7.043  10.375  1.00 53.40  ? 1183 HOH A O     1 
HETATM 1133 O  O     . HOH F 6 .   ? 17.280  -0.415  -13.191 1.00 31.45  ? 1184 HOH A O     1 
HETATM 1134 O  O     . HOH F 6 .   ? 12.702  9.067   -5.710  1.00 38.94  ? 1185 HOH A O     1 
HETATM 1135 O  O     . HOH F 6 .   ? -2.462  -6.437  13.418  1.00 44.77  ? 1186 HOH A O     1 
HETATM 1136 O  O     . HOH F 6 .   ? 7.592   2.757   -10.218 1.00 29.52  ? 1187 HOH A O     1 
HETATM 1137 O  O     . HOH F 6 .   ? 6.143   -11.779 11.517  1.00 37.13  ? 1188 HOH A O     1 
HETATM 1138 O  O     . HOH F 6 .   ? 7.428   -16.084 -1.304  1.00 53.03  ? 1189 HOH A O     1 
HETATM 1139 O  O     . HOH F 6 .   ? -8.087  -2.726  -2.118  1.00 40.51  ? 1190 HOH A O     1 
HETATM 1140 O  O     . HOH F 6 .   ? -16.903 1.555   2.154   1.00 52.60  ? 1191 HOH A O     1 
HETATM 1141 O  O     . HOH F 6 .   ? 4.090   -15.107 6.171   1.00 40.84  ? 1192 HOH A O     1 
HETATM 1142 O  O     A HOH F 6 .   ? 2.628   13.888  1.738   0.50 52.82  ? 1193 HOH A O     1 
HETATM 1143 O  O     . HOH F 6 .   ? -13.782 5.747   -5.268  1.00 54.08  ? 1194 HOH A O     1 
HETATM 1144 O  O     . HOH F 6 .   ? 16.342  -6.933  -7.679  1.00 45.09  ? 1195 HOH A O     1 
HETATM 1145 O  O     . HOH F 6 .   ? -7.882  14.672  2.767   1.00 49.89  ? 1196 HOH A O     1 
HETATM 1146 O  O     . HOH F 6 .   ? 12.960  -1.187  7.977   1.00 45.97  ? 1197 HOH A O     1 
HETATM 1147 O  O     . HOH F 6 .   ? 1.147   5.419   -12.914 1.00 52.56  ? 1198 HOH A O     1 
HETATM 1148 O  O     . HOH F 6 .   ? -23.150 6.339   4.695   1.00 67.03  ? 1199 HOH A O     1 
HETATM 1149 O  O     . HOH F 6 .   ? -6.324  -7.042  -6.522  1.00 42.82  ? 1200 HOH A O     1 
HETATM 1150 O  O     . HOH F 6 .   ? -5.602  -4.331  14.013  1.00 42.97  ? 1201 HOH A O     1 
HETATM 1151 O  O     . HOH F 6 .   ? -12.200 15.074  -3.458  1.00 45.28  ? 1202 HOH A O     1 
HETATM 1152 O  O     . HOH F 6 .   ? 3.002   -12.889 14.255  1.00 49.83  ? 1203 HOH A O     1 
HETATM 1153 O  O     . HOH F 6 .   ? 15.407  -2.396  1.107   1.00 47.49  ? 1204 HOH A O     1 
HETATM 1154 O  O     . HOH F 6 .   ? 14.063  -8.034  12.548  1.00 43.94  ? 1205 HOH A O     1 
HETATM 1155 O  O     . HOH F 6 .   ? -10.548 12.971  -8.206  1.00 46.43  ? 1206 HOH A O     1 
HETATM 1156 O  O     . HOH F 6 .   ? 6.713   11.731  4.998   1.00 37.56  ? 1207 HOH A O     1 
HETATM 1157 O  O     . HOH F 6 .   ? -7.486  10.070  -7.578  1.00 39.27  ? 1208 HOH A O     1 
HETATM 1158 O  O     . HOH F 6 .   ? -1.944  19.019  -4.847  1.00 46.37  ? 1209 HOH A O     1 
HETATM 1159 O  O     . HOH F 6 .   ? -16.596 9.328   -1.235  1.00 52.09  ? 1210 HOH A O     1 
HETATM 1160 O  O     . HOH F 6 .   ? 10.641  -12.159 8.680   1.00 48.50  ? 1211 HOH A O     1 
HETATM 1161 O  O     A HOH F 6 .   ? 7.901   10.698  1.091   0.75 36.94  ? 1212 HOH A O     1 
HETATM 1162 O  O     . HOH F 6 .   ? -17.780 10.894  0.602   1.00 48.92  ? 1213 HOH A O     1 
HETATM 1163 O  O     . HOH F 6 .   ? 0.054   1.560   -15.437 1.00 51.11  ? 1214 HOH A O     1 
HETATM 1164 O  O     . HOH F 6 .   ? 10.135  -13.490 -5.809  1.00 46.35  ? 1215 HOH A O     1 
HETATM 1165 O  O     A HOH F 6 .   ? 9.362   8.675   0.142   0.75 31.26  ? 1216 HOH A O     1 
HETATM 1166 O  O     . HOH F 6 .   ? -6.972  14.078  -9.166  1.00 55.45  ? 1217 HOH A O     1 
HETATM 1167 O  O     . HOH F 6 .   ? 0.115   14.820  1.663   1.00 55.83  ? 1218 HOH A O     1 
HETATM 1168 O  O     . HOH F 6 .   ? -6.410  10.452  4.857   1.00 52.69  ? 1219 HOH A O     1 
HETATM 1169 O  O     . HOH F 6 .   ? -4.456  1.558   16.204  1.00 55.75  ? 1220 HOH A O     1 
HETATM 1170 O  O     . HOH F 6 .   ? -5.026  8.902   -10.819 1.00 43.21  ? 1221 HOH A O     1 
HETATM 1171 O  O     . HOH F 6 .   ? -5.142  -0.958  -14.145 1.00 44.02  ? 1222 HOH A O     1 
HETATM 1172 O  O     . HOH F 6 .   ? 18.592  -6.194  7.208   1.00 53.68  ? 1223 HOH A O     1 
HETATM 1173 O  O     . HOH F 6 .   ? -5.265  -10.672 -4.245  1.00 60.35  ? 1224 HOH A O     1 
HETATM 1174 O  O     . HOH F 6 .   ? 5.879   5.034   -20.065 1.00 62.97  ? 1225 HOH A O     1 
HETATM 1175 O  O     . HOH F 6 .   ? -1.508  5.312   19.042  1.00 52.05  ? 1226 HOH A O     1 
# 
